data_8QD4
#
_entry.id   8QD4
#
_cell.length_a   85.640
_cell.length_b   107.550
_cell.length_c   92.540
_cell.angle_alpha   90.00
_cell.angle_beta   90.01
_cell.angle_gamma   90.00
#
_symmetry.space_group_name_H-M   'P 1 21 1'
#
loop_
_entity.id
_entity.type
_entity.pdbx_description
1 polymer 'Pigment biosynthesis protein yellowish-green 1'
2 non-polymer 'phenylmethanesulfonic acid'
3 water water
#
_entity_poly.entity_id   1
_entity_poly.type   'polypeptide(L)'
_entity_poly.pdbx_seq_one_letter_code
;MRGSHHHHHHENLYFQGSPRWILGDKFDTVFPHKGSLKVLWESRWKFACSKSVYPFHDGSIEDFEPIFNHLISKNINDAA
SDEYTQAFLPTASALEEKAAQALQAGKHEEASNLLCRAAVVYRISRFPYVDITKPNSIKRVAFERQKQAYLKATSLWTQP
IREVTVPHTYRTGNDGAHIPIYIRTPAGADQSNPVPIVLIMTGLDGYRPDNSQRTHEILARGWAAVVAEIPGTADCPADP
ADPASPDRLWDSVLSYLDQRPELNTAKMVVWGLSAGGYYAIRAAHTHRDRLLGAIAHGPGCHYYLDPEWLAKVNDHEYPF
EITAAWATKHGYKTVEEFVAGAQKKFSLVETGIVDQPSCRLLLLNGVDDGVVPIEDCLVLFEHGSPKEGRFYKGLPHMGY
PNSLPVSYEWLEQVLASPSKTKN
;
_entity_poly.pdbx_strand_id   A,B,C,D
#
loop_
_chem_comp.id
_chem_comp.type
_chem_comp.name
_chem_comp.formula
PMS non-polymer 'phenylmethanesulfonic acid' 'C7 H8 O3 S'
#
# COMPACT_ATOMS: atom_id res chain seq x y z
N ARG A 20 -18.87 11.90 1.22
CA ARG A 20 -18.17 11.04 2.23
C ARG A 20 -17.14 10.13 1.52
N TRP A 21 -17.49 9.63 0.33
CA TRP A 21 -16.64 8.70 -0.45
C TRP A 21 -15.62 9.45 -1.31
N ILE A 22 -14.51 8.77 -1.64
CA ILE A 22 -13.38 9.24 -2.50
C ILE A 22 -13.85 9.44 -3.93
N LEU A 23 -14.87 8.67 -4.35
CA LEU A 23 -15.54 8.76 -5.68
C LEU A 23 -16.08 10.19 -5.87
N GLY A 24 -16.58 10.81 -4.79
CA GLY A 24 -17.00 12.23 -4.76
C GLY A 24 -18.26 12.54 -5.53
N ASP A 25 -18.14 13.48 -6.47
CA ASP A 25 -19.29 13.97 -7.26
C ASP A 25 -19.92 12.81 -8.04
N LYS A 26 -19.10 11.86 -8.48
CA LYS A 26 -19.56 10.72 -9.32
C LYS A 26 -20.51 9.81 -8.52
N PHE A 27 -20.41 9.78 -7.18
CA PHE A 27 -21.23 8.93 -6.29
C PHE A 27 -22.72 9.24 -6.48
N ASP A 28 -23.08 10.53 -6.51
CA ASP A 28 -24.48 11.02 -6.56
C ASP A 28 -24.99 11.07 -8.02
N THR A 29 -24.24 10.49 -8.95
CA THR A 29 -24.52 10.49 -10.41
C THR A 29 -25.25 9.21 -10.82
N VAL A 30 -26.33 9.35 -11.61
CA VAL A 30 -26.96 8.23 -12.36
C VAL A 30 -26.26 8.16 -13.72
N PHE A 31 -25.44 7.13 -13.95
CA PHE A 31 -24.68 6.93 -15.20
C PHE A 31 -25.67 6.74 -16.34
N PRO A 32 -25.38 7.23 -17.57
CA PRO A 32 -26.37 7.31 -18.63
C PRO A 32 -26.84 5.96 -19.19
N HIS A 33 -26.14 4.86 -18.87
CA HIS A 33 -26.46 3.49 -19.36
C HIS A 33 -27.45 2.78 -18.43
N LYS A 34 -27.67 3.29 -17.21
CA LYS A 34 -28.61 2.66 -16.24
C LYS A 34 -29.95 2.44 -16.94
N GLY A 35 -30.43 1.19 -16.96
CA GLY A 35 -31.74 0.79 -17.51
C GLY A 35 -31.87 1.06 -19.00
N SER A 36 -30.75 1.28 -19.71
CA SER A 36 -30.72 1.50 -21.18
C SER A 36 -29.63 0.62 -21.81
N LEU A 37 -30.03 -0.53 -22.38
CA LEU A 37 -29.11 -1.45 -23.11
C LEU A 37 -28.56 -0.73 -24.35
N LYS A 38 -29.34 0.20 -24.92
CA LYS A 38 -28.96 0.98 -26.12
C LYS A 38 -27.70 1.80 -25.83
N VAL A 39 -27.73 2.60 -24.77
CA VAL A 39 -26.59 3.48 -24.35
C VAL A 39 -25.41 2.60 -23.96
N LEU A 40 -25.66 1.53 -23.20
CA LEU A 40 -24.61 0.56 -22.76
C LEU A 40 -23.87 0.03 -23.99
N TRP A 41 -24.58 -0.32 -25.07
CA TRP A 41 -23.98 -0.86 -26.31
C TRP A 41 -23.25 0.26 -27.06
N GLU A 42 -23.93 1.37 -27.34
CA GLU A 42 -23.45 2.44 -28.26
C GLU A 42 -22.27 3.20 -27.64
N SER A 43 -22.19 3.27 -26.30
CA SER A 43 -21.20 4.12 -25.57
C SER A 43 -19.99 3.32 -25.09
N ARG A 44 -20.16 2.03 -24.74
N ARG A 44 -20.16 2.03 -24.78
CA ARG A 44 -19.10 1.20 -24.10
CA ARG A 44 -19.13 1.21 -24.07
C ARG A 44 -18.96 -0.15 -24.79
C ARG A 44 -18.95 -0.17 -24.73
N TRP A 45 -19.99 -1.02 -24.68
CA TRP A 45 -19.88 -2.46 -25.05
C TRP A 45 -19.53 -2.62 -26.55
N LYS A 46 -20.15 -1.86 -27.45
CA LYS A 46 -19.81 -1.89 -28.89
C LYS A 46 -18.27 -1.77 -29.03
N PHE A 47 -17.66 -0.85 -28.28
CA PHE A 47 -16.20 -0.56 -28.32
C PHE A 47 -15.42 -1.67 -27.61
N ALA A 48 -15.94 -2.16 -26.47
CA ALA A 48 -15.36 -3.29 -25.72
C ALA A 48 -15.32 -4.53 -26.63
N CYS A 49 -16.44 -4.80 -27.34
CA CYS A 49 -16.58 -5.93 -28.28
C CYS A 49 -15.62 -5.75 -29.46
N SER A 50 -15.64 -4.57 -30.10
CA SER A 50 -14.72 -4.17 -31.19
C SER A 50 -13.28 -4.50 -30.78
N LYS A 51 -12.83 -4.00 -29.62
CA LYS A 51 -11.43 -4.15 -29.12
C LYS A 51 -11.16 -5.58 -28.62
N SER A 52 -12.21 -6.41 -28.45
CA SER A 52 -12.13 -7.78 -27.89
C SER A 52 -11.54 -7.74 -26.48
N VAL A 53 -12.03 -6.83 -25.62
CA VAL A 53 -11.61 -6.72 -24.20
C VAL A 53 -12.82 -7.02 -23.31
N TYR A 54 -12.62 -7.04 -21.99
CA TYR A 54 -13.65 -7.45 -21.00
C TYR A 54 -14.92 -6.64 -21.23
N PRO A 55 -16.12 -7.27 -21.28
CA PRO A 55 -16.28 -8.72 -21.09
C PRO A 55 -16.33 -9.58 -22.37
N PHE A 56 -15.91 -8.99 -23.50
CA PHE A 56 -15.97 -9.62 -24.84
C PHE A 56 -14.64 -10.26 -25.22
N HIS A 57 -13.74 -10.42 -24.25
CA HIS A 57 -12.43 -11.04 -24.56
C HIS A 57 -12.67 -12.44 -25.17
N ASP A 58 -11.97 -12.73 -26.27
CA ASP A 58 -11.97 -13.93 -27.16
C ASP A 58 -13.10 -13.83 -28.20
N GLY A 59 -13.92 -12.78 -28.14
CA GLY A 59 -15.07 -12.63 -29.04
C GLY A 59 -14.81 -11.78 -30.26
N SER A 60 -15.77 -11.76 -31.19
CA SER A 60 -15.72 -10.93 -32.43
C SER A 60 -17.01 -10.10 -32.53
N ILE A 61 -16.90 -8.91 -33.10
CA ILE A 61 -18.00 -7.89 -33.22
C ILE A 61 -19.06 -8.36 -34.22
N GLU A 62 -18.65 -9.11 -35.26
CA GLU A 62 -19.53 -9.70 -36.30
C GLU A 62 -20.58 -10.61 -35.63
N ASP A 63 -20.20 -11.27 -34.52
CA ASP A 63 -21.07 -12.19 -33.76
C ASP A 63 -22.08 -11.36 -32.96
N PHE A 64 -21.66 -10.23 -32.37
CA PHE A 64 -22.48 -9.46 -31.39
C PHE A 64 -23.26 -8.32 -32.05
N GLU A 65 -22.79 -7.75 -33.17
CA GLU A 65 -23.42 -6.56 -33.81
C GLU A 65 -24.91 -6.83 -34.06
N PRO A 66 -25.28 -7.94 -34.74
CA PRO A 66 -26.68 -8.23 -35.03
C PRO A 66 -27.56 -8.48 -33.79
N ILE A 67 -27.02 -9.16 -32.76
CA ILE A 67 -27.75 -9.49 -31.51
C ILE A 67 -28.16 -8.18 -30.82
N PHE A 68 -27.24 -7.22 -30.71
CA PHE A 68 -27.47 -5.95 -29.97
C PHE A 68 -28.38 -5.03 -30.80
N ASN A 69 -28.28 -5.06 -32.13
CA ASN A 69 -29.21 -4.33 -33.03
C ASN A 69 -30.63 -4.86 -32.81
N HIS A 70 -30.79 -6.18 -32.65
CA HIS A 70 -32.08 -6.84 -32.35
C HIS A 70 -32.57 -6.42 -30.96
N LEU A 71 -31.71 -6.56 -29.94
CA LEU A 71 -32.04 -6.18 -28.54
C LEU A 71 -32.50 -4.72 -28.49
N ILE A 72 -31.85 -3.84 -29.27
CA ILE A 72 -32.14 -2.37 -29.34
C ILE A 72 -33.52 -2.16 -29.96
N SER A 73 -33.75 -2.74 -31.14
CA SER A 73 -35.03 -2.64 -31.90
C SER A 73 -36.22 -2.96 -31.01
N LYS A 74 -36.07 -3.95 -30.10
CA LYS A 74 -37.16 -4.49 -29.24
C LYS A 74 -37.14 -3.84 -27.85
N ASN A 75 -36.32 -2.79 -27.65
CA ASN A 75 -36.16 -2.05 -26.37
C ASN A 75 -36.06 -3.03 -25.19
N ILE A 76 -35.20 -4.03 -25.33
CA ILE A 76 -34.93 -5.02 -24.24
C ILE A 76 -33.80 -4.39 -23.41
N ASN A 77 -34.07 -4.09 -22.13
CA ASN A 77 -33.06 -3.41 -21.28
C ASN A 77 -32.67 -4.26 -20.07
N ASP A 78 -33.56 -5.15 -19.62
CA ASP A 78 -33.28 -5.96 -18.42
C ASP A 78 -32.56 -7.24 -18.86
N ALA A 79 -31.30 -7.38 -18.44
CA ALA A 79 -30.43 -8.52 -18.84
C ALA A 79 -30.85 -9.78 -18.08
N ALA A 80 -31.52 -9.64 -16.93
CA ALA A 80 -32.00 -10.76 -16.07
C ALA A 80 -33.15 -11.49 -16.78
N SER A 81 -33.76 -10.91 -17.82
CA SER A 81 -34.95 -11.43 -18.52
C SER A 81 -34.55 -12.50 -19.56
N ASP A 82 -35.43 -13.46 -19.80
CA ASP A 82 -35.23 -14.57 -20.77
C ASP A 82 -35.11 -14.00 -22.19
N GLU A 83 -35.88 -12.94 -22.51
CA GLU A 83 -35.91 -12.27 -23.83
C GLU A 83 -34.49 -11.78 -24.18
N TYR A 84 -33.73 -11.30 -23.19
CA TYR A 84 -32.32 -10.87 -23.36
C TYR A 84 -31.46 -12.09 -23.73
N THR A 85 -31.44 -13.10 -22.85
CA THR A 85 -30.58 -14.31 -22.95
C THR A 85 -30.85 -15.01 -24.29
N GLN A 86 -32.11 -15.21 -24.65
CA GLN A 86 -32.50 -16.08 -25.80
C GLN A 86 -32.11 -15.41 -27.13
N ALA A 87 -31.93 -14.09 -27.15
CA ALA A 87 -31.55 -13.30 -28.35
C ALA A 87 -30.15 -13.67 -28.84
N PHE A 88 -29.36 -14.43 -28.05
CA PHE A 88 -27.94 -14.76 -28.32
C PHE A 88 -27.78 -16.19 -28.85
N LEU A 89 -28.66 -17.12 -28.42
CA LEU A 89 -28.44 -18.59 -28.53
C LEU A 89 -28.46 -19.07 -29.99
N PRO A 90 -29.30 -18.51 -30.90
CA PRO A 90 -29.21 -18.84 -32.32
C PRO A 90 -27.81 -18.62 -32.92
N THR A 91 -27.14 -17.52 -32.54
CA THR A 91 -25.77 -17.16 -33.04
C THR A 91 -24.79 -18.26 -32.62
N ALA A 92 -24.79 -18.63 -31.33
CA ALA A 92 -23.89 -19.67 -30.75
C ALA A 92 -24.11 -21.00 -31.47
N SER A 93 -25.37 -21.38 -31.75
CA SER A 93 -25.72 -22.60 -32.53
C SER A 93 -25.03 -22.54 -33.90
N ALA A 94 -25.16 -21.41 -34.60
CA ALA A 94 -24.56 -21.15 -35.93
C ALA A 94 -23.03 -21.29 -35.86
N LEU A 95 -22.41 -20.76 -34.80
CA LEU A 95 -20.94 -20.81 -34.59
C LEU A 95 -20.49 -22.25 -34.35
N GLU A 96 -21.23 -23.03 -33.55
CA GLU A 96 -20.88 -24.43 -33.20
C GLU A 96 -20.89 -25.30 -34.47
N GLU A 97 -21.83 -25.04 -35.39
CA GLU A 97 -21.97 -25.81 -36.66
C GLU A 97 -20.81 -25.45 -37.59
N LYS A 98 -20.47 -24.17 -37.71
CA LYS A 98 -19.30 -23.68 -38.50
C LYS A 98 -18.02 -24.38 -38.00
N ALA A 99 -17.91 -24.62 -36.69
CA ALA A 99 -16.77 -25.29 -36.04
C ALA A 99 -16.70 -26.76 -36.48
N ALA A 100 -17.81 -27.48 -36.36
CA ALA A 100 -17.99 -28.87 -36.85
C ALA A 100 -17.61 -28.94 -38.34
N GLN A 101 -18.02 -27.94 -39.13
CA GLN A 101 -17.63 -27.82 -40.57
C GLN A 101 -16.11 -27.69 -40.66
N ALA A 102 -15.53 -26.71 -39.94
CA ALA A 102 -14.07 -26.44 -39.90
C ALA A 102 -13.31 -27.71 -39.51
N LEU A 103 -13.83 -28.47 -38.54
CA LEU A 103 -13.19 -29.69 -37.98
C LEU A 103 -13.27 -30.84 -38.99
N GLN A 104 -14.39 -30.94 -39.72
CA GLN A 104 -14.62 -31.96 -40.79
C GLN A 104 -13.52 -31.86 -41.84
N ALA A 105 -13.04 -30.64 -42.13
CA ALA A 105 -11.99 -30.33 -43.13
C ALA A 105 -10.60 -30.34 -42.48
N GLY A 106 -10.49 -30.82 -41.24
CA GLY A 106 -9.22 -30.96 -40.49
C GLY A 106 -8.61 -29.62 -40.11
N LYS A 107 -9.41 -28.55 -40.05
CA LYS A 107 -8.97 -27.17 -39.72
C LYS A 107 -9.19 -26.93 -38.22
N HIS A 108 -8.24 -27.37 -37.39
CA HIS A 108 -8.33 -27.39 -35.91
C HIS A 108 -8.32 -25.96 -35.35
N GLU A 109 -7.48 -25.08 -35.92
CA GLU A 109 -7.28 -23.67 -35.46
C GLU A 109 -8.58 -22.88 -35.67
N GLU A 110 -9.18 -22.97 -36.86
CA GLU A 110 -10.47 -22.30 -37.18
C GLU A 110 -11.56 -22.86 -36.26
N ALA A 111 -11.54 -24.18 -36.01
CA ALA A 111 -12.53 -24.92 -35.18
C ALA A 111 -12.48 -24.42 -33.73
N SER A 112 -11.27 -24.24 -33.18
CA SER A 112 -11.05 -23.67 -31.82
C SER A 112 -11.63 -22.24 -31.76
N ASN A 113 -11.20 -21.38 -32.68
CA ASN A 113 -11.53 -19.93 -32.70
C ASN A 113 -13.05 -19.73 -32.81
N LEU A 114 -13.74 -20.56 -33.59
CA LEU A 114 -15.22 -20.47 -33.76
C LEU A 114 -15.92 -20.90 -32.46
N LEU A 115 -15.43 -21.97 -31.82
CA LEU A 115 -15.99 -22.48 -30.54
C LEU A 115 -15.69 -21.50 -29.39
N CYS A 116 -14.55 -20.81 -29.44
CA CYS A 116 -14.18 -19.76 -28.45
C CYS A 116 -15.15 -18.57 -28.61
N ARG A 117 -15.42 -18.18 -29.86
CA ARG A 117 -16.38 -17.10 -30.20
C ARG A 117 -17.80 -17.51 -29.80
N ALA A 118 -18.15 -18.79 -29.95
CA ALA A 118 -19.45 -19.36 -29.50
C ALA A 118 -19.55 -19.16 -27.98
N ALA A 119 -18.51 -19.59 -27.26
CA ALA A 119 -18.38 -19.49 -25.78
C ALA A 119 -18.58 -18.05 -25.29
N VAL A 120 -18.16 -17.03 -26.07
CA VAL A 120 -18.32 -15.60 -25.66
C VAL A 120 -19.77 -15.19 -25.88
N VAL A 121 -20.44 -15.66 -26.93
CA VAL A 121 -21.89 -15.35 -27.15
C VAL A 121 -22.66 -15.84 -25.92
N TYR A 122 -22.39 -17.06 -25.47
CA TYR A 122 -23.01 -17.67 -24.26
C TYR A 122 -22.68 -16.83 -23.02
N ARG A 123 -21.42 -16.38 -22.91
CA ARG A 123 -20.93 -15.58 -21.75
C ARG A 123 -21.81 -14.34 -21.58
N ILE A 124 -21.96 -13.55 -22.65
CA ILE A 124 -22.71 -12.25 -22.67
C ILE A 124 -24.20 -12.52 -22.49
N SER A 125 -24.71 -13.62 -23.06
CA SER A 125 -26.14 -14.04 -22.94
C SER A 125 -26.50 -14.27 -21.46
N ARG A 126 -25.52 -14.74 -20.66
CA ARG A 126 -25.74 -15.06 -19.22
C ARG A 126 -25.22 -13.94 -18.30
N PHE A 127 -24.77 -12.82 -18.86
CA PHE A 127 -24.38 -11.65 -18.04
C PHE A 127 -25.65 -11.12 -17.36
N PRO A 128 -25.61 -10.59 -16.11
CA PRO A 128 -24.39 -10.54 -15.30
C PRO A 128 -24.23 -11.64 -14.23
N TYR A 129 -25.21 -12.52 -14.11
CA TYR A 129 -25.12 -13.54 -13.03
C TYR A 129 -26.00 -14.75 -13.37
N VAL A 130 -25.47 -15.94 -13.11
CA VAL A 130 -26.27 -17.19 -13.28
C VAL A 130 -26.86 -17.43 -11.90
N ASP A 131 -28.19 -17.44 -11.77
CA ASP A 131 -28.80 -17.62 -10.43
C ASP A 131 -28.58 -19.08 -10.02
N ILE A 132 -27.83 -19.26 -8.94
CA ILE A 132 -27.40 -20.59 -8.43
C ILE A 132 -28.61 -21.35 -7.86
N THR A 133 -29.70 -20.63 -7.61
CA THR A 133 -30.95 -21.24 -7.05
C THR A 133 -31.93 -21.56 -8.17
N LYS A 134 -31.61 -21.23 -9.42
CA LYS A 134 -32.54 -21.48 -10.55
C LYS A 134 -31.82 -22.33 -11.58
N PRO A 135 -31.67 -23.64 -11.34
CA PRO A 135 -30.98 -24.55 -12.26
C PRO A 135 -31.65 -24.72 -13.63
N ASN A 136 -32.95 -24.44 -13.73
CA ASN A 136 -33.70 -24.55 -15.01
C ASN A 136 -33.64 -23.23 -15.79
N SER A 137 -32.99 -22.19 -15.23
CA SER A 137 -32.93 -20.86 -15.90
C SER A 137 -32.17 -20.95 -17.23
N ILE A 138 -32.55 -20.08 -18.17
CA ILE A 138 -31.97 -20.08 -19.56
C ILE A 138 -30.50 -19.68 -19.49
N LYS A 139 -30.09 -18.88 -18.49
CA LYS A 139 -28.68 -18.44 -18.28
C LYS A 139 -27.83 -19.65 -17.87
N ARG A 140 -28.37 -20.52 -17.02
CA ARG A 140 -27.74 -21.80 -16.61
C ARG A 140 -27.53 -22.68 -17.86
N VAL A 141 -28.55 -22.83 -18.71
CA VAL A 141 -28.44 -23.62 -19.98
C VAL A 141 -27.31 -22.98 -20.83
N ALA A 142 -27.26 -21.65 -20.87
CA ALA A 142 -26.25 -20.87 -21.62
C ALA A 142 -24.84 -21.19 -21.11
N PHE A 143 -24.67 -21.23 -19.79
CA PHE A 143 -23.41 -21.53 -19.07
C PHE A 143 -22.97 -22.97 -19.33
N GLU A 144 -23.92 -23.92 -19.29
CA GLU A 144 -23.65 -25.36 -19.59
C GLU A 144 -23.16 -25.48 -21.05
N ARG A 145 -23.82 -24.80 -21.99
CA ARG A 145 -23.45 -24.80 -23.44
C ARG A 145 -22.07 -24.14 -23.60
N GLN A 146 -21.79 -23.10 -22.81
CA GLN A 146 -20.49 -22.38 -22.82
C GLN A 146 -19.36 -23.36 -22.47
N LYS A 147 -19.47 -24.03 -21.33
CA LYS A 147 -18.41 -24.93 -20.77
C LYS A 147 -18.10 -26.06 -21.74
N GLN A 148 -19.17 -26.64 -22.34
CA GLN A 148 -19.13 -27.68 -23.40
C GLN A 148 -18.36 -27.15 -24.60
N ALA A 149 -18.76 -25.96 -25.08
CA ALA A 149 -18.18 -25.25 -26.24
C ALA A 149 -16.70 -24.95 -26.01
N TYR A 150 -16.35 -24.49 -24.81
CA TYR A 150 -15.01 -23.97 -24.43
C TYR A 150 -14.03 -25.14 -24.29
N LEU A 151 -14.42 -26.17 -23.56
CA LEU A 151 -13.59 -27.38 -23.28
C LEU A 151 -13.25 -28.06 -24.62
N LYS A 152 -14.18 -28.13 -25.56
CA LYS A 152 -13.92 -28.66 -26.93
C LYS A 152 -12.91 -27.75 -27.63
N ALA A 153 -13.12 -26.43 -27.57
CA ALA A 153 -12.21 -25.41 -28.15
C ALA A 153 -10.79 -25.59 -27.58
N THR A 154 -10.68 -25.80 -26.27
CA THR A 154 -9.38 -25.85 -25.54
C THR A 154 -8.83 -27.28 -25.51
N SER A 155 -9.56 -28.26 -26.04
CA SER A 155 -9.08 -29.67 -26.22
C SER A 155 -8.10 -29.72 -27.39
N LEU A 156 -8.22 -28.77 -28.33
CA LEU A 156 -7.45 -28.71 -29.59
C LEU A 156 -6.08 -28.06 -29.33
N TRP A 157 -5.94 -27.34 -28.21
CA TRP A 157 -4.70 -26.63 -27.79
C TRP A 157 -3.60 -27.63 -27.44
N THR A 158 -2.34 -27.25 -27.67
CA THR A 158 -1.12 -28.06 -27.39
C THR A 158 -1.01 -28.31 -25.89
N GLN A 159 -1.29 -27.29 -25.07
CA GLN A 159 -1.46 -27.40 -23.59
C GLN A 159 -2.94 -27.19 -23.28
N PRO A 160 -3.76 -28.27 -23.28
CA PRO A 160 -5.21 -28.11 -23.15
C PRO A 160 -5.65 -27.73 -21.73
N ILE A 161 -6.74 -26.98 -21.62
CA ILE A 161 -7.48 -26.79 -20.34
C ILE A 161 -8.15 -28.13 -20.03
N ARG A 162 -7.95 -28.64 -18.82
CA ARG A 162 -8.58 -29.89 -18.33
C ARG A 162 -9.47 -29.53 -17.14
N GLU A 163 -10.68 -30.10 -17.11
CA GLU A 163 -11.59 -29.99 -15.95
C GLU A 163 -11.36 -31.18 -15.03
N VAL A 164 -11.05 -30.92 -13.75
CA VAL A 164 -11.04 -31.94 -12.66
C VAL A 164 -12.22 -31.65 -11.74
N THR A 165 -12.94 -32.70 -11.34
CA THR A 165 -13.99 -32.65 -10.29
C THR A 165 -13.34 -33.06 -8.97
N VAL A 166 -12.94 -32.07 -8.15
CA VAL A 166 -12.18 -32.31 -6.89
C VAL A 166 -13.19 -32.69 -5.80
N PRO A 167 -13.06 -33.86 -5.15
CA PRO A 167 -13.91 -34.19 -4.01
C PRO A 167 -13.72 -33.10 -2.94
N HIS A 168 -14.84 -32.49 -2.51
CA HIS A 168 -14.87 -31.48 -1.42
C HIS A 168 -14.82 -32.21 -0.08
N THR A 169 -13.65 -32.77 0.28
CA THR A 169 -13.47 -33.64 1.47
C THR A 169 -13.71 -32.81 2.73
N TYR A 170 -13.46 -31.50 2.67
CA TYR A 170 -13.64 -30.54 3.78
C TYR A 170 -15.07 -30.00 3.82
N ARG A 171 -15.97 -30.47 2.94
CA ARG A 171 -17.40 -30.07 2.96
C ARG A 171 -17.96 -30.31 4.36
N THR A 172 -18.72 -29.33 4.89
CA THR A 172 -19.52 -29.43 6.13
C THR A 172 -20.83 -28.66 5.91
N GLY A 173 -21.90 -29.06 6.61
CA GLY A 173 -23.20 -28.36 6.62
C GLY A 173 -23.89 -28.45 5.28
N ASN A 174 -24.28 -27.30 4.72
CA ASN A 174 -25.07 -27.20 3.45
C ASN A 174 -24.15 -27.32 2.23
N ASP A 175 -22.81 -27.26 2.42
CA ASP A 175 -21.80 -27.40 1.34
C ASP A 175 -22.23 -28.54 0.40
N GLY A 176 -21.96 -28.38 -0.89
CA GLY A 176 -22.09 -29.43 -1.92
C GLY A 176 -20.86 -30.31 -1.95
N ALA A 177 -20.85 -31.31 -2.84
CA ALA A 177 -19.93 -32.47 -2.81
C ALA A 177 -18.73 -32.28 -3.74
N HIS A 178 -18.86 -31.44 -4.78
CA HIS A 178 -17.94 -31.42 -5.95
C HIS A 178 -17.48 -30.00 -6.28
N ILE A 179 -16.16 -29.84 -6.50
CA ILE A 179 -15.48 -28.57 -6.85
C ILE A 179 -14.91 -28.71 -8.26
N PRO A 180 -15.66 -28.34 -9.32
CA PRO A 180 -15.15 -28.41 -10.68
C PRO A 180 -14.22 -27.21 -10.96
N ILE A 181 -12.95 -27.50 -11.26
CA ILE A 181 -11.89 -26.48 -11.52
C ILE A 181 -11.25 -26.77 -12.89
N TYR A 182 -10.73 -25.74 -13.54
CA TYR A 182 -9.90 -25.84 -14.77
C TYR A 182 -8.42 -25.82 -14.38
N ILE A 183 -7.66 -26.82 -14.83
CA ILE A 183 -6.17 -26.89 -14.70
C ILE A 183 -5.57 -26.81 -16.11
N ARG A 184 -4.52 -26.01 -16.25
CA ARG A 184 -3.69 -25.91 -17.48
C ARG A 184 -2.22 -25.88 -17.07
N THR A 185 -1.40 -26.79 -17.62
CA THR A 185 0.01 -27.00 -17.23
C THR A 185 0.91 -26.62 -18.39
N PRO A 186 2.05 -25.92 -18.15
CA PRO A 186 2.97 -25.54 -19.22
C PRO A 186 3.72 -26.77 -19.77
N ALA A 187 4.25 -26.66 -20.98
CA ALA A 187 5.07 -27.70 -21.66
C ALA A 187 6.24 -28.10 -20.75
N GLY A 188 6.35 -29.38 -20.42
CA GLY A 188 7.46 -29.95 -19.63
C GLY A 188 7.19 -29.99 -18.14
N ALA A 189 5.96 -29.68 -17.71
CA ALA A 189 5.51 -29.82 -16.31
C ALA A 189 5.48 -31.31 -15.94
N ASP A 190 6.39 -31.72 -15.04
CA ASP A 190 6.72 -33.15 -14.75
C ASP A 190 6.82 -33.33 -13.23
N GLN A 191 6.67 -34.57 -12.75
CA GLN A 191 6.80 -34.94 -11.31
C GLN A 191 8.24 -34.69 -10.83
N SER A 192 9.20 -34.57 -11.76
CA SER A 192 10.64 -34.35 -11.48
C SER A 192 11.01 -32.86 -11.52
N ASN A 193 10.21 -32.03 -12.21
CA ASN A 193 10.37 -30.56 -12.24
C ASN A 193 9.00 -29.92 -11.99
N PRO A 194 8.46 -29.99 -10.76
CA PRO A 194 7.12 -29.48 -10.47
C PRO A 194 7.07 -27.95 -10.58
N VAL A 195 6.09 -27.42 -11.32
CA VAL A 195 5.97 -25.98 -11.67
C VAL A 195 5.18 -25.25 -10.59
N PRO A 196 5.40 -23.92 -10.40
CA PRO A 196 4.56 -23.12 -9.51
C PRO A 196 3.12 -23.03 -10.03
N ILE A 197 2.19 -22.63 -9.15
CA ILE A 197 0.73 -22.54 -9.44
C ILE A 197 0.30 -21.07 -9.33
N VAL A 198 -0.67 -20.65 -10.15
CA VAL A 198 -1.46 -19.40 -9.91
C VAL A 198 -2.93 -19.81 -9.85
N LEU A 199 -3.52 -19.84 -8.65
CA LEU A 199 -4.94 -20.24 -8.45
C LEU A 199 -5.81 -19.01 -8.66
N ILE A 200 -6.48 -18.94 -9.82
CA ILE A 200 -7.45 -17.84 -10.15
C ILE A 200 -8.76 -18.11 -9.39
N MET A 201 -9.30 -17.06 -8.78
CA MET A 201 -10.62 -17.05 -8.10
C MET A 201 -11.49 -16.05 -8.86
N THR A 202 -12.55 -16.54 -9.50
CA THR A 202 -13.36 -15.77 -10.48
C THR A 202 -14.37 -14.91 -9.71
N GLY A 203 -15.22 -14.16 -10.42
CA GLY A 203 -16.13 -13.16 -9.81
C GLY A 203 -17.59 -13.43 -10.10
N LEU A 204 -18.38 -12.37 -10.16
CA LEU A 204 -19.86 -12.43 -10.17
C LEU A 204 -20.35 -12.92 -11.54
N ASP A 205 -19.74 -12.43 -12.63
CA ASP A 205 -20.22 -12.62 -14.03
C ASP A 205 -19.18 -13.36 -14.87
N GLY A 206 -18.00 -13.65 -14.31
CA GLY A 206 -16.88 -14.32 -15.01
C GLY A 206 -16.53 -15.60 -14.27
N TYR A 207 -16.60 -16.75 -14.95
CA TYR A 207 -16.48 -18.10 -14.34
C TYR A 207 -15.31 -18.80 -15.02
N ARG A 208 -15.09 -20.09 -14.72
CA ARG A 208 -13.83 -20.79 -15.10
C ARG A 208 -13.55 -20.70 -16.60
N PRO A 209 -14.54 -20.71 -17.54
CA PRO A 209 -14.22 -20.60 -18.97
C PRO A 209 -13.84 -19.20 -19.50
N ASP A 210 -13.81 -18.15 -18.66
CA ASP A 210 -13.68 -16.73 -19.12
C ASP A 210 -12.30 -16.17 -18.79
N ASN A 211 -11.23 -16.96 -18.91
CA ASN A 211 -9.87 -16.59 -18.43
C ASN A 211 -8.78 -17.11 -19.38
N SER A 212 -9.06 -17.28 -20.68
CA SER A 212 -8.11 -17.80 -21.71
C SER A 212 -6.78 -17.05 -21.63
N GLN A 213 -6.83 -15.72 -21.72
CA GLN A 213 -5.63 -14.85 -21.87
C GLN A 213 -4.77 -14.98 -20.61
N ARG A 214 -5.38 -14.96 -19.42
CA ARG A 214 -4.66 -15.12 -18.12
C ARG A 214 -3.90 -16.46 -18.14
N THR A 215 -4.51 -17.56 -18.61
CA THR A 215 -3.84 -18.89 -18.65
C THR A 215 -2.70 -18.85 -19.68
N HIS A 216 -2.88 -18.17 -20.82
CA HIS A 216 -1.80 -17.93 -21.84
C HIS A 216 -0.58 -17.31 -21.15
N GLU A 217 -0.79 -16.23 -20.39
CA GLU A 217 0.27 -15.42 -19.76
C GLU A 217 0.95 -16.21 -18.64
N ILE A 218 0.16 -16.96 -17.84
CA ILE A 218 0.65 -17.81 -16.73
C ILE A 218 1.56 -18.90 -17.32
N LEU A 219 1.11 -19.56 -18.39
CA LEU A 219 1.87 -20.66 -19.06
C LEU A 219 3.11 -20.11 -19.75
N ALA A 220 3.04 -18.91 -20.32
CA ALA A 220 4.15 -18.23 -21.00
C ALA A 220 5.33 -18.02 -20.04
N ARG A 221 5.06 -17.90 -18.73
CA ARG A 221 6.06 -17.64 -17.68
C ARG A 221 6.44 -18.94 -16.96
N GLY A 222 5.88 -20.08 -17.40
CA GLY A 222 6.28 -21.44 -16.99
C GLY A 222 5.57 -21.92 -15.74
N TRP A 223 4.33 -21.45 -15.52
CA TRP A 223 3.50 -21.75 -14.33
C TRP A 223 2.22 -22.47 -14.74
N ALA A 224 1.66 -23.30 -13.85
CA ALA A 224 0.34 -23.95 -13.99
C ALA A 224 -0.76 -22.92 -13.68
N ALA A 225 -1.86 -22.96 -14.43
CA ALA A 225 -3.07 -22.14 -14.17
C ALA A 225 -4.19 -23.03 -13.63
N VAL A 226 -4.67 -22.71 -12.42
CA VAL A 226 -5.84 -23.37 -11.78
C VAL A 226 -6.93 -22.30 -11.65
N VAL A 227 -8.16 -22.60 -12.06
CA VAL A 227 -9.29 -21.62 -12.07
C VAL A 227 -10.48 -22.24 -11.33
N ALA A 228 -10.88 -21.64 -10.21
CA ALA A 228 -12.03 -22.05 -9.38
C ALA A 228 -12.96 -20.85 -9.18
N GLU A 229 -14.26 -21.12 -9.11
CA GLU A 229 -15.31 -20.10 -8.88
C GLU A 229 -15.49 -19.87 -7.37
N ILE A 230 -16.09 -18.74 -7.00
CA ILE A 230 -16.19 -18.28 -5.59
C ILE A 230 -17.54 -18.71 -5.01
N PRO A 231 -17.65 -18.78 -3.66
CA PRO A 231 -18.92 -19.06 -2.99
C PRO A 231 -20.07 -18.20 -3.55
N GLY A 232 -21.20 -18.84 -3.89
CA GLY A 232 -22.42 -18.17 -4.38
C GLY A 232 -22.37 -17.81 -5.85
N THR A 233 -21.52 -18.49 -6.66
CA THR A 233 -21.47 -18.33 -8.14
C THR A 233 -21.32 -19.69 -8.81
N ALA A 234 -21.87 -19.83 -10.02
CA ALA A 234 -21.55 -20.90 -10.99
C ALA A 234 -21.67 -22.28 -10.32
N ASP A 235 -20.60 -23.09 -10.34
CA ASP A 235 -20.61 -24.48 -9.83
C ASP A 235 -19.89 -24.59 -8.48
N CYS A 236 -19.75 -23.48 -7.74
CA CYS A 236 -19.08 -23.48 -6.41
C CYS A 236 -19.98 -24.18 -5.39
N PRO A 237 -19.52 -25.28 -4.76
CA PRO A 237 -20.34 -26.03 -3.80
C PRO A 237 -20.36 -25.44 -2.38
N ALA A 238 -19.60 -24.36 -2.15
CA ALA A 238 -19.49 -23.62 -0.88
C ALA A 238 -20.86 -23.02 -0.51
N ASP A 239 -21.32 -23.25 0.72
CA ASP A 239 -22.54 -22.61 1.26
C ASP A 239 -22.34 -21.09 1.15
N PRO A 240 -23.12 -20.39 0.30
CA PRO A 240 -22.94 -18.95 0.13
C PRO A 240 -23.28 -18.16 1.41
N ALA A 241 -24.18 -18.70 2.24
CA ALA A 241 -24.69 -18.07 3.48
C ALA A 241 -23.71 -18.24 4.64
N ASP A 242 -22.72 -19.13 4.54
CA ASP A 242 -21.71 -19.40 5.61
C ASP A 242 -20.42 -18.64 5.27
N PRO A 243 -20.07 -17.60 6.05
CA PRO A 243 -18.82 -16.84 5.84
C PRO A 243 -17.55 -17.71 5.83
N ALA A 244 -17.58 -18.87 6.49
CA ALA A 244 -16.41 -19.78 6.65
C ALA A 244 -16.33 -20.78 5.49
N SER A 245 -17.34 -20.84 4.62
CA SER A 245 -17.41 -21.82 3.50
C SER A 245 -16.18 -21.74 2.60
N PRO A 246 -15.66 -20.55 2.21
CA PRO A 246 -14.47 -20.48 1.36
C PRO A 246 -13.22 -21.11 1.98
N ASP A 247 -13.09 -21.06 3.32
CA ASP A 247 -11.93 -21.64 4.07
C ASP A 247 -11.89 -23.14 3.80
N ARG A 248 -13.04 -23.82 3.95
CA ARG A 248 -13.25 -25.25 3.65
C ARG A 248 -12.98 -25.50 2.16
N LEU A 249 -13.55 -24.67 1.28
CA LEU A 249 -13.39 -24.74 -0.21
C LEU A 249 -11.89 -24.84 -0.55
N TRP A 250 -11.06 -23.93 -0.03
CA TRP A 250 -9.62 -23.89 -0.39
C TRP A 250 -8.87 -25.05 0.27
N ASP A 251 -9.21 -25.38 1.53
CA ASP A 251 -8.68 -26.59 2.24
C ASP A 251 -8.77 -27.81 1.32
N SER A 252 -9.91 -28.00 0.65
CA SER A 252 -10.14 -29.10 -0.34
C SER A 252 -9.27 -28.91 -1.59
N VAL A 253 -9.32 -27.72 -2.19
CA VAL A 253 -8.61 -27.43 -3.49
C VAL A 253 -7.09 -27.60 -3.29
N LEU A 254 -6.51 -26.95 -2.27
CA LEU A 254 -5.04 -26.98 -2.03
C LEU A 254 -4.60 -28.41 -1.72
N SER A 255 -5.42 -29.15 -0.94
CA SER A 255 -5.19 -30.57 -0.56
C SER A 255 -5.10 -31.45 -1.81
N TYR A 256 -5.90 -31.17 -2.85
CA TYR A 256 -5.82 -31.87 -4.16
C TYR A 256 -4.53 -31.48 -4.87
N LEU A 257 -4.24 -30.16 -4.93
CA LEU A 257 -3.02 -29.61 -5.58
C LEU A 257 -1.76 -30.11 -4.85
N ASP A 258 -1.89 -30.44 -3.56
CA ASP A 258 -0.81 -31.07 -2.75
C ASP A 258 -0.55 -32.50 -3.27
N GLN A 259 -1.60 -33.20 -3.70
CA GLN A 259 -1.54 -34.61 -4.17
C GLN A 259 -1.17 -34.68 -5.66
N ARG A 260 -1.17 -33.54 -6.38
CA ARG A 260 -0.83 -33.48 -7.83
C ARG A 260 0.69 -33.49 -7.98
N PRO A 261 1.28 -34.46 -8.70
CA PRO A 261 2.74 -34.63 -8.74
C PRO A 261 3.50 -33.42 -9.27
N GLU A 262 3.01 -32.83 -10.38
CA GLU A 262 3.76 -31.87 -11.23
C GLU A 262 3.48 -30.42 -10.81
N LEU A 263 2.64 -30.20 -9.79
CA LEU A 263 2.26 -28.85 -9.30
C LEU A 263 2.91 -28.59 -7.93
N ASN A 264 3.65 -27.49 -7.81
CA ASN A 264 4.42 -27.09 -6.61
C ASN A 264 3.60 -26.10 -5.77
N THR A 265 2.93 -26.59 -4.73
CA THR A 265 2.04 -25.79 -3.83
C THR A 265 2.88 -24.93 -2.88
N ALA A 266 4.20 -25.15 -2.81
CA ALA A 266 5.17 -24.32 -2.05
C ALA A 266 5.48 -23.02 -2.80
N LYS A 267 5.12 -22.92 -4.09
CA LYS A 267 5.22 -21.67 -4.90
C LYS A 267 3.86 -21.36 -5.53
N MET A 268 2.93 -20.86 -4.72
CA MET A 268 1.51 -20.67 -5.10
C MET A 268 1.12 -19.21 -4.84
N VAL A 269 0.52 -18.55 -5.85
CA VAL A 269 -0.19 -17.23 -5.71
C VAL A 269 -1.65 -17.46 -6.06
N VAL A 270 -2.57 -16.81 -5.33
CA VAL A 270 -4.02 -16.73 -5.66
C VAL A 270 -4.27 -15.38 -6.34
N TRP A 271 -5.21 -15.32 -7.29
CA TRP A 271 -5.48 -14.10 -8.10
C TRP A 271 -7.00 -13.93 -8.21
N GLY A 272 -7.56 -13.07 -7.35
CA GLY A 272 -9.00 -12.85 -7.21
C GLY A 272 -9.46 -11.66 -8.01
N LEU A 273 -10.36 -11.85 -8.98
CA LEU A 273 -10.79 -10.75 -9.87
C LEU A 273 -12.17 -10.26 -9.45
N SER A 274 -12.35 -8.95 -9.37
CA SER A 274 -13.68 -8.41 -9.07
C SER A 274 -14.25 -8.98 -7.75
N ALA A 275 -15.37 -9.70 -7.86
CA ALA A 275 -16.00 -10.34 -6.68
C ALA A 275 -15.02 -11.35 -6.08
N GLY A 276 -14.15 -11.91 -6.93
CA GLY A 276 -13.10 -12.84 -6.47
C GLY A 276 -12.11 -12.15 -5.56
N GLY A 277 -11.86 -10.86 -5.80
CA GLY A 277 -10.97 -10.03 -4.95
C GLY A 277 -11.19 -10.26 -3.45
N TYR A 278 -12.44 -10.24 -2.98
CA TYR A 278 -12.84 -10.55 -1.58
C TYR A 278 -12.16 -11.84 -1.09
N TYR A 279 -12.21 -12.89 -1.91
CA TYR A 279 -11.79 -14.29 -1.56
C TYR A 279 -10.26 -14.40 -1.60
N ALA A 280 -9.60 -13.63 -2.47
CA ALA A 280 -8.13 -13.50 -2.54
C ALA A 280 -7.65 -12.86 -1.23
N ILE A 281 -8.26 -11.75 -0.83
CA ILE A 281 -7.93 -11.02 0.44
C ILE A 281 -8.10 -11.99 1.62
N ARG A 282 -9.24 -12.67 1.70
CA ARG A 282 -9.55 -13.61 2.81
C ARG A 282 -8.49 -14.70 2.83
N ALA A 283 -8.24 -15.37 1.70
CA ALA A 283 -7.24 -16.46 1.51
C ALA A 283 -5.84 -15.99 1.95
N ALA A 284 -5.48 -14.73 1.68
CA ALA A 284 -4.17 -14.13 2.05
C ALA A 284 -3.94 -14.28 3.56
N HIS A 285 -5.01 -14.22 4.36
CA HIS A 285 -5.00 -14.36 5.84
C HIS A 285 -5.19 -15.83 6.25
N THR A 286 -6.28 -16.47 5.81
CA THR A 286 -6.72 -17.81 6.31
C THR A 286 -5.68 -18.86 5.93
N HIS A 287 -5.01 -18.71 4.79
CA HIS A 287 -4.06 -19.71 4.21
C HIS A 287 -2.69 -19.04 3.98
N ARG A 288 -2.33 -18.08 4.85
CA ARG A 288 -1.08 -17.29 4.74
C ARG A 288 0.14 -18.23 4.66
N ASP A 289 0.13 -19.32 5.42
CA ASP A 289 1.28 -20.28 5.54
C ASP A 289 1.42 -21.12 4.27
N ARG A 290 0.40 -21.16 3.40
CA ARG A 290 0.38 -22.03 2.19
C ARG A 290 0.61 -21.22 0.90
N LEU A 291 0.55 -19.88 0.96
CA LEU A 291 0.68 -18.99 -0.23
C LEU A 291 1.92 -18.10 -0.08
N LEU A 292 2.61 -17.84 -1.20
CA LEU A 292 3.70 -16.82 -1.31
C LEU A 292 3.09 -15.44 -1.56
N GLY A 293 1.88 -15.40 -2.15
CA GLY A 293 1.18 -14.12 -2.40
C GLY A 293 -0.30 -14.30 -2.68
N ALA A 294 -1.00 -13.18 -2.78
CA ALA A 294 -2.37 -13.07 -3.34
C ALA A 294 -2.43 -11.79 -4.16
N ILE A 295 -3.20 -11.78 -5.26
CA ILE A 295 -3.59 -10.52 -5.95
C ILE A 295 -5.10 -10.38 -5.83
N ALA A 296 -5.55 -9.19 -5.42
CA ALA A 296 -6.98 -8.84 -5.32
C ALA A 296 -7.25 -7.69 -6.31
N HIS A 297 -7.89 -8.01 -7.43
CA HIS A 297 -8.14 -7.03 -8.52
C HIS A 297 -9.53 -6.42 -8.35
N GLY A 298 -9.62 -5.11 -8.15
CA GLY A 298 -10.93 -4.45 -7.96
C GLY A 298 -11.71 -5.12 -6.85
N PRO A 299 -11.18 -5.22 -5.61
CA PRO A 299 -11.82 -5.95 -4.52
C PRO A 299 -12.67 -5.18 -3.52
N GLY A 300 -13.67 -5.87 -2.98
CA GLY A 300 -14.53 -5.39 -1.91
C GLY A 300 -14.28 -6.24 -0.66
N CYS A 301 -14.29 -5.63 0.52
CA CYS A 301 -14.05 -6.35 1.79
C CYS A 301 -14.88 -5.82 2.97
N HIS A 302 -15.45 -4.61 2.93
CA HIS A 302 -16.14 -4.00 4.09
C HIS A 302 -17.17 -2.94 3.65
N TYR A 303 -16.70 -1.86 3.05
CA TYR A 303 -17.50 -0.65 2.70
C TYR A 303 -18.46 -0.94 1.54
N TYR A 304 -18.16 -1.94 0.71
CA TYR A 304 -19.02 -2.35 -0.43
C TYR A 304 -20.38 -2.84 0.10
N LEU A 305 -20.42 -3.29 1.35
CA LEU A 305 -21.65 -3.80 2.04
C LEU A 305 -22.27 -2.71 2.92
N ASP A 306 -21.74 -1.48 2.88
CA ASP A 306 -22.26 -0.32 3.64
C ASP A 306 -23.63 0.04 3.06
N PRO A 307 -24.72 0.08 3.88
CA PRO A 307 -26.04 0.44 3.37
C PRO A 307 -26.08 1.69 2.48
N GLU A 308 -25.25 2.69 2.81
CA GLU A 308 -25.13 3.99 2.08
C GLU A 308 -24.48 3.74 0.72
N TRP A 309 -23.51 2.82 0.64
CA TRP A 309 -22.88 2.44 -0.65
C TRP A 309 -23.89 1.63 -1.49
N LEU A 310 -24.58 0.67 -0.86
CA LEU A 310 -25.53 -0.25 -1.54
C LEU A 310 -26.71 0.54 -2.14
N ALA A 311 -27.05 1.69 -1.54
CA ALA A 311 -28.18 2.56 -1.95
C ALA A 311 -27.94 3.21 -3.32
N LYS A 312 -26.68 3.29 -3.79
CA LYS A 312 -26.31 3.98 -5.06
C LYS A 312 -25.47 3.09 -5.98
N VAL A 313 -25.18 1.85 -5.60
CA VAL A 313 -24.22 0.96 -6.35
C VAL A 313 -24.78 0.68 -7.75
N ASN A 314 -26.09 0.50 -7.87
CA ASN A 314 -26.75 0.18 -9.16
C ASN A 314 -26.72 1.36 -10.14
N ASP A 315 -26.40 2.57 -9.65
CA ASP A 315 -26.42 3.78 -10.50
C ASP A 315 -25.08 4.05 -11.19
N HIS A 316 -24.05 3.22 -10.99
CA HIS A 316 -22.70 3.54 -11.55
C HIS A 316 -22.31 2.72 -12.78
N GLU A 317 -21.04 2.35 -12.87
CA GLU A 317 -20.46 1.70 -14.09
C GLU A 317 -20.88 0.25 -14.34
N TYR A 318 -21.47 -0.46 -13.38
CA TYR A 318 -21.85 -1.85 -13.71
C TYR A 318 -22.84 -1.83 -14.88
N PRO A 319 -22.69 -2.73 -15.88
CA PRO A 319 -23.52 -2.67 -17.09
C PRO A 319 -25.04 -2.78 -16.87
N PHE A 320 -25.47 -3.50 -15.83
CA PHE A 320 -26.90 -3.66 -15.41
C PHE A 320 -26.99 -3.57 -13.87
N GLU A 321 -28.20 -3.75 -13.32
CA GLU A 321 -28.45 -3.81 -11.85
C GLU A 321 -27.62 -4.96 -11.25
N ILE A 322 -26.98 -4.73 -10.09
CA ILE A 322 -26.01 -5.68 -9.46
C ILE A 322 -26.48 -6.16 -8.08
N THR A 323 -27.35 -5.42 -7.37
CA THR A 323 -27.75 -5.74 -5.98
C THR A 323 -28.48 -7.09 -5.96
N ALA A 324 -29.43 -7.30 -6.89
CA ALA A 324 -30.18 -8.57 -7.07
C ALA A 324 -29.19 -9.74 -7.05
N ALA A 325 -28.14 -9.66 -7.87
CA ALA A 325 -27.11 -10.71 -8.06
C ALA A 325 -26.28 -10.86 -6.79
N TRP A 326 -25.88 -9.74 -6.18
CA TRP A 326 -25.06 -9.68 -4.94
C TRP A 326 -25.82 -10.38 -3.80
N ALA A 327 -27.06 -9.96 -3.53
CA ALA A 327 -27.99 -10.59 -2.57
C ALA A 327 -27.86 -12.12 -2.65
N THR A 328 -28.22 -12.70 -3.80
CA THR A 328 -28.23 -14.17 -4.03
C THR A 328 -26.82 -14.73 -3.80
N LYS A 329 -25.79 -14.02 -4.25
CA LYS A 329 -24.37 -14.48 -4.19
C LYS A 329 -23.89 -14.58 -2.73
N HIS A 330 -24.41 -13.73 -1.84
CA HIS A 330 -24.13 -13.70 -0.38
C HIS A 330 -25.13 -14.58 0.40
N GLY A 331 -25.84 -15.48 -0.28
CA GLY A 331 -26.71 -16.50 0.33
C GLY A 331 -28.02 -15.95 0.87
N TYR A 332 -28.44 -14.75 0.45
CA TYR A 332 -29.67 -14.06 0.94
C TYR A 332 -30.85 -14.35 0.02
N LYS A 333 -32.06 -14.39 0.59
CA LYS A 333 -33.33 -14.70 -0.12
C LYS A 333 -33.89 -13.41 -0.75
N THR A 334 -33.74 -12.27 -0.07
CA THR A 334 -34.26 -10.94 -0.51
C THR A 334 -33.12 -9.90 -0.49
N VAL A 335 -33.25 -8.85 -1.32
CA VAL A 335 -32.27 -7.72 -1.38
CA VAL A 335 -32.27 -7.71 -1.37
C VAL A 335 -32.34 -6.94 -0.05
N GLU A 336 -33.56 -6.81 0.51
CA GLU A 336 -33.83 -6.12 1.80
C GLU A 336 -32.93 -6.73 2.89
N GLU A 337 -32.98 -8.06 3.04
CA GLU A 337 -32.21 -8.84 4.04
C GLU A 337 -30.71 -8.65 3.80
N PHE A 338 -30.27 -8.71 2.54
CA PHE A 338 -28.85 -8.48 2.11
C PHE A 338 -28.41 -7.09 2.60
N VAL A 339 -29.19 -6.05 2.31
CA VAL A 339 -28.87 -4.63 2.65
C VAL A 339 -28.80 -4.46 4.17
N ALA A 340 -29.69 -5.12 4.91
CA ALA A 340 -29.84 -5.00 6.39
C ALA A 340 -28.65 -5.66 7.12
N GLY A 341 -28.14 -6.79 6.63
CA GLY A 341 -27.33 -7.73 7.43
C GLY A 341 -25.93 -8.01 6.88
N ALA A 342 -25.69 -7.85 5.57
CA ALA A 342 -24.50 -8.39 4.87
C ALA A 342 -23.19 -7.92 5.52
N GLN A 343 -23.08 -6.63 5.87
CA GLN A 343 -21.81 -6.04 6.39
C GLN A 343 -21.38 -6.78 7.66
N LYS A 344 -22.25 -6.86 8.67
CA LYS A 344 -21.95 -7.51 9.98
C LYS A 344 -21.46 -8.94 9.74
N LYS A 345 -22.08 -9.63 8.79
CA LYS A 345 -21.89 -11.09 8.55
C LYS A 345 -20.61 -11.36 7.74
N PHE A 346 -20.30 -10.53 6.74
CA PHE A 346 -19.31 -10.85 5.67
C PHE A 346 -18.12 -9.88 5.63
N SER A 347 -18.26 -8.65 6.12
CA SER A 347 -17.13 -7.69 6.20
C SER A 347 -15.93 -8.39 6.86
N LEU A 348 -14.78 -8.39 6.17
CA LEU A 348 -13.49 -8.96 6.68
C LEU A 348 -12.96 -8.05 7.80
N VAL A 349 -13.43 -6.80 7.87
CA VAL A 349 -13.08 -5.79 8.91
C VAL A 349 -13.91 -6.07 10.17
N GLU A 350 -15.24 -6.20 10.02
CA GLU A 350 -16.21 -6.32 11.13
C GLU A 350 -16.01 -7.66 11.86
N THR A 351 -15.74 -8.74 11.11
CA THR A 351 -15.55 -10.11 11.65
C THR A 351 -14.12 -10.25 12.23
N GLY A 352 -13.19 -9.37 11.81
CA GLY A 352 -11.84 -9.28 12.38
C GLY A 352 -10.84 -10.16 11.64
N ILE A 353 -11.22 -10.67 10.47
CA ILE A 353 -10.35 -11.52 9.59
C ILE A 353 -9.06 -10.75 9.25
N VAL A 354 -9.15 -9.43 9.08
CA VAL A 354 -8.03 -8.53 8.65
C VAL A 354 -7.07 -8.26 9.82
N ASP A 355 -7.31 -8.78 11.02
CA ASP A 355 -6.56 -8.37 12.22
C ASP A 355 -5.37 -9.31 12.47
N GLN A 356 -5.32 -10.43 11.74
CA GLN A 356 -4.19 -11.39 11.77
C GLN A 356 -3.21 -11.02 10.66
N PRO A 357 -1.99 -11.62 10.63
CA PRO A 357 -1.05 -11.37 9.54
C PRO A 357 -1.50 -12.11 8.26
N SER A 358 -0.94 -11.71 7.11
CA SER A 358 -1.29 -12.27 5.78
C SER A 358 -0.02 -12.46 4.94
N CYS A 359 -0.08 -13.37 3.95
CA CYS A 359 0.95 -13.46 2.87
C CYS A 359 0.97 -12.12 2.14
N ARG A 360 1.97 -11.91 1.29
CA ARG A 360 2.07 -10.74 0.39
C ARG A 360 0.79 -10.58 -0.43
N LEU A 361 0.14 -9.42 -0.31
CA LEU A 361 -1.17 -9.10 -0.94
C LEU A 361 -0.99 -7.86 -1.81
N LEU A 362 -1.19 -7.99 -3.11
CA LEU A 362 -1.23 -6.86 -4.07
C LEU A 362 -2.70 -6.48 -4.31
N LEU A 363 -3.05 -5.24 -3.94
CA LEU A 363 -4.38 -4.62 -4.22
C LEU A 363 -4.26 -3.74 -5.48
N LEU A 364 -5.18 -3.92 -6.43
CA LEU A 364 -5.20 -3.09 -7.67
C LEU A 364 -6.65 -2.66 -7.92
N ASN A 365 -6.87 -1.40 -8.32
CA ASN A 365 -8.21 -0.88 -8.68
C ASN A 365 -8.08 0.53 -9.27
N GLY A 366 -9.10 0.95 -10.02
CA GLY A 366 -9.25 2.35 -10.43
C GLY A 366 -9.71 3.12 -9.19
N VAL A 367 -9.27 4.36 -9.03
CA VAL A 367 -9.62 5.18 -7.84
C VAL A 367 -11.12 5.49 -7.78
N ASP A 368 -11.74 5.73 -8.94
CA ASP A 368 -13.16 6.15 -9.07
C ASP A 368 -14.02 4.90 -9.34
N ASP A 369 -13.76 3.83 -8.59
CA ASP A 369 -14.58 2.59 -8.64
C ASP A 369 -15.93 2.90 -7.98
N GLY A 370 -17.02 2.65 -8.70
CA GLY A 370 -18.41 2.90 -8.27
C GLY A 370 -19.20 1.61 -8.12
N VAL A 371 -18.55 0.46 -8.36
CA VAL A 371 -19.06 -0.90 -7.99
C VAL A 371 -18.65 -1.18 -6.54
N VAL A 372 -17.36 -1.17 -6.22
CA VAL A 372 -16.84 -1.32 -4.82
C VAL A 372 -15.93 -0.14 -4.52
N PRO A 373 -15.96 0.41 -3.28
CA PRO A 373 -15.21 1.62 -2.96
C PRO A 373 -13.70 1.35 -3.02
N ILE A 374 -12.93 2.31 -3.51
CA ILE A 374 -11.45 2.31 -3.36
C ILE A 374 -11.11 2.17 -1.87
N GLU A 375 -11.92 2.74 -0.97
CA GLU A 375 -11.77 2.67 0.51
C GLU A 375 -11.59 1.23 1.00
N ASP A 376 -12.06 0.23 0.26
CA ASP A 376 -11.98 -1.20 0.66
C ASP A 376 -10.58 -1.74 0.35
N CYS A 377 -9.79 -1.04 -0.46
CA CYS A 377 -8.34 -1.28 -0.66
C CYS A 377 -7.58 -0.52 0.45
N LEU A 378 -7.97 0.73 0.72
CA LEU A 378 -7.25 1.66 1.65
C LEU A 378 -7.38 1.21 3.11
N VAL A 379 -8.54 0.67 3.52
CA VAL A 379 -8.80 0.14 4.88
C VAL A 379 -7.72 -0.90 5.23
N LEU A 380 -7.33 -1.74 4.26
CA LEU A 380 -6.44 -2.91 4.51
C LEU A 380 -5.05 -2.47 4.99
N PHE A 381 -4.67 -1.21 4.76
CA PHE A 381 -3.38 -0.64 5.21
C PHE A 381 -3.43 -0.31 6.71
N GLU A 382 -4.61 -0.36 7.36
CA GLU A 382 -4.81 0.02 8.79
C GLU A 382 -5.00 -1.22 9.68
N HIS A 383 -4.67 -2.41 9.19
CA HIS A 383 -4.76 -3.69 9.96
C HIS A 383 -3.62 -4.62 9.55
N GLY A 384 -3.22 -5.51 10.47
CA GLY A 384 -2.47 -6.75 10.20
C GLY A 384 -1.09 -6.50 9.60
N SER A 385 -0.72 -7.26 8.57
CA SER A 385 0.58 -7.13 7.87
C SER A 385 0.56 -5.92 6.94
N PRO A 386 1.73 -5.38 6.54
CA PRO A 386 1.80 -4.43 5.44
C PRO A 386 1.17 -5.01 4.16
N LYS A 387 0.42 -4.18 3.45
CA LYS A 387 -0.18 -4.53 2.14
C LYS A 387 0.59 -3.80 1.04
N GLU A 388 0.47 -4.27 -0.20
N GLU A 388 0.41 -4.25 -0.21
CA GLU A 388 0.97 -3.58 -1.42
CA GLU A 388 0.98 -3.64 -1.44
C GLU A 388 -0.23 -3.13 -2.24
C GLU A 388 -0.18 -3.21 -2.35
N GLY A 389 -0.05 -2.06 -3.02
CA GLY A 389 -1.12 -1.50 -3.85
C GLY A 389 -0.60 -0.68 -5.02
N ARG A 390 -1.38 -0.64 -6.11
CA ARG A 390 -1.27 0.36 -7.21
C ARG A 390 -2.71 0.75 -7.60
N PHE A 391 -3.06 2.02 -7.40
CA PHE A 391 -4.42 2.57 -7.64
C PHE A 391 -4.34 3.59 -8.77
N TYR A 392 -5.35 3.57 -9.65
CA TYR A 392 -5.32 4.26 -10.97
C TYR A 392 -6.29 5.44 -10.93
N LYS A 393 -5.71 6.65 -10.87
CA LYS A 393 -6.42 7.96 -10.93
C LYS A 393 -7.52 7.90 -11.99
N GLY A 394 -8.74 8.31 -11.61
CA GLY A 394 -9.87 8.59 -12.51
C GLY A 394 -10.48 7.35 -13.15
N LEU A 395 -9.99 6.14 -12.86
CA LEU A 395 -10.41 4.90 -13.58
C LEU A 395 -11.54 4.20 -12.82
N PRO A 396 -12.47 3.54 -13.55
CA PRO A 396 -13.59 2.85 -12.93
C PRO A 396 -13.18 1.47 -12.40
N HIS A 397 -14.16 0.65 -12.03
CA HIS A 397 -13.93 -0.68 -11.40
C HIS A 397 -12.96 -1.52 -12.25
N MET A 398 -11.92 -2.03 -11.57
CA MET A 398 -10.79 -2.92 -11.99
C MET A 398 -9.63 -2.10 -12.60
N GLY A 399 -9.88 -0.84 -12.96
CA GLY A 399 -8.84 -0.01 -13.59
C GLY A 399 -8.21 -0.66 -14.82
N TYR A 400 -9.00 -1.31 -15.67
CA TYR A 400 -8.46 -1.90 -16.93
C TYR A 400 -8.32 -0.74 -17.94
N PRO A 401 -7.43 -0.77 -18.95
CA PRO A 401 -6.46 -1.86 -19.15
C PRO A 401 -5.19 -1.75 -18.29
N ASN A 402 -5.03 -0.63 -17.59
CA ASN A 402 -3.76 -0.18 -16.97
C ASN A 402 -3.27 -1.23 -15.96
N SER A 403 -4.19 -1.85 -15.22
CA SER A 403 -3.90 -2.67 -14.01
C SER A 403 -3.43 -4.08 -14.37
N LEU A 404 -3.43 -4.46 -15.65
CA LEU A 404 -3.16 -5.87 -16.03
C LEU A 404 -1.65 -6.13 -16.13
N PRO A 405 -0.84 -5.33 -16.87
CA PRO A 405 0.58 -5.66 -17.05
C PRO A 405 1.38 -5.74 -15.74
N VAL A 406 1.07 -4.88 -14.77
CA VAL A 406 1.77 -4.84 -13.45
C VAL A 406 1.45 -6.11 -12.66
N SER A 407 0.31 -6.78 -12.93
CA SER A 407 -0.08 -8.09 -12.34
C SER A 407 1.02 -9.12 -12.60
N TYR A 408 1.52 -9.18 -13.85
CA TYR A 408 2.52 -10.19 -14.30
C TYR A 408 3.92 -9.79 -13.82
N GLU A 409 4.23 -8.49 -13.84
CA GLU A 409 5.47 -7.93 -13.22
C GLU A 409 5.56 -8.47 -11.79
N TRP A 410 4.52 -8.26 -10.96
CA TRP A 410 4.47 -8.65 -9.53
C TRP A 410 4.63 -10.18 -9.41
N LEU A 411 3.83 -10.95 -10.16
CA LEU A 411 3.84 -12.44 -10.10
C LEU A 411 5.26 -12.97 -10.32
N GLU A 412 5.98 -12.45 -11.33
CA GLU A 412 7.36 -12.86 -11.69
C GLU A 412 8.27 -12.68 -10.47
N GLN A 413 8.17 -11.52 -9.81
CA GLN A 413 8.98 -11.15 -8.61
C GLN A 413 8.72 -12.17 -7.48
N VAL A 414 7.46 -12.41 -7.14
CA VAL A 414 7.01 -13.28 -6.00
C VAL A 414 7.40 -14.73 -6.30
N LEU A 415 7.15 -15.21 -7.52
CA LEU A 415 7.41 -16.62 -7.94
C LEU A 415 8.87 -16.79 -8.41
N ALA A 416 9.70 -15.74 -8.32
CA ALA A 416 11.09 -15.70 -8.85
C ALA A 416 11.92 -16.87 -8.29
N SER A 417 12.88 -17.35 -9.09
CA SER A 417 13.82 -18.45 -8.73
C SER A 417 15.18 -17.86 -8.33
N ARG B 20 -9.81 19.76 5.02
CA ARG B 20 -9.66 18.94 3.77
C ARG B 20 -8.65 17.80 3.97
N TRP B 21 -8.41 17.37 5.22
CA TRP B 21 -7.30 16.46 5.61
C TRP B 21 -7.85 15.26 6.39
N ILE B 22 -7.20 14.10 6.24
CA ILE B 22 -7.53 12.83 6.96
C ILE B 22 -7.32 13.05 8.47
N LEU B 23 -6.33 13.87 8.84
CA LEU B 23 -6.11 14.34 10.23
C LEU B 23 -7.44 14.83 10.81
N GLY B 24 -8.28 15.44 9.99
CA GLY B 24 -9.65 15.84 10.36
C GLY B 24 -9.65 16.95 11.39
N ASP B 25 -10.41 16.77 12.48
CA ASP B 25 -10.67 17.80 13.52
C ASP B 25 -9.33 18.31 14.09
N LYS B 26 -8.40 17.39 14.36
CA LYS B 26 -7.09 17.67 15.03
C LYS B 26 -6.26 18.68 14.21
N PHE B 27 -6.48 18.79 12.90
CA PHE B 27 -5.81 19.78 12.02
C PHE B 27 -6.08 21.18 12.56
N ASP B 28 -7.36 21.52 12.72
CA ASP B 28 -7.83 22.84 13.22
C ASP B 28 -7.91 22.81 14.76
N THR B 29 -6.82 22.42 15.42
CA THR B 29 -6.62 22.51 16.90
C THR B 29 -5.18 22.97 17.17
N VAL B 30 -5.00 23.75 18.25
CA VAL B 30 -3.66 24.11 18.81
C VAL B 30 -3.34 23.13 19.94
N PHE B 31 -2.36 22.25 19.72
CA PHE B 31 -1.91 21.20 20.67
C PHE B 31 -1.44 21.89 21.95
N PRO B 32 -1.72 21.31 23.15
CA PRO B 32 -1.50 22.01 24.42
C PRO B 32 -0.04 22.32 24.78
N HIS B 33 0.92 21.65 24.13
CA HIS B 33 2.38 21.79 24.39
C HIS B 33 2.96 22.99 23.65
N LYS B 34 2.24 23.59 22.70
CA LYS B 34 2.75 24.67 21.83
C LYS B 34 3.15 25.88 22.68
N GLY B 35 4.38 26.39 22.49
CA GLY B 35 4.94 27.55 23.20
C GLY B 35 5.19 27.29 24.68
N SER B 36 5.08 26.03 25.14
CA SER B 36 5.14 25.65 26.58
C SER B 36 6.00 24.40 26.77
N LEU B 37 7.29 24.58 27.08
CA LEU B 37 8.24 23.49 27.41
C LEU B 37 7.78 22.73 28.66
N LYS B 38 7.08 23.39 29.59
CA LYS B 38 6.59 22.78 30.86
C LYS B 38 5.58 21.68 30.54
N VAL B 39 4.58 21.98 29.72
CA VAL B 39 3.51 21.02 29.31
C VAL B 39 4.15 19.89 28.50
N LEU B 40 5.13 20.22 27.65
CA LEU B 40 5.87 19.23 26.80
C LEU B 40 6.55 18.19 27.70
N TRP B 41 7.26 18.63 28.74
CA TRP B 41 8.01 17.75 29.67
C TRP B 41 7.03 16.92 30.51
N GLU B 42 6.09 17.58 31.20
CA GLU B 42 5.18 16.93 32.18
C GLU B 42 4.22 15.97 31.47
N SER B 43 3.87 16.23 30.21
CA SER B 43 2.78 15.53 29.48
C SER B 43 3.29 14.43 28.53
N ARG B 44 4.54 14.52 28.05
N ARG B 44 4.54 14.52 28.06
CA ARG B 44 5.08 13.58 27.02
CA ARG B 44 5.08 13.62 27.00
C ARG B 44 6.55 13.22 27.32
C ARG B 44 6.54 13.22 27.29
N TRP B 45 7.45 14.20 27.32
CA TRP B 45 8.92 13.98 27.32
C TRP B 45 9.40 13.30 28.61
N LYS B 46 8.83 13.61 29.78
CA LYS B 46 9.17 12.94 31.07
C LYS B 46 9.00 11.42 30.90
N PHE B 47 7.88 11.01 30.31
CA PHE B 47 7.50 9.58 30.10
C PHE B 47 8.44 8.97 29.05
N ALA B 48 8.67 9.67 27.93
CA ALA B 48 9.57 9.26 26.84
C ALA B 48 10.99 9.07 27.40
N CYS B 49 11.44 9.97 28.28
CA CYS B 49 12.76 9.90 28.96
C CYS B 49 12.80 8.70 29.90
N SER B 50 11.77 8.52 30.74
CA SER B 50 11.62 7.38 31.69
C SER B 50 11.84 6.06 30.94
N LYS B 51 11.06 5.86 29.87
CA LYS B 51 11.03 4.63 29.04
C LYS B 51 12.29 4.53 28.18
N SER B 52 13.07 5.62 28.07
CA SER B 52 14.28 5.69 27.21
CA SER B 52 14.28 5.71 27.20
C SER B 52 13.90 5.32 25.76
N VAL B 53 12.82 5.91 25.25
CA VAL B 53 12.35 5.79 23.83
C VAL B 53 12.65 7.12 23.15
N TYR B 54 12.44 7.22 21.83
CA TYR B 54 12.71 8.45 21.03
C TYR B 54 12.01 9.64 21.69
N PRO B 55 12.68 10.81 21.89
CA PRO B 55 14.05 11.05 21.48
C PRO B 55 15.18 10.85 22.52
N PHE B 56 14.85 10.16 23.61
CA PHE B 56 15.77 9.94 24.75
C PHE B 56 16.39 8.56 24.69
N HIS B 57 16.31 7.90 23.54
CA HIS B 57 16.91 6.54 23.42
C HIS B 57 18.39 6.65 23.80
N ASP B 58 18.81 5.74 24.69
CA ASP B 58 20.14 5.54 25.36
C ASP B 58 20.23 6.44 26.62
N GLY B 59 19.22 7.27 26.89
CA GLY B 59 19.25 8.25 28.00
C GLY B 59 18.73 7.75 29.34
N SER B 60 19.08 8.48 30.41
CA SER B 60 18.66 8.20 31.81
C SER B 60 17.88 9.40 32.36
N ILE B 61 16.72 9.14 32.96
CA ILE B 61 15.83 10.19 33.55
C ILE B 61 16.62 11.01 34.59
N GLU B 62 17.49 10.35 35.36
CA GLU B 62 18.29 10.98 36.45
C GLU B 62 19.12 12.16 35.91
N ASP B 63 19.48 12.12 34.63
CA ASP B 63 20.31 13.16 33.95
C ASP B 63 19.45 14.35 33.50
N PHE B 64 18.19 14.10 33.13
CA PHE B 64 17.30 15.09 32.47
C PHE B 64 16.37 15.76 33.47
N GLU B 65 15.89 15.02 34.48
CA GLU B 65 14.94 15.54 35.50
C GLU B 65 15.51 16.80 36.12
N PRO B 66 16.81 16.84 36.53
CA PRO B 66 17.39 18.08 37.07
C PRO B 66 17.34 19.24 36.08
N ILE B 67 17.59 18.98 34.79
CA ILE B 67 17.76 20.00 33.71
C ILE B 67 16.40 20.65 33.39
N PHE B 68 15.34 19.85 33.20
CA PHE B 68 14.01 20.36 32.77
C PHE B 68 13.37 21.13 33.94
N ASN B 69 13.63 20.71 35.19
CA ASN B 69 13.20 21.43 36.41
C ASN B 69 13.73 22.87 36.37
N HIS B 70 14.99 23.06 35.99
CA HIS B 70 15.68 24.37 35.86
C HIS B 70 15.06 25.19 34.71
N LEU B 71 14.68 24.53 33.60
CA LEU B 71 14.10 25.21 32.41
C LEU B 71 12.68 25.69 32.74
N ILE B 72 11.88 24.84 33.39
CA ILE B 72 10.46 25.13 33.78
C ILE B 72 10.44 26.31 34.76
N SER B 73 11.34 26.31 35.75
CA SER B 73 11.48 27.37 36.78
C SER B 73 11.81 28.70 36.13
N LYS B 74 12.83 28.74 35.28
CA LYS B 74 13.34 29.96 34.59
C LYS B 74 12.33 30.43 33.51
N ASN B 75 11.33 29.60 33.22
CA ASN B 75 10.33 29.90 32.16
C ASN B 75 10.98 29.99 30.78
N ILE B 76 11.77 28.97 30.41
CA ILE B 76 12.42 28.90 29.06
C ILE B 76 11.58 27.99 28.15
N ASN B 77 10.99 28.55 27.08
CA ASN B 77 10.12 27.78 26.15
C ASN B 77 10.73 27.62 24.74
N ASP B 78 11.48 28.60 24.24
CA ASP B 78 12.05 28.46 22.88
C ASP B 78 13.29 27.55 22.93
N ALA B 79 13.26 26.45 22.19
CA ALA B 79 14.38 25.48 22.16
C ALA B 79 15.54 26.03 21.32
N ALA B 80 15.25 26.93 20.37
CA ALA B 80 16.22 27.53 19.44
C ALA B 80 17.14 28.51 20.19
N SER B 81 16.72 29.02 21.35
CA SER B 81 17.45 30.04 22.16
C SER B 81 18.61 29.39 22.92
N ASP B 82 19.70 30.14 23.10
CA ASP B 82 20.91 29.69 23.86
C ASP B 82 20.50 29.34 25.30
N GLU B 83 19.51 30.06 25.85
CA GLU B 83 18.95 29.82 27.20
C GLU B 83 18.55 28.35 27.37
N TYR B 84 18.10 27.68 26.30
CA TYR B 84 17.68 26.25 26.35
C TYR B 84 18.90 25.34 26.27
N THR B 85 19.77 25.56 25.27
CA THR B 85 20.90 24.68 24.89
C THR B 85 21.93 24.59 26.04
N GLN B 86 22.27 25.73 26.65
CA GLN B 86 23.38 25.84 27.65
C GLN B 86 23.00 25.21 28.99
N ALA B 87 21.70 25.01 29.24
CA ALA B 87 21.16 24.40 30.48
C ALA B 87 21.61 22.94 30.63
N PHE B 88 22.08 22.31 29.54
CA PHE B 88 22.37 20.85 29.45
C PHE B 88 23.85 20.54 29.65
N LEU B 89 24.75 21.51 29.41
CA LEU B 89 26.20 21.23 29.21
C LEU B 89 26.88 20.85 30.52
N PRO B 90 26.66 21.58 31.64
CA PRO B 90 27.23 21.18 32.93
C PRO B 90 26.96 19.71 33.30
N THR B 91 25.71 19.24 33.14
CA THR B 91 25.32 17.83 33.34
C THR B 91 26.21 16.93 32.47
N ALA B 92 26.37 17.27 31.18
CA ALA B 92 27.17 16.53 30.18
C ALA B 92 28.63 16.43 30.64
N SER B 93 29.24 17.58 30.97
CA SER B 93 30.61 17.67 31.53
C SER B 93 30.79 16.64 32.66
N ALA B 94 29.88 16.64 33.64
CA ALA B 94 29.91 15.77 34.84
C ALA B 94 29.88 14.29 34.44
N LEU B 95 29.05 13.93 33.45
CA LEU B 95 28.98 12.57 32.87
C LEU B 95 30.33 12.22 32.25
N GLU B 96 30.92 13.13 31.47
CA GLU B 96 32.24 12.95 30.79
C GLU B 96 33.31 12.66 31.85
N GLU B 97 33.27 13.32 33.00
CA GLU B 97 34.27 13.16 34.09
C GLU B 97 34.06 11.79 34.78
N LYS B 98 32.82 11.46 35.15
CA LYS B 98 32.44 10.14 35.72
C LYS B 98 32.94 9.03 34.79
N ALA B 99 32.77 9.21 33.47
CA ALA B 99 33.24 8.30 32.41
C ALA B 99 34.77 8.13 32.51
N ALA B 100 35.51 9.23 32.65
CA ALA B 100 36.98 9.25 32.79
C ALA B 100 37.38 8.45 34.05
N GLN B 101 36.72 8.74 35.18
CA GLN B 101 36.89 8.04 36.47
C GLN B 101 36.66 6.53 36.26
N ALA B 102 35.52 6.16 35.66
CA ALA B 102 35.14 4.77 35.34
C ALA B 102 36.23 4.13 34.48
N LEU B 103 36.62 4.78 33.39
CA LEU B 103 37.65 4.30 32.42
C LEU B 103 38.98 4.07 33.14
N GLN B 104 39.31 4.92 34.12
CA GLN B 104 40.57 4.84 34.92
C GLN B 104 40.53 3.64 35.87
N ALA B 105 39.34 3.29 36.36
CA ALA B 105 39.10 2.19 37.33
C ALA B 105 38.99 0.83 36.60
N GLY B 106 38.88 0.85 35.27
CA GLY B 106 38.76 -0.37 34.43
C GLY B 106 37.31 -0.74 34.16
N LYS B 107 36.37 0.15 34.47
CA LYS B 107 34.91 -0.05 34.26
C LYS B 107 34.54 0.47 32.87
N HIS B 108 34.90 -0.30 31.82
CA HIS B 108 34.73 0.07 30.40
C HIS B 108 33.24 0.05 30.02
N GLU B 109 32.46 -0.85 30.63
CA GLU B 109 30.99 -0.97 30.42
C GLU B 109 30.31 0.29 30.98
N GLU B 110 30.64 0.67 32.21
CA GLU B 110 30.08 1.85 32.92
C GLU B 110 30.56 3.14 32.24
N ALA B 111 31.81 3.14 31.73
CA ALA B 111 32.43 4.26 30.98
C ALA B 111 31.63 4.55 29.70
N SER B 112 31.47 3.53 28.86
CA SER B 112 30.66 3.58 27.61
C SER B 112 29.25 4.09 27.92
N ASN B 113 28.61 3.51 28.95
CA ASN B 113 27.21 3.80 29.38
C ASN B 113 27.08 5.27 29.78
N LEU B 114 28.01 5.79 30.59
CA LEU B 114 28.04 7.21 31.02
C LEU B 114 28.23 8.12 29.82
N LEU B 115 29.16 7.78 28.90
CA LEU B 115 29.44 8.55 27.66
C LEU B 115 28.22 8.55 26.73
N CYS B 116 27.56 7.40 26.58
CA CYS B 116 26.33 7.28 25.75
C CYS B 116 25.25 8.21 26.33
N ARG B 117 25.15 8.26 27.66
CA ARG B 117 24.18 9.11 28.40
C ARG B 117 24.54 10.59 28.20
N ALA B 118 25.84 10.93 28.28
CA ALA B 118 26.38 12.28 27.97
C ALA B 118 25.96 12.69 26.56
N ALA B 119 26.04 11.77 25.59
CA ALA B 119 25.69 12.02 24.17
C ALA B 119 24.18 12.32 24.06
N VAL B 120 23.34 11.65 24.85
CA VAL B 120 21.86 11.90 24.84
C VAL B 120 21.58 13.29 25.44
N VAL B 121 22.39 13.77 26.39
CA VAL B 121 22.22 15.12 27.00
C VAL B 121 22.49 16.19 25.93
N TYR B 122 23.52 15.99 25.11
CA TYR B 122 23.89 16.90 23.99
C TYR B 122 22.75 16.91 22.96
N ARG B 123 22.35 15.71 22.52
CA ARG B 123 21.27 15.50 21.52
C ARG B 123 20.08 16.41 21.84
N ILE B 124 19.52 16.31 23.04
CA ILE B 124 18.29 17.05 23.48
C ILE B 124 18.61 18.55 23.55
N SER B 125 19.83 18.90 23.97
CA SER B 125 20.31 20.31 24.05
C SER B 125 20.24 20.97 22.66
N ARG B 126 20.53 20.22 21.59
CA ARG B 126 20.57 20.73 20.19
C ARG B 126 19.23 20.46 19.47
N PHE B 127 18.23 19.87 20.14
CA PHE B 127 16.86 19.71 19.60
C PHE B 127 16.29 21.10 19.42
N PRO B 128 15.52 21.40 18.34
CA PRO B 128 15.20 20.44 17.27
C PRO B 128 16.00 20.48 15.96
N TYR B 129 16.91 21.44 15.78
CA TYR B 129 17.69 21.64 14.53
C TYR B 129 19.00 22.39 14.81
N VAL B 130 20.14 21.77 14.48
CA VAL B 130 21.46 22.43 14.31
C VAL B 130 21.39 23.26 13.02
N ASP B 131 21.37 24.59 13.17
CA ASP B 131 21.33 25.55 12.04
C ASP B 131 22.66 25.45 11.28
N ILE B 132 22.60 24.89 10.07
CA ILE B 132 23.78 24.53 9.21
C ILE B 132 24.45 25.81 8.70
N THR B 133 23.81 26.97 8.81
CA THR B 133 24.33 28.29 8.33
C THR B 133 25.03 29.04 9.47
N LYS B 134 24.87 28.58 10.73
CA LYS B 134 25.46 29.20 11.95
C LYS B 134 26.47 28.23 12.57
N PRO B 135 27.70 28.13 12.00
CA PRO B 135 28.72 27.22 12.52
C PRO B 135 29.36 27.65 13.85
N ASN B 136 28.90 28.75 14.45
CA ASN B 136 29.33 29.24 15.79
C ASN B 136 28.30 28.85 16.85
N SER B 137 27.05 28.56 16.44
CA SER B 137 25.88 28.33 17.34
C SER B 137 26.22 27.30 18.41
N ILE B 138 25.61 27.44 19.60
CA ILE B 138 25.89 26.59 20.80
C ILE B 138 25.34 25.18 20.55
N LYS B 139 24.38 25.03 19.63
CA LYS B 139 23.84 23.71 19.22
C LYS B 139 24.89 22.95 18.41
N ARG B 140 25.58 23.61 17.48
CA ARG B 140 26.68 23.01 16.69
C ARG B 140 27.78 22.53 17.64
N VAL B 141 28.11 23.33 18.65
CA VAL B 141 29.10 22.99 19.73
C VAL B 141 28.65 21.69 20.41
N ALA B 142 27.40 21.64 20.85
CA ALA B 142 26.79 20.47 21.54
C ALA B 142 26.91 19.23 20.66
N PHE B 143 26.57 19.35 19.37
CA PHE B 143 26.60 18.24 18.37
C PHE B 143 28.03 17.74 18.20
N GLU B 144 29.00 18.67 18.06
CA GLU B 144 30.45 18.34 18.03
C GLU B 144 30.80 17.51 19.28
N ARG B 145 30.43 17.99 20.47
CA ARG B 145 30.68 17.32 21.77
C ARG B 145 29.93 15.97 21.82
N GLN B 146 28.71 15.91 21.28
CA GLN B 146 27.92 14.64 21.24
C GLN B 146 28.72 13.60 20.46
N LYS B 147 29.11 13.94 19.22
CA LYS B 147 29.85 13.07 18.27
C LYS B 147 31.13 12.52 18.92
N GLN B 148 31.89 13.35 19.63
CA GLN B 148 33.14 12.93 20.31
C GLN B 148 32.75 11.95 21.43
N ALA B 149 31.73 12.28 22.22
CA ALA B 149 31.23 11.42 23.32
C ALA B 149 30.82 10.05 22.77
N TYR B 150 30.03 10.04 21.70
CA TYR B 150 29.44 8.81 21.09
C TYR B 150 30.55 7.88 20.62
N LEU B 151 31.46 8.38 19.79
CA LEU B 151 32.57 7.60 19.16
C LEU B 151 33.42 6.91 20.23
N LYS B 152 33.75 7.63 21.32
CA LYS B 152 34.51 7.08 22.48
C LYS B 152 33.70 5.94 23.12
N ALA B 153 32.39 6.17 23.33
CA ALA B 153 31.45 5.20 23.95
C ALA B 153 31.37 3.92 23.10
N THR B 154 31.27 4.06 21.77
CA THR B 154 31.02 2.94 20.81
C THR B 154 32.34 2.26 20.43
N SER B 155 33.49 2.90 20.70
CA SER B 155 34.84 2.36 20.41
C SER B 155 35.16 1.17 21.33
N LEU B 156 34.44 1.06 22.46
CA LEU B 156 34.60 -0.03 23.47
C LEU B 156 33.72 -1.22 23.11
N TRP B 157 32.75 -1.07 22.20
CA TRP B 157 31.84 -2.15 21.72
C TRP B 157 32.66 -3.19 20.94
N THR B 158 32.33 -4.48 21.09
CA THR B 158 32.98 -5.62 20.38
C THR B 158 32.92 -5.36 18.87
N GLN B 159 31.74 -4.94 18.39
CA GLN B 159 31.49 -4.45 17.01
C GLN B 159 31.33 -2.94 17.08
N PRO B 160 32.43 -2.15 17.03
CA PRO B 160 32.35 -0.70 17.25
C PRO B 160 31.78 0.05 16.04
N ILE B 161 31.02 1.12 16.29
CA ILE B 161 30.63 2.12 15.25
C ILE B 161 31.90 2.90 14.88
N ARG B 162 32.25 2.93 13.59
CA ARG B 162 33.46 3.60 13.05
C ARG B 162 33.04 4.65 12.03
N GLU B 163 33.46 5.90 12.25
CA GLU B 163 33.21 7.03 11.33
C GLU B 163 34.17 6.90 10.14
N VAL B 164 33.65 7.04 8.91
CA VAL B 164 34.45 7.24 7.67
C VAL B 164 34.00 8.55 7.03
N THR B 165 34.95 9.41 6.67
CA THR B 165 34.70 10.60 5.79
C THR B 165 34.88 10.15 4.35
N VAL B 166 33.76 9.86 3.66
CA VAL B 166 33.72 9.45 2.23
C VAL B 166 33.91 10.71 1.38
N PRO B 167 34.97 10.78 0.53
CA PRO B 167 35.18 11.92 -0.36
C PRO B 167 34.02 12.04 -1.37
N HIS B 168 33.40 13.22 -1.44
CA HIS B 168 32.21 13.52 -2.28
C HIS B 168 32.66 13.73 -3.74
N THR B 169 33.02 12.64 -4.42
CA THR B 169 33.58 12.61 -5.80
C THR B 169 32.55 13.18 -6.78
N TYR B 170 31.25 12.94 -6.54
CA TYR B 170 30.13 13.33 -7.44
C TYR B 170 29.67 14.77 -7.15
N ARG B 171 30.32 15.48 -6.22
CA ARG B 171 29.95 16.87 -5.82
C ARG B 171 29.94 17.78 -7.07
N THR B 172 29.04 18.77 -7.09
CA THR B 172 28.96 19.84 -8.12
C THR B 172 28.35 21.09 -7.51
N GLY B 173 28.61 22.27 -8.08
CA GLY B 173 28.07 23.56 -7.61
C GLY B 173 28.51 23.88 -6.20
N ASN B 174 27.56 24.04 -5.27
CA ASN B 174 27.78 24.54 -3.89
C ASN B 174 27.95 23.38 -2.90
N ASP B 175 27.90 22.14 -3.37
CA ASP B 175 28.14 20.93 -2.54
C ASP B 175 29.48 21.10 -1.81
N GLY B 176 29.65 20.41 -0.67
CA GLY B 176 30.94 20.25 0.04
C GLY B 176 31.67 19.02 -0.43
N ALA B 177 32.90 18.82 0.04
CA ALA B 177 33.86 17.79 -0.42
C ALA B 177 33.72 16.47 0.37
N HIS B 178 33.09 16.50 1.55
CA HIS B 178 33.22 15.42 2.57
C HIS B 178 31.85 14.94 3.07
N ILE B 179 31.67 13.62 3.11
CA ILE B 179 30.44 12.93 3.62
C ILE B 179 30.82 12.06 4.81
N PRO B 180 30.66 12.54 6.07
CA PRO B 180 30.89 11.70 7.24
C PRO B 180 29.72 10.71 7.44
N ILE B 181 30.04 9.43 7.63
CA ILE B 181 29.03 8.36 7.88
C ILE B 181 29.51 7.47 9.03
N TYR B 182 28.59 6.72 9.63
CA TYR B 182 28.86 5.69 10.67
C TYR B 182 28.65 4.30 10.04
N ILE B 183 29.69 3.47 10.08
CA ILE B 183 29.65 2.05 9.63
C ILE B 183 29.78 1.17 10.88
N ARG B 184 28.92 0.15 10.99
CA ARG B 184 28.99 -0.90 12.04
C ARG B 184 28.80 -2.26 11.36
N THR B 185 29.82 -3.13 11.43
CA THR B 185 29.84 -4.46 10.76
C THR B 185 29.65 -5.55 11.81
N PRO B 186 28.83 -6.59 11.51
CA PRO B 186 28.59 -7.67 12.47
C PRO B 186 29.78 -8.62 12.56
N ALA B 187 29.85 -9.40 13.65
CA ALA B 187 30.89 -10.42 13.91
C ALA B 187 30.95 -11.42 12.74
N GLY B 188 32.10 -11.50 12.07
CA GLY B 188 32.39 -12.51 11.03
C GLY B 188 32.26 -11.97 9.62
N ALA B 189 31.90 -10.70 9.46
CA ALA B 189 31.79 -10.00 8.15
C ALA B 189 33.18 -9.88 7.53
N ASP B 190 33.46 -10.71 6.51
CA ASP B 190 34.79 -10.81 5.84
C ASP B 190 34.61 -10.59 4.34
N GLN B 191 35.73 -10.43 3.61
CA GLN B 191 35.78 -10.26 2.13
C GLN B 191 35.30 -11.55 1.46
N SER B 192 35.46 -12.70 2.13
CA SER B 192 35.00 -14.03 1.67
C SER B 192 33.47 -14.14 1.78
N ASN B 193 32.90 -13.63 2.89
CA ASN B 193 31.45 -13.75 3.23
C ASN B 193 30.88 -12.36 3.49
N PRO B 194 30.76 -11.49 2.46
CA PRO B 194 30.26 -10.12 2.67
C PRO B 194 28.79 -10.11 3.10
N VAL B 195 28.41 -9.10 3.91
CA VAL B 195 27.08 -9.04 4.59
C VAL B 195 26.19 -8.03 3.89
N PRO B 196 24.85 -8.24 3.89
CA PRO B 196 23.91 -7.21 3.43
C PRO B 196 24.04 -5.89 4.19
N ILE B 197 23.68 -4.78 3.54
CA ILE B 197 23.80 -3.40 4.10
C ILE B 197 22.39 -2.83 4.35
N VAL B 198 22.17 -2.27 5.54
CA VAL B 198 21.01 -1.36 5.80
C VAL B 198 21.58 0.05 5.93
N LEU B 199 21.34 0.89 4.91
CA LEU B 199 21.79 2.31 4.92
C LEU B 199 20.67 3.15 5.55
N ILE B 200 20.90 3.63 6.77
CA ILE B 200 19.95 4.55 7.46
C ILE B 200 20.18 5.97 6.91
N MET B 201 19.08 6.69 6.68
CA MET B 201 19.04 8.10 6.23
C MET B 201 18.30 8.90 7.31
N THR B 202 19.04 9.69 8.09
CA THR B 202 18.59 10.31 9.36
C THR B 202 17.70 11.51 9.01
N GLY B 203 17.23 12.28 10.00
CA GLY B 203 16.19 13.31 9.78
C GLY B 203 16.57 14.69 10.30
N LEU B 204 15.53 15.48 10.64
CA LEU B 204 15.61 16.92 11.01
C LEU B 204 16.32 17.12 12.36
N ASP B 205 16.02 16.28 13.36
CA ASP B 205 16.54 16.39 14.75
C ASP B 205 17.46 15.21 15.10
N GLY B 206 17.43 14.13 14.32
CA GLY B 206 18.26 12.93 14.52
C GLY B 206 19.39 12.86 13.52
N TYR B 207 20.64 12.74 13.99
CA TYR B 207 21.85 12.68 13.13
C TYR B 207 22.55 11.33 13.38
N ARG B 208 23.74 11.13 12.81
CA ARG B 208 24.37 9.79 12.75
C ARG B 208 24.52 9.15 14.13
N PRO B 209 24.81 9.89 15.25
CA PRO B 209 24.96 9.26 16.56
C PRO B 209 23.69 8.70 17.23
N ASP B 210 22.50 8.93 16.67
CA ASP B 210 21.21 8.75 17.38
C ASP B 210 20.49 7.49 16.88
N ASN B 211 21.22 6.40 16.67
CA ASN B 211 20.70 5.18 15.99
C ASN B 211 21.26 3.90 16.63
N SER B 212 21.76 3.96 17.87
CA SER B 212 22.38 2.82 18.59
C SER B 212 21.50 1.56 18.44
N GLN B 213 20.23 1.68 18.85
CA GLN B 213 19.28 0.54 18.93
C GLN B 213 19.00 -0.01 17.53
N ARG B 214 18.91 0.84 16.50
CA ARG B 214 18.71 0.39 15.09
C ARG B 214 19.94 -0.44 14.67
N THR B 215 21.17 -0.03 15.02
CA THR B 215 22.41 -0.73 14.61
C THR B 215 22.53 -2.07 15.35
N HIS B 216 22.11 -2.14 16.61
CA HIS B 216 22.04 -3.39 17.43
C HIS B 216 21.14 -4.41 16.73
N GLU B 217 19.96 -3.98 16.28
CA GLU B 217 18.94 -4.84 15.61
C GLU B 217 19.46 -5.29 14.23
N ILE B 218 20.08 -4.37 13.48
CA ILE B 218 20.62 -4.62 12.11
C ILE B 218 21.76 -5.65 12.21
N LEU B 219 22.65 -5.51 13.21
CA LEU B 219 23.80 -6.44 13.40
C LEU B 219 23.32 -7.82 13.88
N ALA B 220 22.28 -7.87 14.72
CA ALA B 220 21.71 -9.10 15.29
C ALA B 220 21.21 -10.03 14.18
N ARG B 221 20.80 -9.45 13.04
CA ARG B 221 20.27 -10.19 11.86
C ARG B 221 21.41 -10.45 10.86
N GLY B 222 22.67 -10.26 11.28
CA GLY B 222 23.87 -10.55 10.47
C GLY B 222 24.10 -9.54 9.35
N TRP B 223 23.53 -8.34 9.46
CA TRP B 223 23.64 -7.27 8.43
C TRP B 223 24.59 -6.17 8.91
N ALA B 224 25.16 -5.42 7.95
CA ALA B 224 25.92 -4.18 8.19
C ALA B 224 24.91 -3.04 8.40
N ALA B 225 25.25 -2.08 9.27
CA ALA B 225 24.49 -0.82 9.48
C ALA B 225 25.37 0.36 9.06
N VAL B 226 24.90 1.17 8.10
CA VAL B 226 25.56 2.42 7.63
C VAL B 226 24.62 3.60 7.91
N VAL B 227 25.13 4.73 8.40
CA VAL B 227 24.28 5.90 8.80
C VAL B 227 24.82 7.17 8.12
N ALA B 228 24.00 7.82 7.29
CA ALA B 228 24.34 9.07 6.56
C ALA B 228 23.24 10.11 6.77
N GLU B 229 23.62 11.38 6.91
CA GLU B 229 22.70 12.53 7.14
C GLU B 229 22.14 13.05 5.80
N ILE B 230 21.01 13.76 5.86
CA ILE B 230 20.26 14.19 4.64
C ILE B 230 20.63 15.63 4.28
N PRO B 231 20.53 16.01 2.99
CA PRO B 231 20.73 17.38 2.54
C PRO B 231 20.01 18.36 3.46
N GLY B 232 20.74 19.37 3.97
CA GLY B 232 20.21 20.46 4.81
C GLY B 232 20.30 20.18 6.30
N THR B 233 21.01 19.12 6.70
CA THR B 233 21.15 18.72 8.12
C THR B 233 22.62 18.44 8.42
N ALA B 234 23.03 18.74 9.66
CA ALA B 234 24.23 18.20 10.35
C ALA B 234 25.46 18.36 9.44
N ASP B 235 26.12 17.26 9.06
CA ASP B 235 27.42 17.28 8.35
C ASP B 235 27.24 16.82 6.89
N CYS B 236 26.03 16.96 6.34
CA CYS B 236 25.74 16.58 4.93
C CYS B 236 26.29 17.64 3.99
N PRO B 237 27.24 17.31 3.08
CA PRO B 237 27.80 18.29 2.16
C PRO B 237 26.87 18.66 0.99
N ALA B 238 25.74 17.96 0.84
CA ALA B 238 24.78 18.16 -0.26
C ALA B 238 24.25 19.60 -0.21
N ASP B 239 24.29 20.30 -1.35
CA ASP B 239 23.64 21.63 -1.54
C ASP B 239 22.14 21.48 -1.28
N PRO B 240 21.61 22.00 -0.16
CA PRO B 240 20.22 21.73 0.22
C PRO B 240 19.20 22.50 -0.63
N ALA B 241 19.65 23.51 -1.39
CA ALA B 241 18.81 24.36 -2.27
C ALA B 241 18.61 23.71 -3.65
N ASP B 242 19.39 22.66 -3.98
CA ASP B 242 19.37 21.95 -5.28
C ASP B 242 18.69 20.60 -5.10
N PRO B 243 17.42 20.44 -5.56
CA PRO B 243 16.72 19.16 -5.50
C PRO B 243 17.56 17.93 -5.92
N ALA B 244 18.48 18.11 -6.87
CA ALA B 244 19.33 17.05 -7.49
C ALA B 244 20.49 16.64 -6.57
N SER B 245 20.72 17.36 -5.47
CA SER B 245 21.94 17.21 -4.61
C SER B 245 21.98 15.85 -3.90
N PRO B 246 20.86 15.32 -3.35
CA PRO B 246 20.87 13.99 -2.74
C PRO B 246 21.25 12.87 -3.72
N ASP B 247 20.87 13.02 -5.00
CA ASP B 247 21.15 12.02 -6.07
C ASP B 247 22.68 11.87 -6.19
N ARG B 248 23.40 13.00 -6.21
CA ARG B 248 24.88 13.08 -6.22
C ARG B 248 25.46 12.53 -4.91
N LEU B 249 24.83 12.89 -3.78
CA LEU B 249 25.20 12.40 -2.42
C LEU B 249 25.18 10.87 -2.39
N TRP B 250 24.11 10.22 -2.90
CA TRP B 250 23.97 8.75 -2.82
C TRP B 250 24.89 8.06 -3.84
N ASP B 251 25.22 8.74 -4.95
CA ASP B 251 26.19 8.24 -5.96
C ASP B 251 27.54 8.03 -5.27
N SER B 252 27.99 9.02 -4.49
CA SER B 252 29.28 9.00 -3.74
C SER B 252 29.24 7.92 -2.65
N VAL B 253 28.19 7.89 -1.83
CA VAL B 253 28.03 6.94 -0.69
C VAL B 253 27.99 5.50 -1.22
N LEU B 254 27.07 5.17 -2.13
CA LEU B 254 26.92 3.80 -2.70
C LEU B 254 28.22 3.38 -3.39
N SER B 255 28.83 4.30 -4.16
CA SER B 255 30.14 4.11 -4.84
C SER B 255 31.21 3.68 -3.83
N TYR B 256 31.27 4.32 -2.66
CA TYR B 256 32.24 3.99 -1.60
C TYR B 256 31.96 2.58 -1.07
N LEU B 257 30.67 2.26 -0.84
CA LEU B 257 30.23 0.96 -0.28
C LEU B 257 30.50 -0.16 -1.30
N ASP B 258 30.36 0.12 -2.60
CA ASP B 258 30.64 -0.84 -3.71
C ASP B 258 32.05 -1.40 -3.56
N GLN B 259 33.01 -0.54 -3.17
CA GLN B 259 34.47 -0.84 -3.14
C GLN B 259 34.90 -1.37 -1.77
N ARG B 260 33.97 -1.47 -0.80
CA ARG B 260 34.23 -2.08 0.54
C ARG B 260 34.02 -3.60 0.44
N PRO B 261 35.10 -4.41 0.52
CA PRO B 261 35.03 -5.85 0.23
C PRO B 261 34.00 -6.64 1.04
N GLU B 262 33.79 -6.28 2.32
CA GLU B 262 33.00 -7.06 3.31
C GLU B 262 31.52 -6.61 3.32
N LEU B 263 31.12 -5.70 2.43
CA LEU B 263 29.73 -5.17 2.34
C LEU B 263 29.17 -5.51 0.94
N ASN B 264 28.06 -6.27 0.90
CA ASN B 264 27.39 -6.75 -0.33
C ASN B 264 26.31 -5.73 -0.73
N THR B 265 26.59 -4.90 -1.75
CA THR B 265 25.71 -3.81 -2.24
C THR B 265 24.63 -4.38 -3.16
N ALA B 266 24.74 -5.66 -3.56
CA ALA B 266 23.70 -6.42 -4.29
C ALA B 266 22.52 -6.70 -3.37
N LYS B 267 22.74 -6.68 -2.04
CA LYS B 267 21.70 -6.87 -0.99
C LYS B 267 21.68 -5.65 -0.06
N MET B 268 21.17 -4.51 -0.55
CA MET B 268 21.18 -3.21 0.17
C MET B 268 19.75 -2.68 0.30
N VAL B 269 19.38 -2.20 1.49
CA VAL B 269 18.09 -1.49 1.75
C VAL B 269 18.44 -0.10 2.29
N VAL B 270 17.55 0.88 2.05
CA VAL B 270 17.66 2.25 2.62
C VAL B 270 16.48 2.45 3.59
N TRP B 271 16.74 3.10 4.73
CA TRP B 271 15.76 3.36 5.83
C TRP B 271 15.75 4.87 6.11
N GLY B 272 14.70 5.56 5.66
CA GLY B 272 14.53 7.00 5.80
C GLY B 272 13.73 7.35 7.04
N LEU B 273 14.38 8.01 8.01
CA LEU B 273 13.70 8.33 9.27
C LEU B 273 13.15 9.76 9.23
N SER B 274 11.84 9.93 9.42
CA SER B 274 11.26 11.26 9.51
C SER B 274 11.57 12.10 8.27
N ALA B 275 12.34 13.18 8.46
CA ALA B 275 12.74 14.03 7.32
C ALA B 275 13.52 13.17 6.32
N GLY B 276 14.20 12.13 6.83
CA GLY B 276 14.94 11.20 5.95
C GLY B 276 13.99 10.45 5.03
N GLY B 277 12.78 10.17 5.51
CA GLY B 277 11.73 9.47 4.72
C GLY B 277 11.66 9.93 3.28
N TYR B 278 11.65 11.25 3.05
CA TYR B 278 11.64 11.88 1.69
C TYR B 278 12.76 11.29 0.81
N TYR B 279 13.94 11.09 1.38
CA TYR B 279 15.20 10.71 0.67
C TYR B 279 15.27 9.20 0.45
N ALA B 280 14.55 8.40 1.25
CA ALA B 280 14.35 6.96 1.02
C ALA B 280 13.42 6.77 -0.19
N ILE B 281 12.32 7.52 -0.26
CA ILE B 281 11.36 7.51 -1.40
C ILE B 281 12.13 7.94 -2.67
N ARG B 282 12.77 9.11 -2.62
CA ARG B 282 13.51 9.68 -3.77
C ARG B 282 14.50 8.62 -4.29
N ALA B 283 15.33 8.08 -3.38
CA ALA B 283 16.37 7.06 -3.66
C ALA B 283 15.74 5.81 -4.28
N ALA B 284 14.58 5.37 -3.77
CA ALA B 284 13.89 4.14 -4.21
C ALA B 284 13.58 4.22 -5.71
N HIS B 285 13.47 5.44 -6.25
CA HIS B 285 13.29 5.78 -7.69
C HIS B 285 14.64 6.05 -8.38
N THR B 286 15.50 6.89 -7.78
CA THR B 286 16.75 7.39 -8.42
C THR B 286 17.79 6.26 -8.49
N HIS B 287 17.77 5.31 -7.55
CA HIS B 287 18.77 4.23 -7.44
C HIS B 287 18.08 2.87 -7.32
N ARG B 288 16.96 2.69 -8.04
CA ARG B 288 16.17 1.44 -8.07
C ARG B 288 17.06 0.27 -8.51
N ASP B 289 18.03 0.53 -9.38
CA ASP B 289 18.97 -0.50 -9.93
C ASP B 289 19.96 -0.96 -8.84
N ARG B 290 20.16 -0.17 -7.78
CA ARG B 290 21.23 -0.41 -6.76
C ARG B 290 20.64 -0.65 -5.37
N LEU B 291 19.33 -0.93 -5.27
CA LEU B 291 18.65 -1.20 -3.97
C LEU B 291 17.67 -2.36 -4.16
N LEU B 292 17.62 -3.28 -3.19
CA LEU B 292 16.61 -4.36 -3.10
C LEU B 292 15.31 -3.78 -2.52
N GLY B 293 15.41 -2.69 -1.76
CA GLY B 293 14.22 -2.00 -1.22
C GLY B 293 14.55 -0.72 -0.47
N ALA B 294 13.50 -0.07 0.03
CA ALA B 294 13.55 1.14 0.89
C ALA B 294 12.42 1.07 1.91
N ILE B 295 12.61 1.69 3.07
CA ILE B 295 11.53 1.98 4.07
C ILE B 295 11.52 3.50 4.28
N ALA B 296 10.35 4.13 4.10
CA ALA B 296 10.12 5.55 4.41
C ALA B 296 9.26 5.64 5.68
N HIS B 297 9.83 6.14 6.78
CA HIS B 297 9.25 6.15 8.14
C HIS B 297 8.76 7.57 8.49
N GLY B 298 7.44 7.79 8.49
CA GLY B 298 6.80 9.11 8.63
C GLY B 298 7.20 10.08 7.53
N PRO B 299 7.08 9.71 6.24
CA PRO B 299 7.61 10.56 5.18
C PRO B 299 6.68 11.58 4.52
N GLY B 300 7.27 12.68 4.05
CA GLY B 300 6.58 13.71 3.27
C GLY B 300 7.19 13.76 1.88
N CYS B 301 6.39 14.01 0.85
CA CYS B 301 6.95 14.15 -0.52
C CYS B 301 6.19 15.20 -1.34
N HIS B 302 5.05 15.70 -0.85
CA HIS B 302 4.28 16.65 -1.68
C HIS B 302 3.42 17.60 -0.84
N TYR B 303 2.38 17.06 -0.20
CA TYR B 303 1.37 17.81 0.60
C TYR B 303 1.99 18.51 1.83
N TYR B 304 3.08 17.97 2.36
CA TYR B 304 3.75 18.54 3.57
C TYR B 304 4.24 19.96 3.29
N LEU B 305 4.46 20.27 2.01
CA LEU B 305 4.91 21.61 1.55
C LEU B 305 3.73 22.43 1.02
N ASP B 306 2.49 21.94 1.16
CA ASP B 306 1.27 22.70 0.77
C ASP B 306 1.12 23.87 1.74
N PRO B 307 0.99 25.13 1.28
CA PRO B 307 0.96 26.27 2.19
C PRO B 307 -0.15 26.17 3.24
N GLU B 308 -1.28 25.54 2.90
CA GLU B 308 -2.41 25.24 3.83
C GLU B 308 -1.87 24.42 5.00
N TRP B 309 -1.11 23.36 4.69
CA TRP B 309 -0.52 22.43 5.69
C TRP B 309 0.56 23.16 6.53
N LEU B 310 1.39 23.96 5.87
CA LEU B 310 2.53 24.71 6.49
C LEU B 310 2.01 25.82 7.40
N ALA B 311 0.77 26.27 7.18
CA ALA B 311 0.09 27.32 7.99
C ALA B 311 -0.19 26.80 9.41
N LYS B 312 -0.40 25.49 9.57
CA LYS B 312 -0.88 24.86 10.84
C LYS B 312 0.13 23.85 11.40
N VAL B 313 1.14 23.44 10.64
CA VAL B 313 2.08 22.34 11.01
C VAL B 313 2.68 22.62 12.41
N ASN B 314 2.93 23.89 12.74
CA ASN B 314 3.55 24.33 14.01
C ASN B 314 2.62 24.08 15.21
N ASP B 315 1.32 23.85 14.95
CA ASP B 315 0.27 23.75 16.00
C ASP B 315 0.06 22.28 16.40
N HIS B 316 0.85 21.35 15.86
CA HIS B 316 0.67 19.88 16.05
C HIS B 316 1.85 19.28 16.82
N GLU B 317 1.97 17.95 16.82
CA GLU B 317 2.67 17.16 17.87
C GLU B 317 4.17 17.45 17.91
N TYR B 318 4.77 18.09 16.91
CA TYR B 318 6.24 18.36 16.92
C TYR B 318 6.55 19.15 18.20
N PRO B 319 7.55 18.72 19.00
CA PRO B 319 7.80 19.32 20.32
C PRO B 319 7.94 20.86 20.36
N PHE B 320 8.39 21.48 19.27
CA PHE B 320 8.62 22.95 19.17
C PHE B 320 8.20 23.44 17.77
N GLU B 321 8.43 24.71 17.46
CA GLU B 321 8.28 25.30 16.09
C GLU B 321 9.18 24.54 15.11
N ILE B 322 8.65 24.11 13.96
CA ILE B 322 9.36 23.29 12.94
C ILE B 322 9.63 24.08 11.65
N THR B 323 8.89 25.16 11.36
CA THR B 323 8.89 25.83 10.03
C THR B 323 10.23 26.52 9.77
N ALA B 324 10.84 27.11 10.81
CA ALA B 324 12.14 27.82 10.71
C ALA B 324 13.23 26.82 10.30
N ALA B 325 13.29 25.67 10.97
CA ALA B 325 14.24 24.55 10.72
C ALA B 325 14.00 23.96 9.33
N TRP B 326 12.72 23.80 8.94
CA TRP B 326 12.30 23.30 7.61
C TRP B 326 12.81 24.25 6.52
N ALA B 327 12.58 25.56 6.68
CA ALA B 327 13.04 26.63 5.76
C ALA B 327 14.53 26.46 5.45
N THR B 328 15.39 26.39 6.49
CA THR B 328 16.87 26.33 6.35
C THR B 328 17.26 24.97 5.76
N LYS B 329 16.62 23.89 6.21
CA LYS B 329 16.87 22.50 5.74
C LYS B 329 16.65 22.40 4.22
N HIS B 330 15.71 23.18 3.65
CA HIS B 330 15.37 23.16 2.20
C HIS B 330 16.23 24.20 1.47
N GLY B 331 16.99 25.02 2.20
CA GLY B 331 18.02 25.92 1.65
C GLY B 331 17.48 27.29 1.32
N TYR B 332 16.39 27.70 1.96
CA TYR B 332 15.76 29.05 1.84
C TYR B 332 16.24 29.96 2.97
N LYS B 333 16.60 31.21 2.63
CA LYS B 333 17.07 32.24 3.59
C LYS B 333 15.92 32.70 4.50
N THR B 334 14.66 32.56 4.06
CA THR B 334 13.46 33.07 4.78
C THR B 334 12.34 32.01 4.81
N VAL B 335 11.46 32.11 5.81
CA VAL B 335 10.27 31.22 6.01
C VAL B 335 9.23 31.57 4.93
N GLU B 336 9.02 32.87 4.68
CA GLU B 336 8.04 33.40 3.69
C GLU B 336 8.30 32.75 2.32
N GLU B 337 9.57 32.73 1.88
CA GLU B 337 9.97 32.23 0.54
C GLU B 337 9.92 30.70 0.50
N PHE B 338 10.17 30.02 1.64
CA PHE B 338 10.02 28.55 1.78
C PHE B 338 8.57 28.17 1.44
N VAL B 339 7.63 28.68 2.24
CA VAL B 339 6.16 28.42 2.09
C VAL B 339 5.76 28.68 0.63
N ALA B 340 6.23 29.80 0.05
CA ALA B 340 5.86 30.27 -1.31
C ALA B 340 6.25 29.25 -2.37
N GLY B 341 7.49 28.75 -2.36
CA GLY B 341 8.12 28.08 -3.52
C GLY B 341 8.60 26.65 -3.27
N ALA B 342 8.45 26.11 -2.07
CA ALA B 342 9.02 24.78 -1.69
C ALA B 342 8.33 23.65 -2.45
N GLN B 343 6.99 23.64 -2.50
CA GLN B 343 6.22 22.52 -3.09
C GLN B 343 6.68 22.29 -4.54
N LYS B 344 6.49 23.28 -5.41
CA LYS B 344 6.72 23.17 -6.88
C LYS B 344 8.17 22.72 -7.14
N LYS B 345 9.11 23.09 -6.26
CA LYS B 345 10.56 22.83 -6.45
C LYS B 345 10.95 21.45 -5.91
N PHE B 346 10.49 21.10 -4.70
CA PHE B 346 10.97 19.90 -3.96
C PHE B 346 10.00 18.72 -4.04
N SER B 347 8.71 18.96 -4.33
CA SER B 347 7.69 17.88 -4.40
C SER B 347 8.16 16.80 -5.37
N LEU B 348 8.13 15.54 -4.93
CA LEU B 348 8.51 14.36 -5.75
C LEU B 348 7.35 14.01 -6.68
N VAL B 349 6.15 14.51 -6.37
CA VAL B 349 4.95 14.36 -7.24
C VAL B 349 5.02 15.43 -8.34
N GLU B 350 5.13 16.71 -7.97
CA GLU B 350 5.07 17.84 -8.94
C GLU B 350 6.25 17.76 -9.92
N THR B 351 7.43 17.36 -9.45
CA THR B 351 8.67 17.27 -10.29
C THR B 351 8.69 15.95 -11.10
N GLY B 352 7.80 14.99 -10.78
CA GLY B 352 7.54 13.79 -11.60
C GLY B 352 8.50 12.65 -11.29
N ILE B 353 9.19 12.71 -10.15
CA ILE B 353 10.09 11.62 -9.65
C ILE B 353 9.25 10.35 -9.39
N VAL B 354 8.01 10.52 -8.91
CA VAL B 354 7.10 9.39 -8.56
C VAL B 354 6.59 8.67 -9.82
N ASP B 355 6.72 9.28 -11.02
CA ASP B 355 6.16 8.72 -12.27
C ASP B 355 7.17 7.76 -12.92
N GLN B 356 8.38 7.66 -12.36
CA GLN B 356 9.38 6.61 -12.70
C GLN B 356 9.04 5.33 -11.91
N PRO B 357 9.61 4.17 -12.29
CA PRO B 357 9.58 2.97 -11.44
C PRO B 357 10.51 3.07 -10.23
N SER B 358 10.31 2.20 -9.23
CA SER B 358 11.08 2.20 -7.95
C SER B 358 11.28 0.76 -7.44
N CYS B 359 12.25 0.56 -6.55
CA CYS B 359 12.45 -0.71 -5.80
C CYS B 359 11.31 -0.85 -4.79
N ARG B 360 11.18 -2.01 -4.14
CA ARG B 360 10.15 -2.23 -3.09
C ARG B 360 10.28 -1.09 -2.07
N LEU B 361 9.17 -0.38 -1.82
CA LEU B 361 9.13 0.78 -0.90
C LEU B 361 8.05 0.54 0.15
N LEU B 362 8.47 0.30 1.40
CA LEU B 362 7.57 0.21 2.58
C LEU B 362 7.34 1.61 3.14
N LEU B 363 6.09 2.07 3.09
CA LEU B 363 5.63 3.32 3.76
C LEU B 363 5.07 2.98 5.15
N LEU B 364 5.54 3.66 6.21
CA LEU B 364 5.05 3.45 7.60
C LEU B 364 4.72 4.80 8.23
N ASN B 365 3.59 4.89 8.94
CA ASN B 365 3.18 6.16 9.60
C ASN B 365 1.93 5.97 10.46
N GLY B 366 1.79 6.86 11.45
CA GLY B 366 0.53 7.15 12.14
C GLY B 366 -0.42 7.88 11.21
N VAL B 367 -1.70 7.50 11.21
CA VAL B 367 -2.72 8.03 10.26
C VAL B 367 -3.06 9.47 10.67
N ASP B 368 -2.99 9.79 11.97
CA ASP B 368 -3.22 11.14 12.52
C ASP B 368 -1.89 11.89 12.68
N ASP B 369 -1.03 11.82 11.67
CA ASP B 369 0.25 12.60 11.63
C ASP B 369 -0.09 14.05 11.32
N GLY B 370 0.36 14.97 12.18
CA GLY B 370 0.14 16.43 12.09
C GLY B 370 1.43 17.18 11.78
N VAL B 371 2.53 16.45 11.56
CA VAL B 371 3.83 17.02 11.08
C VAL B 371 3.91 16.87 9.55
N VAL B 372 3.73 15.66 9.01
CA VAL B 372 3.54 15.42 7.55
C VAL B 372 2.22 14.68 7.35
N PRO B 373 1.43 15.00 6.30
CA PRO B 373 0.12 14.38 6.11
C PRO B 373 0.23 12.90 5.68
N ILE B 374 -0.68 12.06 6.16
CA ILE B 374 -0.78 10.62 5.75
C ILE B 374 -1.02 10.54 4.23
N GLU B 375 -1.67 11.57 3.65
CA GLU B 375 -1.84 11.77 2.18
C GLU B 375 -0.53 11.59 1.41
N ASP B 376 0.62 11.90 2.02
CA ASP B 376 1.96 11.82 1.35
C ASP B 376 2.40 10.34 1.26
N CYS B 377 1.87 9.47 2.11
CA CYS B 377 2.03 8.00 1.97
C CYS B 377 1.07 7.51 0.87
N LEU B 378 -0.20 7.90 0.97
CA LEU B 378 -1.31 7.40 0.10
C LEU B 378 -1.10 7.82 -1.36
N VAL B 379 -0.64 9.05 -1.63
CA VAL B 379 -0.47 9.57 -3.02
C VAL B 379 0.47 8.66 -3.82
N LEU B 380 1.43 8.01 -3.16
CA LEU B 380 2.45 7.17 -3.85
C LEU B 380 1.82 5.94 -4.51
N PHE B 381 0.65 5.50 -4.04
CA PHE B 381 -0.11 4.36 -4.62
C PHE B 381 -0.71 4.74 -5.98
N GLU B 382 -0.72 6.02 -6.35
CA GLU B 382 -1.35 6.51 -7.61
C GLU B 382 -0.29 6.77 -8.70
N HIS B 383 1.00 6.52 -8.43
CA HIS B 383 2.12 6.78 -9.36
C HIS B 383 3.05 5.56 -9.43
N GLY B 384 3.61 5.27 -10.62
CA GLY B 384 4.76 4.36 -10.81
C GLY B 384 4.49 2.93 -10.38
N SER B 385 5.41 2.32 -9.62
CA SER B 385 5.35 0.89 -9.24
C SER B 385 4.42 0.72 -8.04
N PRO B 386 3.90 -0.49 -7.80
CA PRO B 386 3.24 -0.80 -6.52
C PRO B 386 4.14 -0.42 -5.35
N LYS B 387 3.56 0.25 -4.35
CA LYS B 387 4.20 0.53 -3.05
C LYS B 387 3.66 -0.45 -2.01
N GLU B 388 4.30 -0.52 -0.84
N GLU B 388 4.33 -0.57 -0.86
CA GLU B 388 3.84 -1.30 0.34
CA GLU B 388 3.85 -1.28 0.34
C GLU B 388 3.67 -0.33 1.52
C GLU B 388 3.56 -0.24 1.41
N GLY B 389 2.63 -0.53 2.33
CA GLY B 389 2.22 0.41 3.39
C GLY B 389 1.57 -0.28 4.57
N ARG B 390 1.87 0.19 5.79
CA ARG B 390 1.17 -0.12 7.06
C ARG B 390 1.04 1.20 7.84
N PHE B 391 -0.18 1.72 7.93
CA PHE B 391 -0.50 3.02 8.58
C PHE B 391 -1.36 2.74 9.81
N TYR B 392 -1.01 3.36 10.94
CA TYR B 392 -1.54 3.03 12.27
C TYR B 392 -2.67 4.01 12.61
N LYS B 393 -3.83 3.46 12.96
CA LYS B 393 -5.07 4.20 13.32
C LYS B 393 -4.79 5.07 14.56
N GLY B 394 -5.06 6.37 14.47
CA GLY B 394 -5.14 7.28 15.62
C GLY B 394 -3.81 7.84 16.07
N LEU B 395 -2.68 7.32 15.56
CA LEU B 395 -1.32 7.62 16.09
C LEU B 395 -0.71 8.82 15.37
N PRO B 396 0.11 9.63 16.06
CA PRO B 396 0.76 10.78 15.44
C PRO B 396 2.00 10.40 14.62
N HIS B 397 2.75 11.41 14.15
CA HIS B 397 3.98 11.29 13.33
C HIS B 397 4.81 10.07 13.78
N MET B 398 5.17 9.22 12.81
CA MET B 398 6.06 8.02 12.93
C MET B 398 5.29 6.79 13.43
N GLY B 399 4.14 6.98 14.11
CA GLY B 399 3.36 5.89 14.71
C GLY B 399 4.21 4.91 15.53
N TYR B 400 5.10 5.43 16.40
CA TYR B 400 5.91 4.64 17.37
C TYR B 400 5.07 4.27 18.59
N PRO B 401 5.35 3.15 19.29
CA PRO B 401 6.37 2.17 18.89
C PRO B 401 5.85 1.06 17.95
N ASN B 402 4.57 1.16 17.57
CA ASN B 402 3.83 0.15 16.77
C ASN B 402 4.58 -0.15 15.45
N SER B 403 5.31 0.83 14.91
CA SER B 403 5.88 0.81 13.53
C SER B 403 7.29 0.22 13.48
N LEU B 404 7.87 -0.19 14.63
CA LEU B 404 9.29 -0.61 14.73
C LEU B 404 9.44 -2.10 14.40
N PRO B 405 8.68 -3.03 15.00
CA PRO B 405 8.90 -4.46 14.78
C PRO B 405 8.67 -4.84 13.31
N VAL B 406 7.58 -4.34 12.72
CA VAL B 406 7.20 -4.53 11.29
C VAL B 406 8.42 -4.18 10.41
N SER B 407 9.19 -3.15 10.78
CA SER B 407 10.39 -2.68 10.03
C SER B 407 11.38 -3.83 9.85
N TYR B 408 11.70 -4.56 10.93
CA TYR B 408 12.76 -5.60 10.93
C TYR B 408 12.23 -6.89 10.28
N GLU B 409 10.93 -7.18 10.46
CA GLU B 409 10.24 -8.31 9.79
C GLU B 409 10.34 -8.14 8.27
N TRP B 410 10.16 -6.92 7.75
CA TRP B 410 10.19 -6.60 6.29
C TRP B 410 11.62 -6.69 5.75
N LEU B 411 12.59 -6.12 6.48
CA LEU B 411 14.04 -6.22 6.12
C LEU B 411 14.42 -7.70 6.01
N GLU B 412 13.92 -8.54 6.92
CA GLU B 412 14.19 -10.00 6.97
C GLU B 412 13.65 -10.68 5.70
N GLN B 413 12.52 -10.20 5.17
CA GLN B 413 11.91 -10.74 3.92
CA GLN B 413 11.90 -10.73 3.92
C GLN B 413 12.76 -10.32 2.71
N VAL B 414 12.95 -9.00 2.53
CA VAL B 414 13.69 -8.38 1.40
C VAL B 414 15.11 -8.94 1.38
N LEU B 415 15.82 -8.93 2.52
CA LEU B 415 17.25 -9.30 2.60
C LEU B 415 17.43 -10.80 2.84
N ALA B 416 16.39 -11.62 2.67
CA ALA B 416 16.42 -13.09 2.89
C ALA B 416 17.32 -13.74 1.82
N SER B 417 18.05 -14.79 2.21
CA SER B 417 18.88 -15.65 1.33
C SER B 417 18.15 -16.97 1.06
N ARG C 20 9.25 -31.13 52.09
CA ARG C 20 9.24 -29.77 52.72
C ARG C 20 7.84 -29.13 52.62
N TRP C 21 7.20 -29.23 51.44
CA TRP C 21 5.92 -28.53 51.13
C TRP C 21 4.72 -29.29 51.73
N ILE C 22 3.75 -28.57 52.30
CA ILE C 22 2.49 -29.15 52.86
C ILE C 22 1.81 -29.99 51.76
N LEU C 23 1.99 -29.62 50.49
CA LEU C 23 1.45 -30.38 49.33
C LEU C 23 1.95 -31.83 49.38
N GLY C 24 3.15 -32.07 49.93
CA GLY C 24 3.70 -33.40 50.19
C GLY C 24 4.05 -34.16 48.93
N ASP C 25 3.65 -35.43 48.85
CA ASP C 25 4.00 -36.38 47.75
C ASP C 25 3.65 -35.77 46.38
N LYS C 26 2.48 -35.13 46.27
CA LYS C 26 1.92 -34.58 45.00
C LYS C 26 2.92 -33.60 44.35
N PHE C 27 3.73 -32.90 45.16
CA PHE C 27 4.71 -31.88 44.72
C PHE C 27 5.66 -32.48 43.67
N ASP C 28 6.17 -33.69 43.91
CA ASP C 28 7.22 -34.36 43.10
C ASP C 28 6.61 -35.14 41.93
N THR C 29 5.35 -34.88 41.58
CA THR C 29 4.62 -35.59 40.50
C THR C 29 4.68 -34.78 39.19
N VAL C 30 4.28 -35.44 38.10
CA VAL C 30 3.94 -34.81 36.79
C VAL C 30 2.47 -35.13 36.52
N PHE C 31 1.59 -34.13 36.61
CA PHE C 31 0.11 -34.27 36.47
C PHE C 31 -0.23 -34.76 35.07
N PRO C 32 -1.27 -35.61 34.90
CA PRO C 32 -1.50 -36.34 33.65
C PRO C 32 -1.78 -35.46 32.42
N HIS C 33 -2.28 -34.24 32.62
CA HIS C 33 -2.71 -33.31 31.55
C HIS C 33 -1.52 -32.50 31.01
N LYS C 34 -0.37 -32.52 31.70
CA LYS C 34 0.83 -31.71 31.34
C LYS C 34 1.28 -32.08 29.92
N GLY C 35 1.17 -31.13 28.98
CA GLY C 35 1.59 -31.29 27.58
C GLY C 35 0.57 -32.07 26.76
N SER C 36 -0.61 -32.35 27.32
CA SER C 36 -1.67 -33.18 26.70
C SER C 36 -3.03 -32.47 26.80
N LEU C 37 -3.35 -31.62 25.82
CA LEU C 37 -4.65 -30.91 25.73
C LEU C 37 -5.80 -31.93 25.69
N LYS C 38 -5.56 -33.11 25.12
CA LYS C 38 -6.53 -34.24 25.05
C LYS C 38 -6.90 -34.68 26.47
N VAL C 39 -5.90 -34.96 27.32
CA VAL C 39 -6.12 -35.37 28.74
C VAL C 39 -6.77 -34.20 29.50
N LEU C 40 -6.28 -32.98 29.31
CA LEU C 40 -6.84 -31.77 29.98
C LEU C 40 -8.35 -31.71 29.73
N TRP C 41 -8.75 -31.75 28.46
CA TRP C 41 -10.18 -31.65 28.09
C TRP C 41 -10.98 -32.83 28.66
N GLU C 42 -10.47 -34.05 28.46
CA GLU C 42 -11.18 -35.28 28.88
C GLU C 42 -11.27 -35.40 30.40
N SER C 43 -10.17 -35.16 31.11
CA SER C 43 -10.16 -35.38 32.59
C SER C 43 -10.69 -34.18 33.37
N ARG C 44 -10.70 -32.97 32.79
CA ARG C 44 -11.09 -31.80 33.60
C ARG C 44 -12.01 -30.81 32.89
N TRP C 45 -11.51 -30.16 31.84
CA TRP C 45 -12.22 -29.04 31.14
C TRP C 45 -13.58 -29.43 30.56
N LYS C 46 -13.72 -30.64 30.03
CA LYS C 46 -15.03 -31.12 29.47
C LYS C 46 -16.12 -30.95 30.53
N PHE C 47 -15.87 -31.43 31.77
CA PHE C 47 -16.85 -31.42 32.90
C PHE C 47 -17.11 -29.97 33.34
N ALA C 48 -16.04 -29.16 33.46
CA ALA C 48 -16.10 -27.73 33.84
C ALA C 48 -16.94 -26.94 32.83
N CYS C 49 -16.71 -27.17 31.53
CA CYS C 49 -17.48 -26.57 30.40
C CYS C 49 -18.93 -27.06 30.48
N SER C 50 -19.13 -28.36 30.71
CA SER C 50 -20.46 -29.00 30.91
C SER C 50 -21.22 -28.27 32.03
N LYS C 51 -20.55 -27.98 33.15
CA LYS C 51 -21.13 -27.37 34.37
C LYS C 51 -21.22 -25.84 34.23
N SER C 52 -20.53 -25.27 33.23
CA SER C 52 -20.39 -23.81 33.02
CA SER C 52 -20.39 -23.81 33.02
C SER C 52 -19.72 -23.19 34.26
N VAL C 53 -18.68 -23.84 34.76
CA VAL C 53 -17.85 -23.36 35.91
C VAL C 53 -16.48 -22.98 35.36
N TYR C 54 -15.72 -22.20 36.13
CA TYR C 54 -14.42 -21.60 35.72
C TYR C 54 -13.57 -22.67 35.05
N PRO C 55 -12.87 -22.38 33.92
CA PRO C 55 -12.94 -21.07 33.25
C PRO C 55 -14.04 -20.89 32.19
N PHE C 56 -15.08 -21.73 32.22
CA PHE C 56 -16.19 -21.76 31.22
C PHE C 56 -17.45 -21.10 31.77
N HIS C 57 -17.31 -20.23 32.77
CA HIS C 57 -18.44 -19.45 33.38
C HIS C 57 -19.09 -18.60 32.29
N ASP C 58 -20.42 -18.70 32.15
CA ASP C 58 -21.25 -18.10 31.06
C ASP C 58 -21.18 -18.99 29.80
N GLY C 59 -20.47 -20.13 29.87
CA GLY C 59 -20.04 -20.91 28.70
C GLY C 59 -20.87 -22.16 28.49
N SER C 60 -21.17 -22.46 27.22
CA SER C 60 -22.05 -23.56 26.74
C SER C 60 -21.22 -24.61 26.02
N ILE C 61 -21.22 -25.85 26.53
CA ILE C 61 -20.51 -27.03 25.94
C ILE C 61 -20.80 -27.13 24.43
N GLU C 62 -21.98 -26.69 23.99
CA GLU C 62 -22.40 -26.63 22.55
C GLU C 62 -21.27 -26.02 21.72
N ASP C 63 -20.76 -24.87 22.17
CA ASP C 63 -19.80 -24.01 21.42
C ASP C 63 -18.42 -24.66 21.37
N PHE C 64 -18.06 -25.47 22.37
CA PHE C 64 -16.66 -25.91 22.64
C PHE C 64 -16.42 -27.37 22.23
N GLU C 65 -17.43 -28.24 22.23
CA GLU C 65 -17.23 -29.70 21.98
C GLU C 65 -16.51 -29.88 20.63
N PRO C 66 -16.98 -29.26 19.52
CA PRO C 66 -16.34 -29.44 18.21
C PRO C 66 -14.92 -28.84 18.12
N ILE C 67 -14.67 -27.74 18.84
CA ILE C 67 -13.33 -27.05 18.84
C ILE C 67 -12.31 -28.01 19.45
N PHE C 68 -12.56 -28.52 20.66
CA PHE C 68 -11.61 -29.37 21.41
C PHE C 68 -11.41 -30.70 20.67
N ASN C 69 -12.45 -31.18 19.96
CA ASN C 69 -12.36 -32.38 19.08
C ASN C 69 -11.39 -32.07 17.94
N HIS C 70 -11.47 -30.87 17.36
CA HIS C 70 -10.55 -30.37 16.29
C HIS C 70 -9.11 -30.43 16.80
N LEU C 71 -8.84 -29.81 17.96
CA LEU C 71 -7.48 -29.70 18.55
C LEU C 71 -6.91 -31.10 18.82
N ILE C 72 -7.68 -31.96 19.49
CA ILE C 72 -7.30 -33.37 19.79
C ILE C 72 -6.99 -34.10 18.48
N SER C 73 -7.84 -33.92 17.46
CA SER C 73 -7.69 -34.51 16.11
C SER C 73 -6.40 -34.02 15.45
N LYS C 74 -6.07 -32.73 15.63
CA LYS C 74 -4.91 -32.05 14.97
C LYS C 74 -3.65 -32.18 15.82
N ASN C 75 -3.76 -32.75 17.02
CA ASN C 75 -2.62 -32.98 17.96
C ASN C 75 -2.02 -31.64 18.40
N ILE C 76 -2.88 -30.65 18.66
CA ILE C 76 -2.42 -29.30 19.10
C ILE C 76 -2.47 -29.28 20.64
N ASN C 77 -1.30 -29.12 21.28
CA ASN C 77 -1.21 -29.12 22.76
C ASN C 77 -0.72 -27.76 23.29
N ASP C 78 0.07 -27.01 22.52
CA ASP C 78 0.62 -25.74 23.06
C ASP C 78 -0.45 -24.64 22.99
N ALA C 79 -0.97 -24.24 24.15
CA ALA C 79 -2.02 -23.19 24.22
C ALA C 79 -1.47 -21.86 23.67
N ALA C 80 -0.16 -21.64 23.79
CA ALA C 80 0.54 -20.39 23.41
C ALA C 80 0.59 -20.25 21.87
N SER C 81 0.42 -21.36 21.14
CA SER C 81 0.53 -21.41 19.65
C SER C 81 -0.68 -20.74 19.00
N ASP C 82 -0.48 -20.11 17.84
CA ASP C 82 -1.53 -19.46 17.02
C ASP C 82 -2.54 -20.52 16.56
N GLU C 83 -2.08 -21.76 16.37
CA GLU C 83 -2.91 -22.94 15.97
C GLU C 83 -4.04 -23.14 16.99
N TYR C 84 -3.73 -23.03 18.29
CA TYR C 84 -4.72 -23.18 19.40
C TYR C 84 -5.80 -22.10 19.27
N THR C 85 -5.36 -20.84 19.14
CA THR C 85 -6.20 -19.61 19.27
C THR C 85 -7.17 -19.50 18.09
N GLN C 86 -6.69 -19.72 16.86
CA GLN C 86 -7.47 -19.43 15.62
C GLN C 86 -8.59 -20.46 15.42
N ALA C 87 -8.51 -21.62 16.08
CA ALA C 87 -9.52 -22.70 16.03
C ALA C 87 -10.83 -22.26 16.69
N PHE C 88 -10.79 -21.19 17.50
CA PHE C 88 -11.95 -20.69 18.30
C PHE C 88 -12.71 -19.58 17.56
N LEU C 89 -12.06 -18.89 16.63
CA LEU C 89 -12.55 -17.58 16.09
C LEU C 89 -13.76 -17.80 15.16
N PRO C 90 -13.78 -18.80 14.25
CA PRO C 90 -14.97 -19.04 13.42
C PRO C 90 -16.25 -19.22 14.25
N THR C 91 -16.19 -20.04 15.32
CA THR C 91 -17.28 -20.27 16.29
C THR C 91 -17.71 -18.92 16.88
N ALA C 92 -16.74 -18.08 17.25
CA ALA C 92 -16.99 -16.76 17.89
C ALA C 92 -17.78 -15.88 16.92
N SER C 93 -17.32 -15.79 15.66
CA SER C 93 -17.97 -15.03 14.55
C SER C 93 -19.41 -15.51 14.34
N ALA C 94 -19.64 -16.83 14.33
CA ALA C 94 -20.96 -17.44 14.13
C ALA C 94 -21.94 -16.99 15.22
N LEU C 95 -21.49 -16.93 16.49
CA LEU C 95 -22.30 -16.52 17.66
C LEU C 95 -22.67 -15.04 17.56
N GLU C 96 -21.75 -14.18 17.08
CA GLU C 96 -22.01 -12.73 16.88
C GLU C 96 -23.10 -12.54 15.80
N GLU C 97 -23.11 -13.40 14.78
CA GLU C 97 -24.10 -13.32 13.67
C GLU C 97 -25.46 -13.83 14.18
N LYS C 98 -25.47 -14.92 14.95
CA LYS C 98 -26.69 -15.46 15.62
C LYS C 98 -27.25 -14.39 16.55
N ALA C 99 -26.38 -13.67 17.28
CA ALA C 99 -26.75 -12.56 18.18
C ALA C 99 -27.40 -11.42 17.38
N ALA C 100 -26.82 -11.06 16.22
CA ALA C 100 -27.30 -9.99 15.33
C ALA C 100 -28.71 -10.32 14.82
N GLN C 101 -28.92 -11.57 14.40
CA GLN C 101 -30.24 -12.08 13.91
C GLN C 101 -31.28 -11.93 15.03
N ALA C 102 -30.88 -12.19 16.29
CA ALA C 102 -31.72 -12.06 17.50
C ALA C 102 -32.02 -10.58 17.77
N LEU C 103 -30.98 -9.73 17.74
CA LEU C 103 -31.10 -8.26 17.94
C LEU C 103 -32.11 -7.69 16.94
N GLN C 104 -32.00 -8.08 15.67
CA GLN C 104 -32.91 -7.65 14.57
C GLN C 104 -34.35 -8.08 14.88
N ALA C 105 -34.50 -9.30 15.39
CA ALA C 105 -35.79 -9.93 15.78
C ALA C 105 -36.39 -9.24 17.01
N GLY C 106 -35.55 -8.60 17.83
CA GLY C 106 -36.02 -8.00 19.08
C GLY C 106 -35.77 -8.93 20.25
N LYS C 107 -35.08 -10.05 19.99
CA LYS C 107 -34.76 -11.05 21.03
C LYS C 107 -33.51 -10.57 21.79
N HIS C 108 -33.67 -9.56 22.64
CA HIS C 108 -32.53 -8.98 23.40
C HIS C 108 -31.89 -10.00 24.34
N GLU C 109 -32.68 -10.82 25.06
CA GLU C 109 -32.11 -11.81 26.00
C GLU C 109 -31.30 -12.87 25.26
N GLU C 110 -31.85 -13.41 24.17
CA GLU C 110 -31.18 -14.41 23.30
C GLU C 110 -29.88 -13.80 22.74
N ALA C 111 -29.97 -12.58 22.19
CA ALA C 111 -28.82 -11.82 21.64
C ALA C 111 -27.76 -11.65 22.74
N SER C 112 -28.17 -11.15 23.91
CA SER C 112 -27.31 -10.97 25.12
C SER C 112 -26.65 -12.31 25.47
N ASN C 113 -27.44 -13.37 25.63
CA ASN C 113 -26.97 -14.75 25.94
C ASN C 113 -25.93 -15.21 24.91
N LEU C 114 -26.18 -14.98 23.61
CA LEU C 114 -25.28 -15.45 22.52
C LEU C 114 -23.99 -14.63 22.52
N LEU C 115 -24.05 -13.34 22.87
CA LEU C 115 -22.87 -12.44 22.91
C LEU C 115 -21.98 -12.80 24.10
N CYS C 116 -22.57 -13.23 25.23
CA CYS C 116 -21.83 -13.76 26.40
C CYS C 116 -21.13 -15.06 26.00
N ARG C 117 -21.80 -15.90 25.21
CA ARG C 117 -21.29 -17.22 24.74
C ARG C 117 -20.07 -17.01 23.83
N ALA C 118 -20.14 -16.01 22.93
CA ALA C 118 -19.05 -15.62 22.03
C ALA C 118 -17.86 -15.13 22.86
N ALA C 119 -18.14 -14.34 23.91
CA ALA C 119 -17.15 -13.77 24.85
C ALA C 119 -16.33 -14.90 25.49
N VAL C 120 -17.01 -15.95 25.97
CA VAL C 120 -16.36 -17.10 26.65
C VAL C 120 -15.48 -17.85 25.66
N VAL C 121 -15.92 -17.99 24.40
CA VAL C 121 -15.14 -18.71 23.33
C VAL C 121 -13.83 -17.96 23.07
N TYR C 122 -13.87 -16.62 22.99
CA TYR C 122 -12.68 -15.75 22.89
C TYR C 122 -11.78 -15.92 24.12
N ARG C 123 -12.38 -15.96 25.32
CA ARG C 123 -11.68 -16.08 26.63
C ARG C 123 -10.80 -17.33 26.63
N ILE C 124 -11.36 -18.49 26.30
CA ILE C 124 -10.63 -19.79 26.33
C ILE C 124 -9.56 -19.76 25.24
N SER C 125 -9.82 -19.09 24.11
CA SER C 125 -8.87 -18.96 22.97
C SER C 125 -7.57 -18.29 23.44
N ARG C 126 -7.66 -17.30 24.34
CA ARG C 126 -6.48 -16.52 24.82
C ARG C 126 -5.90 -17.12 26.11
N PHE C 127 -6.37 -18.30 26.54
CA PHE C 127 -5.79 -19.02 27.71
C PHE C 127 -4.37 -19.42 27.36
N PRO C 128 -3.37 -19.32 28.27
CA PRO C 128 -3.55 -18.78 29.62
C PRO C 128 -3.25 -17.30 29.84
N TYR C 129 -2.71 -16.59 28.84
CA TYR C 129 -2.10 -15.25 29.05
C TYR C 129 -1.97 -14.50 27.72
N VAL C 130 -2.58 -13.30 27.64
CA VAL C 130 -2.30 -12.28 26.59
C VAL C 130 -0.89 -11.71 26.86
N ASP C 131 0.05 -11.89 25.93
CA ASP C 131 1.42 -11.34 26.07
C ASP C 131 1.35 -9.83 25.92
N ILE C 132 1.54 -9.11 27.04
CA ILE C 132 1.33 -7.63 27.16
C ILE C 132 2.41 -6.91 26.33
N THR C 133 3.45 -7.63 25.87
CA THR C 133 4.57 -7.11 25.04
C THR C 133 4.37 -7.43 23.55
N LYS C 134 3.25 -8.05 23.18
CA LYS C 134 2.97 -8.49 21.79
C LYS C 134 1.58 -7.99 21.38
N PRO C 135 1.45 -6.69 21.02
CA PRO C 135 0.15 -6.12 20.66
C PRO C 135 -0.42 -6.62 19.32
N ASN C 136 0.33 -7.47 18.60
CA ASN C 136 -0.06 -8.05 17.29
C ASN C 136 -0.49 -9.51 17.43
N SER C 137 -0.30 -10.12 18.60
CA SER C 137 -0.59 -11.56 18.86
C SER C 137 -2.08 -11.84 18.67
N ILE C 138 -2.43 -13.06 18.23
CA ILE C 138 -3.84 -13.48 17.96
C ILE C 138 -4.61 -13.48 19.29
N LYS C 139 -3.91 -13.70 20.41
CA LYS C 139 -4.50 -13.72 21.78
C LYS C 139 -4.94 -12.32 22.19
N ARG C 140 -4.18 -11.28 21.81
CA ARG C 140 -4.60 -9.85 22.00
C ARG C 140 -5.85 -9.60 21.15
N VAL C 141 -5.75 -9.91 19.85
CA VAL C 141 -6.87 -9.84 18.87
C VAL C 141 -8.11 -10.48 19.50
N ALA C 142 -7.97 -11.70 20.02
CA ALA C 142 -9.01 -12.46 20.75
C ALA C 142 -9.62 -11.63 21.89
N PHE C 143 -8.77 -11.11 22.80
CA PHE C 143 -9.19 -10.33 23.98
C PHE C 143 -9.96 -9.08 23.53
N GLU C 144 -9.50 -8.38 22.50
CA GLU C 144 -10.16 -7.15 21.96
C GLU C 144 -11.59 -7.48 21.53
N ARG C 145 -11.78 -8.55 20.75
CA ARG C 145 -13.10 -9.02 20.24
C ARG C 145 -14.00 -9.45 21.42
N GLN C 146 -13.43 -10.10 22.44
CA GLN C 146 -14.13 -10.56 23.67
C GLN C 146 -14.79 -9.35 24.35
N LYS C 147 -14.03 -8.27 24.55
CA LYS C 147 -14.45 -7.03 25.26
C LYS C 147 -15.62 -6.36 24.52
N GLN C 148 -15.53 -6.21 23.20
CA GLN C 148 -16.58 -5.59 22.35
C GLN C 148 -17.88 -6.40 22.50
N ALA C 149 -17.76 -7.72 22.37
CA ALA C 149 -18.86 -8.70 22.51
C ALA C 149 -19.44 -8.64 23.93
N TYR C 150 -18.60 -8.50 24.97
CA TYR C 150 -19.06 -8.47 26.39
C TYR C 150 -19.86 -7.19 26.64
N LEU C 151 -19.33 -6.04 26.22
CA LEU C 151 -19.99 -4.70 26.39
C LEU C 151 -21.34 -4.72 25.66
N LYS C 152 -21.38 -5.31 24.46
CA LYS C 152 -22.62 -5.48 23.65
C LYS C 152 -23.64 -6.28 24.47
N ALA C 153 -23.23 -7.47 24.93
CA ALA C 153 -24.06 -8.40 25.75
C ALA C 153 -24.63 -7.67 26.98
N THR C 154 -23.75 -7.02 27.75
CA THR C 154 -24.07 -6.49 29.11
C THR C 154 -24.80 -5.15 29.01
N SER C 155 -24.81 -4.52 27.83
CA SER C 155 -25.59 -3.27 27.56
C SER C 155 -27.08 -3.60 27.48
N LEU C 156 -27.42 -4.88 27.29
CA LEU C 156 -28.82 -5.40 27.22
C LEU C 156 -29.37 -5.67 28.62
N TRP C 157 -28.50 -5.75 29.64
CA TRP C 157 -28.88 -6.06 31.05
C TRP C 157 -29.61 -4.87 31.67
N THR C 158 -30.56 -5.14 32.57
CA THR C 158 -31.32 -4.11 33.35
C THR C 158 -30.33 -3.24 34.11
N GLN C 159 -29.36 -3.87 34.80
CA GLN C 159 -28.17 -3.21 35.41
C GLN C 159 -26.96 -3.51 34.54
N PRO C 160 -26.58 -2.61 33.60
CA PRO C 160 -25.52 -2.90 32.64
C PRO C 160 -24.10 -2.67 33.18
N ILE C 161 -23.16 -3.52 32.78
CA ILE C 161 -21.70 -3.33 33.01
C ILE C 161 -21.23 -2.26 32.01
N ARG C 162 -20.76 -1.11 32.52
CA ARG C 162 -20.24 0.03 31.73
C ARG C 162 -18.73 0.13 31.96
N GLU C 163 -17.97 0.40 30.90
CA GLU C 163 -16.50 0.61 30.99
C GLU C 163 -16.22 2.10 31.21
N VAL C 164 -15.28 2.41 32.12
CA VAL C 164 -14.75 3.77 32.38
C VAL C 164 -13.22 3.71 32.26
N THR C 165 -12.64 4.60 31.44
CA THR C 165 -11.16 4.79 31.35
C THR C 165 -10.75 5.82 32.41
N VAL C 166 -10.36 5.32 33.58
CA VAL C 166 -9.88 6.15 34.73
C VAL C 166 -8.50 6.69 34.34
N PRO C 167 -8.32 8.02 34.21
CA PRO C 167 -7.00 8.58 33.92
C PRO C 167 -6.05 8.29 35.09
N HIS C 168 -4.86 7.75 34.80
CA HIS C 168 -3.85 7.37 35.82
C HIS C 168 -3.15 8.65 36.29
N THR C 169 -3.81 9.41 37.17
CA THR C 169 -3.34 10.73 37.69
C THR C 169 -2.08 10.53 38.54
N TYR C 170 -1.95 9.37 39.19
CA TYR C 170 -0.81 9.02 40.08
C TYR C 170 0.28 8.28 39.29
N ARG C 171 0.23 8.31 37.95
CA ARG C 171 1.21 7.60 37.07
C ARG C 171 2.59 8.24 37.26
N THR C 172 3.63 7.42 37.41
CA THR C 172 5.05 7.85 37.43
C THR C 172 5.87 6.85 36.61
N GLY C 173 7.07 7.23 36.19
CA GLY C 173 8.00 6.39 35.40
C GLY C 173 7.36 5.84 34.13
N ASN C 174 7.39 4.51 33.96
CA ASN C 174 6.95 3.80 32.71
C ASN C 174 5.44 3.51 32.75
N ASP C 175 4.72 3.96 33.77
CA ASP C 175 3.24 3.81 33.88
C ASP C 175 2.56 4.37 32.64
N GLY C 176 1.59 3.63 32.09
CA GLY C 176 0.70 4.10 31.01
C GLY C 176 -0.30 5.12 31.54
N ALA C 177 -1.09 5.73 30.66
CA ALA C 177 -1.93 6.91 30.97
C ALA C 177 -3.36 6.51 31.37
N HIS C 178 -3.78 5.25 31.11
CA HIS C 178 -5.22 4.85 31.11
C HIS C 178 -5.46 3.56 31.91
N ILE C 179 -6.39 3.61 32.87
CA ILE C 179 -6.88 2.43 33.66
C ILE C 179 -8.31 2.14 33.23
N PRO C 180 -8.54 1.20 32.27
CA PRO C 180 -9.90 0.78 31.94
C PRO C 180 -10.43 -0.17 33.03
N ILE C 181 -11.57 0.20 33.64
CA ILE C 181 -12.27 -0.60 34.69
C ILE C 181 -13.70 -0.90 34.21
N TYR C 182 -14.37 -1.88 34.82
CA TYR C 182 -15.81 -2.18 34.63
C TYR C 182 -16.55 -1.82 35.92
N ILE C 183 -17.62 -1.04 35.79
CA ILE C 183 -18.49 -0.60 36.92
C ILE C 183 -19.92 -1.08 36.65
N ARG C 184 -20.53 -1.69 37.67
CA ARG C 184 -21.94 -2.14 37.68
C ARG C 184 -22.54 -1.75 39.04
N THR C 185 -23.66 -1.03 39.02
CA THR C 185 -24.31 -0.47 40.24
C THR C 185 -25.68 -1.11 40.41
N PRO C 186 -26.11 -1.40 41.66
CA PRO C 186 -27.43 -1.97 41.91
C PRO C 186 -28.53 -0.95 41.55
N ALA C 187 -29.74 -1.45 41.27
CA ALA C 187 -30.92 -0.65 40.86
C ALA C 187 -31.14 0.49 41.85
N GLY C 188 -31.03 1.73 41.37
CA GLY C 188 -31.49 2.95 42.07
C GLY C 188 -30.39 3.69 42.82
N ALA C 189 -29.16 3.16 42.80
CA ALA C 189 -27.97 3.75 43.49
C ALA C 189 -27.76 5.19 43.01
N ASP C 190 -27.69 6.14 43.95
CA ASP C 190 -27.56 7.59 43.68
C ASP C 190 -26.86 8.28 44.86
N GLN C 191 -26.65 9.60 44.78
CA GLN C 191 -26.01 10.43 45.82
C GLN C 191 -26.84 10.40 47.11
N SER C 192 -28.17 10.29 46.98
CA SER C 192 -29.15 10.25 48.10
C SER C 192 -28.87 9.05 49.02
N ASN C 193 -28.44 7.92 48.45
CA ASN C 193 -28.10 6.67 49.18
C ASN C 193 -26.96 5.95 48.44
N PRO C 194 -25.69 6.34 48.69
CA PRO C 194 -24.55 5.69 48.04
C PRO C 194 -24.32 4.27 48.57
N VAL C 195 -23.89 3.36 47.69
CA VAL C 195 -23.85 1.90 47.99
C VAL C 195 -22.41 1.48 48.24
N PRO C 196 -22.18 0.45 49.09
CA PRO C 196 -20.84 -0.12 49.29
C PRO C 196 -20.18 -0.58 47.99
N ILE C 197 -18.87 -0.84 48.01
CA ILE C 197 -18.08 -1.18 46.78
C ILE C 197 -17.29 -2.47 47.04
N VAL C 198 -17.45 -3.46 46.17
CA VAL C 198 -16.52 -4.62 46.05
C VAL C 198 -15.67 -4.40 44.80
N LEU C 199 -14.39 -4.10 44.99
CA LEU C 199 -13.40 -3.86 43.92
C LEU C 199 -12.71 -5.19 43.60
N ILE C 200 -13.03 -5.79 42.47
CA ILE C 200 -12.40 -7.07 42.03
C ILE C 200 -11.07 -6.74 41.35
N MET C 201 -9.97 -7.36 41.82
CA MET C 201 -8.63 -7.36 41.19
C MET C 201 -8.44 -8.72 40.51
N THR C 202 -8.30 -8.72 39.19
CA THR C 202 -8.40 -9.93 38.33
C THR C 202 -7.01 -10.59 38.27
N GLY C 203 -6.86 -11.61 37.42
CA GLY C 203 -5.79 -12.61 37.51
C GLY C 203 -4.97 -12.74 36.25
N LEU C 204 -4.24 -13.86 36.13
CA LEU C 204 -3.28 -14.14 35.04
C LEU C 204 -4.04 -14.48 33.76
N ASP C 205 -5.18 -15.19 33.87
CA ASP C 205 -5.99 -15.65 32.70
C ASP C 205 -7.41 -15.11 32.75
N GLY C 206 -7.82 -14.48 33.86
CA GLY C 206 -9.11 -13.81 34.02
C GLY C 206 -8.93 -12.30 34.04
N TYR C 207 -9.63 -11.59 33.14
CA TYR C 207 -9.61 -10.11 33.04
C TYR C 207 -11.02 -9.60 33.33
N ARG C 208 -11.31 -8.32 33.04
CA ARG C 208 -12.54 -7.64 33.53
C ARG C 208 -13.81 -8.29 32.99
N PRO C 209 -13.83 -8.84 31.75
CA PRO C 209 -15.04 -9.50 31.24
C PRO C 209 -15.34 -10.93 31.76
N ASP C 210 -14.64 -11.41 32.79
CA ASP C 210 -14.71 -12.83 33.22
C ASP C 210 -15.32 -12.96 34.63
N ASN C 211 -16.20 -12.03 35.01
CA ASN C 211 -16.66 -11.88 36.42
C ASN C 211 -18.17 -11.72 36.51
N SER C 212 -18.92 -12.07 35.46
CA SER C 212 -20.41 -11.91 35.38
C SER C 212 -21.09 -12.32 36.70
N GLN C 213 -20.93 -13.57 37.12
CA GLN C 213 -21.64 -14.13 38.31
C GLN C 213 -21.22 -13.37 39.58
N ARG C 214 -19.97 -12.92 39.68
CA ARG C 214 -19.51 -12.13 40.86
C ARG C 214 -20.28 -10.81 40.89
N THR C 215 -20.48 -10.16 39.74
CA THR C 215 -21.24 -8.88 39.63
C THR C 215 -22.72 -9.11 39.97
N HIS C 216 -23.33 -10.22 39.51
CA HIS C 216 -24.72 -10.61 39.87
C HIS C 216 -24.87 -10.68 41.39
N GLU C 217 -23.98 -11.45 42.04
CA GLU C 217 -24.00 -11.76 43.49
C GLU C 217 -23.77 -10.49 44.31
N ILE C 218 -22.88 -9.60 43.83
CA ILE C 218 -22.51 -8.30 44.49
C ILE C 218 -23.70 -7.34 44.40
N LEU C 219 -24.34 -7.25 43.23
CA LEU C 219 -25.54 -6.39 43.01
C LEU C 219 -26.75 -6.96 43.75
N ALA C 220 -26.82 -8.29 43.90
CA ALA C 220 -27.90 -9.03 44.58
C ALA C 220 -27.97 -8.65 46.07
N ARG C 221 -26.83 -8.23 46.65
CA ARG C 221 -26.69 -7.89 48.08
C ARG C 221 -26.69 -6.37 48.28
N GLY C 222 -26.92 -5.62 47.19
CA GLY C 222 -27.13 -4.14 47.22
C GLY C 222 -25.82 -3.37 47.11
N TRP C 223 -24.74 -4.02 46.66
CA TRP C 223 -23.39 -3.39 46.52
C TRP C 223 -23.06 -3.18 45.03
N ALA C 224 -22.18 -2.22 44.75
CA ALA C 224 -21.60 -1.99 43.40
C ALA C 224 -20.40 -2.93 43.20
N ALA C 225 -20.32 -3.53 42.01
CA ALA C 225 -19.16 -4.31 41.52
C ALA C 225 -18.26 -3.41 40.68
N VAL C 226 -16.96 -3.35 41.02
CA VAL C 226 -15.92 -2.65 40.23
C VAL C 226 -14.79 -3.63 39.90
N VAL C 227 -14.42 -3.75 38.63
CA VAL C 227 -13.43 -4.75 38.14
C VAL C 227 -12.22 -4.01 37.56
N ALA C 228 -11.02 -4.32 38.04
CA ALA C 228 -9.74 -3.78 37.54
C ALA C 228 -8.76 -4.94 37.34
N GLU C 229 -7.91 -4.85 36.32
CA GLU C 229 -6.87 -5.86 35.99
C GLU C 229 -5.65 -5.59 36.88
N ILE C 230 -4.74 -6.57 36.98
CA ILE C 230 -3.51 -6.46 37.81
C ILE C 230 -2.34 -6.05 36.92
N PRO C 231 -1.25 -5.49 37.50
CA PRO C 231 -0.05 -5.16 36.74
C PRO C 231 0.48 -6.38 35.97
N GLY C 232 0.99 -6.13 34.76
CA GLY C 232 1.61 -7.18 33.92
C GLY C 232 0.59 -7.99 33.15
N THR C 233 -0.67 -7.58 33.16
CA THR C 233 -1.72 -8.34 32.42
C THR C 233 -2.70 -7.39 31.76
N ALA C 234 -3.39 -7.90 30.74
CA ALA C 234 -4.52 -7.19 30.10
C ALA C 234 -4.17 -5.75 29.72
N ASP C 235 -5.01 -4.81 30.14
CA ASP C 235 -4.89 -3.37 29.80
C ASP C 235 -4.32 -2.58 30.98
N CYS C 236 -3.90 -3.25 32.05
CA CYS C 236 -3.39 -2.53 33.24
C CYS C 236 -2.21 -1.64 32.82
N PRO C 237 -2.20 -0.34 33.18
CA PRO C 237 -1.12 0.54 32.79
C PRO C 237 0.06 0.60 33.78
N ALA C 238 0.00 -0.13 34.90
CA ALA C 238 1.05 -0.18 35.96
C ALA C 238 2.32 -0.81 35.36
N ASP C 239 3.50 -0.35 35.78
CA ASP C 239 4.81 -0.92 35.34
C ASP C 239 4.99 -2.29 36.00
N PRO C 240 5.00 -3.41 35.23
CA PRO C 240 5.16 -4.74 35.81
C PRO C 240 6.52 -4.92 36.51
N ALA C 241 7.54 -4.15 36.08
CA ALA C 241 8.92 -4.18 36.61
C ALA C 241 9.01 -3.45 37.96
N ASP C 242 8.09 -2.53 38.23
CA ASP C 242 8.15 -1.68 39.45
C ASP C 242 7.20 -2.25 40.50
N PRO C 243 7.73 -2.93 41.54
CA PRO C 243 6.93 -3.41 42.67
C PRO C 243 5.99 -2.39 43.32
N ALA C 244 6.28 -1.08 43.16
CA ALA C 244 5.51 0.05 43.74
C ALA C 244 4.35 0.45 42.82
N SER C 245 4.35 -0.02 41.57
CA SER C 245 3.35 0.32 40.52
C SER C 245 1.93 0.00 40.96
N PRO C 246 1.64 -1.15 41.64
CA PRO C 246 0.29 -1.44 42.11
C PRO C 246 -0.26 -0.33 43.01
N ASP C 247 0.54 0.11 43.99
CA ASP C 247 0.19 1.16 44.98
C ASP C 247 -0.35 2.39 44.25
N ARG C 248 0.40 2.86 43.25
CA ARG C 248 0.05 4.01 42.36
C ARG C 248 -1.25 3.73 41.60
N LEU C 249 -1.41 2.52 41.07
CA LEU C 249 -2.62 2.08 40.33
C LEU C 249 -3.87 2.31 41.20
N TRP C 250 -3.88 1.78 42.43
CA TRP C 250 -5.06 1.84 43.34
C TRP C 250 -5.28 3.28 43.82
N ASP C 251 -4.22 4.08 43.95
CA ASP C 251 -4.31 5.52 44.33
C ASP C 251 -5.21 6.23 43.32
N SER C 252 -5.03 5.96 42.02
CA SER C 252 -5.85 6.50 40.90
C SER C 252 -7.28 5.94 40.97
N VAL C 253 -7.41 4.62 41.08
CA VAL C 253 -8.72 3.90 41.10
C VAL C 253 -9.55 4.44 42.27
N LEU C 254 -9.03 4.35 43.50
CA LEU C 254 -9.76 4.71 44.75
C LEU C 254 -10.12 6.20 44.73
N SER C 255 -9.21 7.05 44.21
CA SER C 255 -9.41 8.52 44.05
C SER C 255 -10.58 8.80 43.10
N TYR C 256 -10.68 8.06 41.99
CA TYR C 256 -11.81 8.17 41.02
C TYR C 256 -13.11 7.75 41.72
N LEU C 257 -13.10 6.61 42.40
CA LEU C 257 -14.29 6.05 43.12
C LEU C 257 -14.76 7.04 44.18
N ASP C 258 -13.84 7.69 44.89
CA ASP C 258 -14.13 8.67 45.97
C ASP C 258 -15.13 9.72 45.46
N GLN C 259 -15.01 10.12 44.20
CA GLN C 259 -15.76 11.23 43.55
C GLN C 259 -16.94 10.70 42.73
N ARG C 260 -17.30 9.41 42.88
CA ARG C 260 -18.56 8.83 42.34
C ARG C 260 -19.63 8.92 43.43
N PRO C 261 -20.67 9.78 43.26
CA PRO C 261 -21.65 10.02 44.32
C PRO C 261 -22.40 8.78 44.82
N GLU C 262 -22.65 7.80 43.94
CA GLU C 262 -23.51 6.61 44.24
C GLU C 262 -22.69 5.51 44.91
N LEU C 263 -21.36 5.68 44.99
CA LEU C 263 -20.40 4.67 45.53
C LEU C 263 -19.82 5.15 46.87
N ASN C 264 -20.07 4.39 47.95
CA ASN C 264 -19.61 4.71 49.33
C ASN C 264 -18.27 4.03 49.60
N THR C 265 -17.17 4.79 49.52
CA THR C 265 -15.77 4.31 49.68
C THR C 265 -15.42 4.11 51.17
N ALA C 266 -16.27 4.56 52.09
CA ALA C 266 -16.17 4.29 53.55
C ALA C 266 -16.62 2.85 53.83
N LYS C 267 -17.32 2.21 52.89
CA LYS C 267 -17.73 0.78 52.97
C LYS C 267 -17.24 0.05 51.72
N MET C 268 -15.92 -0.16 51.61
CA MET C 268 -15.28 -0.71 50.39
C MET C 268 -14.34 -1.87 50.75
N VAL C 269 -14.43 -2.96 49.98
CA VAL C 269 -13.63 -4.21 50.16
C VAL C 269 -13.00 -4.58 48.82
N VAL C 270 -11.77 -5.14 48.84
CA VAL C 270 -11.06 -5.56 47.59
C VAL C 270 -11.01 -7.09 47.53
N TRP C 271 -11.16 -7.64 46.33
CA TRP C 271 -11.22 -9.10 46.04
C TRP C 271 -10.12 -9.42 45.02
N GLY C 272 -9.08 -10.13 45.46
CA GLY C 272 -7.98 -10.59 44.60
C GLY C 272 -8.23 -12.02 44.15
N LEU C 273 -8.34 -12.21 42.84
CA LEU C 273 -8.61 -13.55 42.28
C LEU C 273 -7.30 -14.11 41.72
N SER C 274 -6.88 -15.25 42.26
CA SER C 274 -5.69 -15.92 41.77
C SER C 274 -4.47 -14.99 41.87
N ALA C 275 -3.89 -14.62 40.73
CA ALA C 275 -2.74 -13.70 40.72
C ALA C 275 -3.15 -12.37 41.40
N GLY C 276 -4.41 -11.98 41.24
CA GLY C 276 -5.00 -10.81 41.92
C GLY C 276 -4.87 -10.86 43.43
N GLY C 277 -4.84 -12.07 44.02
CA GLY C 277 -4.71 -12.32 45.46
C GLY C 277 -3.50 -11.60 46.06
N TYR C 278 -2.35 -11.69 45.38
CA TYR C 278 -1.11 -10.95 45.72
C TYR C 278 -1.44 -9.47 45.96
N TYR C 279 -2.18 -8.88 45.03
CA TYR C 279 -2.52 -7.43 44.97
C TYR C 279 -3.64 -7.12 45.98
N ALA C 280 -4.50 -8.09 46.31
CA ALA C 280 -5.44 -7.98 47.46
C ALA C 280 -4.65 -7.92 48.77
N ILE C 281 -3.68 -8.82 48.98
CA ILE C 281 -2.82 -8.83 50.21
C ILE C 281 -2.06 -7.51 50.30
N ARG C 282 -1.41 -7.08 49.22
CA ARG C 282 -0.51 -5.88 49.25
C ARG C 282 -1.35 -4.63 49.57
N ALA C 283 -2.51 -4.50 48.93
CA ALA C 283 -3.44 -3.35 49.07
C ALA C 283 -4.06 -3.32 50.47
N ALA C 284 -4.22 -4.48 51.12
CA ALA C 284 -4.79 -4.59 52.48
C ALA C 284 -3.84 -3.91 53.48
N HIS C 285 -2.55 -3.83 53.14
CA HIS C 285 -1.48 -3.13 53.91
C HIS C 285 -1.33 -1.67 53.42
N THR C 286 -1.15 -1.47 52.12
CA THR C 286 -0.74 -0.16 51.51
C THR C 286 -1.91 0.83 51.51
N HIS C 287 -3.15 0.34 51.63
CA HIS C 287 -4.39 1.16 51.59
C HIS C 287 -5.35 0.77 52.74
N ARG C 288 -4.80 0.23 53.83
CA ARG C 288 -5.56 -0.29 55.00
C ARG C 288 -6.56 0.76 55.52
N ASP C 289 -6.18 2.04 55.52
CA ASP C 289 -6.99 3.15 56.09
CA ASP C 289 -6.99 3.15 56.08
C ASP C 289 -8.15 3.51 55.16
N ARG C 290 -8.09 3.03 53.91
CA ARG C 290 -9.16 3.32 52.92
C ARG C 290 -10.00 2.07 52.64
N LEU C 291 -9.71 0.92 53.25
CA LEU C 291 -10.47 -0.31 52.94
C LEU C 291 -11.04 -0.95 54.20
N LEU C 292 -12.32 -1.32 54.16
CA LEU C 292 -12.94 -2.08 55.28
C LEU C 292 -12.32 -3.48 55.32
N GLY C 293 -12.04 -4.05 54.15
CA GLY C 293 -11.47 -5.41 54.13
C GLY C 293 -10.99 -5.86 52.76
N ALA C 294 -10.33 -7.01 52.71
CA ALA C 294 -9.86 -7.59 51.44
C ALA C 294 -9.95 -9.11 51.50
N ILE C 295 -10.33 -9.73 50.38
CA ILE C 295 -10.32 -11.21 50.19
C ILE C 295 -9.15 -11.54 49.27
N ALA C 296 -8.36 -12.55 49.62
CA ALA C 296 -7.25 -13.10 48.78
C ALA C 296 -7.59 -14.55 48.42
N HIS C 297 -7.96 -14.79 47.16
CA HIS C 297 -8.49 -16.08 46.65
C HIS C 297 -7.36 -16.82 45.90
N GLY C 298 -6.87 -17.94 46.46
CA GLY C 298 -5.70 -18.68 45.96
C GLY C 298 -4.50 -17.75 45.74
N PRO C 299 -4.10 -16.99 46.78
CA PRO C 299 -3.02 -16.02 46.62
C PRO C 299 -1.58 -16.52 46.78
N GLY C 300 -0.67 -15.87 46.06
CA GLY C 300 0.79 -16.07 46.20
C GLY C 300 1.40 -14.81 46.79
N CYS C 301 2.44 -14.92 47.63
CA CYS C 301 3.07 -13.68 48.16
C CYS C 301 4.58 -13.86 48.41
N HIS C 302 5.07 -15.10 48.50
CA HIS C 302 6.51 -15.31 48.80
C HIS C 302 7.05 -16.63 48.24
N TYR C 303 6.62 -17.77 48.79
CA TYR C 303 7.12 -19.12 48.43
C TYR C 303 6.79 -19.49 46.98
N TYR C 304 5.76 -18.87 46.40
CA TYR C 304 5.38 -19.11 44.99
C TYR C 304 6.50 -18.66 44.05
N LEU C 305 7.46 -17.87 44.56
CA LEU C 305 8.61 -17.36 43.78
C LEU C 305 9.91 -18.07 44.21
N ASP C 306 9.82 -19.04 45.12
CA ASP C 306 10.98 -19.86 45.55
C ASP C 306 11.40 -20.72 44.37
N PRO C 307 12.70 -20.77 44.00
CA PRO C 307 13.13 -21.47 42.78
C PRO C 307 12.81 -22.97 42.80
N GLU C 308 12.76 -23.57 44.00
CA GLU C 308 12.37 -25.00 44.21
C GLU C 308 10.90 -25.17 43.79
N TRP C 309 10.02 -24.25 44.23
CA TRP C 309 8.58 -24.25 43.85
C TRP C 309 8.42 -23.98 42.35
N LEU C 310 9.25 -23.08 41.79
CA LEU C 310 9.19 -22.67 40.37
C LEU C 310 9.70 -23.81 39.46
N ALA C 311 10.53 -24.71 39.99
CA ALA C 311 11.10 -25.86 39.27
C ALA C 311 10.00 -26.88 38.92
N LYS C 312 8.97 -27.01 39.76
CA LYS C 312 7.93 -28.07 39.66
C LYS C 312 6.53 -27.47 39.39
N VAL C 313 6.39 -26.14 39.40
CA VAL C 313 5.07 -25.46 39.32
C VAL C 313 4.35 -25.86 38.02
N ASN C 314 5.10 -26.06 36.94
CA ASN C 314 4.59 -26.41 35.58
C ASN C 314 3.98 -27.83 35.57
N ASP C 315 4.28 -28.64 36.58
CA ASP C 315 3.93 -30.09 36.62
C ASP C 315 2.62 -30.32 37.36
N HIS C 316 1.92 -29.26 37.80
CA HIS C 316 0.75 -29.36 38.71
C HIS C 316 -0.55 -29.02 37.94
N GLU C 317 -1.57 -28.50 38.63
CA GLU C 317 -2.99 -28.54 38.15
C GLU C 317 -3.26 -27.48 37.07
N TYR C 318 -2.41 -26.46 36.91
CA TYR C 318 -2.63 -25.39 35.89
C TYR C 318 -2.68 -26.04 34.51
N PRO C 319 -3.68 -25.71 33.66
CA PRO C 319 -3.93 -26.46 32.42
C PRO C 319 -2.76 -26.53 31.42
N PHE C 320 -1.88 -25.52 31.44
CA PHE C 320 -0.69 -25.41 30.55
C PHE C 320 0.49 -24.84 31.33
N GLU C 321 1.62 -24.68 30.64
CA GLU C 321 2.84 -23.99 31.17
C GLU C 321 2.45 -22.61 31.71
N ILE C 322 2.88 -22.30 32.94
CA ILE C 322 2.56 -21.03 33.67
C ILE C 322 3.79 -20.11 33.70
N THR C 323 5.01 -20.65 33.72
CA THR C 323 6.25 -19.92 34.09
C THR C 323 6.60 -18.87 33.03
N ALA C 324 6.28 -19.13 31.75
CA ALA C 324 6.50 -18.20 30.63
C ALA C 324 5.64 -16.95 30.84
N ALA C 325 4.36 -17.15 31.16
CA ALA C 325 3.37 -16.09 31.47
C ALA C 325 3.82 -15.31 32.72
N TRP C 326 4.17 -16.01 33.80
CA TRP C 326 4.62 -15.44 35.11
C TRP C 326 5.82 -14.49 34.88
N ALA C 327 6.82 -14.92 34.10
CA ALA C 327 8.01 -14.11 33.78
C ALA C 327 7.60 -12.75 33.21
N THR C 328 6.67 -12.73 32.26
CA THR C 328 6.20 -11.51 31.51
C THR C 328 5.32 -10.65 32.43
N LYS C 329 4.51 -11.28 33.28
CA LYS C 329 3.60 -10.61 34.23
C LYS C 329 4.39 -9.92 35.35
N HIS C 330 5.59 -10.42 35.65
CA HIS C 330 6.50 -9.87 36.68
C HIS C 330 7.49 -8.88 36.05
N GLY C 331 7.41 -8.65 34.74
CA GLY C 331 8.16 -7.60 34.02
C GLY C 331 9.53 -8.07 33.54
N TYR C 332 9.79 -9.38 33.52
CA TYR C 332 11.08 -9.99 33.11
C TYR C 332 11.08 -10.31 31.61
N LYS C 333 12.25 -10.17 30.98
CA LYS C 333 12.49 -10.47 29.54
C LYS C 333 12.64 -11.98 29.33
N THR C 334 13.17 -12.71 30.32
CA THR C 334 13.41 -14.18 30.26
C THR C 334 12.91 -14.86 31.53
N VAL C 335 12.57 -16.15 31.41
CA VAL C 335 12.19 -17.04 32.56
C VAL C 335 13.36 -17.10 33.55
N GLU C 336 14.60 -17.13 33.06
CA GLU C 336 15.84 -17.29 33.86
C GLU C 336 15.96 -16.15 34.88
N GLU C 337 15.85 -14.90 34.42
CA GLU C 337 15.92 -13.68 35.27
C GLU C 337 14.79 -13.72 36.30
N PHE C 338 13.59 -14.14 35.89
CA PHE C 338 12.39 -14.29 36.76
C PHE C 338 12.70 -15.26 37.91
N VAL C 339 13.20 -16.46 37.58
CA VAL C 339 13.49 -17.53 38.58
C VAL C 339 14.54 -17.01 39.57
N ALA C 340 15.63 -16.43 39.06
CA ALA C 340 16.81 -15.97 39.83
C ALA C 340 16.46 -14.75 40.68
N GLY C 341 15.61 -13.84 40.17
CA GLY C 341 15.42 -12.48 40.71
C GLY C 341 14.07 -12.24 41.37
N ALA C 342 13.01 -12.94 40.96
CA ALA C 342 11.60 -12.60 41.32
C ALA C 342 11.41 -12.51 42.84
N GLN C 343 11.68 -13.59 43.60
CA GLN C 343 11.29 -13.69 45.03
C GLN C 343 11.86 -12.50 45.82
N LYS C 344 13.15 -12.21 45.67
CA LYS C 344 13.84 -11.12 46.43
C LYS C 344 13.20 -9.77 46.06
N LYS C 345 12.62 -9.63 44.86
CA LYS C 345 12.10 -8.34 44.32
C LYS C 345 10.61 -8.13 44.67
N PHE C 346 9.77 -9.16 44.53
CA PHE C 346 8.29 -9.04 44.61
C PHE C 346 7.70 -9.62 45.91
N SER C 347 8.42 -10.48 46.62
CA SER C 347 7.94 -11.15 47.86
C SER C 347 7.50 -10.11 48.90
N LEU C 348 6.19 -10.07 49.21
CA LEU C 348 5.59 -9.17 50.23
C LEU C 348 6.27 -9.39 51.58
N VAL C 349 6.86 -10.58 51.80
CA VAL C 349 7.58 -10.95 53.06
C VAL C 349 9.01 -10.37 53.01
N GLU C 350 9.74 -10.65 51.93
CA GLU C 350 11.17 -10.24 51.75
C GLU C 350 11.30 -8.71 51.73
N THR C 351 10.28 -7.99 51.26
CA THR C 351 10.30 -6.51 51.05
C THR C 351 9.74 -5.79 52.28
N GLY C 352 9.08 -6.52 53.19
CA GLY C 352 8.63 -6.06 54.51
C GLY C 352 7.24 -5.43 54.49
N ILE C 353 6.49 -5.58 53.39
CA ILE C 353 5.10 -5.06 53.24
C ILE C 353 4.22 -5.66 54.36
N VAL C 354 4.45 -6.92 54.74
CA VAL C 354 3.62 -7.66 55.74
C VAL C 354 3.94 -7.21 57.18
N ASP C 355 5.00 -6.41 57.36
CA ASP C 355 5.46 -5.98 58.70
C ASP C 355 4.77 -4.67 59.09
N GLN C 356 3.72 -4.30 58.36
CA GLN C 356 2.78 -3.20 58.69
C GLN C 356 1.43 -3.79 59.04
N PRO C 357 0.53 -3.04 59.72
CA PRO C 357 -0.86 -3.47 59.89
C PRO C 357 -1.58 -3.65 58.54
N SER C 358 -2.71 -4.35 58.54
CA SER C 358 -3.64 -4.44 57.39
C SER C 358 -5.09 -4.31 57.87
N CYS C 359 -5.98 -3.82 57.01
CA CYS C 359 -7.47 -3.98 57.15
C CYS C 359 -7.75 -5.48 57.29
N ARG C 360 -8.97 -5.85 57.70
CA ARG C 360 -9.43 -7.25 57.78
C ARG C 360 -9.10 -7.95 56.45
N LEU C 361 -8.48 -9.13 56.53
CA LEU C 361 -7.92 -9.87 55.37
C LEU C 361 -8.32 -11.35 55.45
N LEU C 362 -9.23 -11.79 54.58
CA LEU C 362 -9.64 -13.22 54.44
C LEU C 362 -8.74 -13.92 53.43
N LEU C 363 -8.15 -15.03 53.82
CA LEU C 363 -7.31 -15.91 52.95
C LEU C 363 -8.11 -17.17 52.63
N LEU C 364 -8.47 -17.38 51.35
CA LEU C 364 -9.26 -18.56 50.87
C LEU C 364 -8.42 -19.35 49.87
N ASN C 365 -8.22 -20.65 50.11
CA ASN C 365 -7.46 -21.51 49.17
C ASN C 365 -7.64 -23.00 49.48
N GLY C 366 -7.30 -23.84 48.51
CA GLY C 366 -7.14 -25.29 48.70
C GLY C 366 -5.81 -25.58 49.37
N VAL C 367 -5.78 -26.53 50.31
CA VAL C 367 -4.57 -26.93 51.07
C VAL C 367 -3.57 -27.56 50.09
N ASP C 368 -4.06 -28.31 49.10
CA ASP C 368 -3.22 -29.05 48.10
C ASP C 368 -3.05 -28.22 46.83
N ASP C 369 -2.77 -26.93 46.95
CA ASP C 369 -2.52 -26.01 45.81
C ASP C 369 -1.08 -26.21 45.34
N GLY C 370 -0.90 -26.67 44.09
CA GLY C 370 0.41 -26.87 43.45
C GLY C 370 0.80 -25.72 42.54
N VAL C 371 -0.01 -24.66 42.48
CA VAL C 371 0.25 -23.46 41.64
C VAL C 371 0.92 -22.39 42.50
N VAL C 372 0.31 -22.03 43.63
CA VAL C 372 0.92 -21.21 44.72
C VAL C 372 0.73 -21.97 46.02
N PRO C 373 1.76 -22.04 46.90
CA PRO C 373 1.72 -22.93 48.08
C PRO C 373 0.80 -22.40 49.19
N ILE C 374 0.17 -23.31 49.94
CA ILE C 374 -0.72 -22.95 51.08
C ILE C 374 0.10 -22.21 52.14
N GLU C 375 1.42 -22.41 52.19
CA GLU C 375 2.36 -21.65 53.05
C GLU C 375 2.31 -20.13 52.77
N ASP C 376 1.85 -19.70 51.59
CA ASP C 376 1.78 -18.26 51.21
C ASP C 376 0.52 -17.63 51.83
N CYS C 377 -0.40 -18.44 52.35
CA CYS C 377 -1.53 -17.99 53.21
C CYS C 377 -1.07 -18.02 54.67
N LEU C 378 -0.45 -19.13 55.07
CA LEU C 378 -0.07 -19.44 56.47
C LEU C 378 1.03 -18.48 56.96
N VAL C 379 2.01 -18.14 56.10
CA VAL C 379 3.14 -17.21 56.42
C VAL C 379 2.58 -15.90 56.99
N LEU C 380 1.47 -15.42 56.42
CA LEU C 380 0.87 -14.09 56.74
C LEU C 380 0.34 -14.06 58.19
N PHE C 381 0.11 -15.21 58.83
CA PHE C 381 -0.32 -15.28 60.25
C PHE C 381 0.84 -14.94 61.20
N GLU C 382 2.10 -15.01 60.75
CA GLU C 382 3.30 -14.71 61.57
C GLU C 382 3.79 -13.28 61.32
N HIS C 383 2.95 -12.39 60.79
CA HIS C 383 3.31 -10.99 60.42
C HIS C 383 2.15 -10.06 60.78
N GLY C 384 2.46 -8.80 61.10
CA GLY C 384 1.48 -7.70 61.26
C GLY C 384 0.20 -8.09 62.00
N SER C 385 -0.97 -7.67 61.51
CA SER C 385 -2.27 -7.80 62.20
C SER C 385 -2.81 -9.22 62.04
N PRO C 386 -3.76 -9.66 62.90
CA PRO C 386 -4.38 -10.98 62.72
C PRO C 386 -4.99 -11.14 61.32
N LYS C 387 -4.83 -12.33 60.74
CA LYS C 387 -5.38 -12.68 59.41
C LYS C 387 -6.52 -13.68 59.60
N GLU C 388 -7.51 -13.67 58.70
N GLU C 388 -7.49 -13.66 58.69
CA GLU C 388 -8.64 -14.63 58.71
CA GLU C 388 -8.64 -14.59 58.67
C GLU C 388 -8.46 -15.58 57.53
C GLU C 388 -8.44 -15.59 57.52
N GLY C 389 -8.96 -16.81 57.66
CA GLY C 389 -8.68 -17.88 56.68
C GLY C 389 -9.64 -19.05 56.76
N ARG C 390 -9.98 -19.57 55.58
CA ARG C 390 -10.55 -20.93 55.38
C ARG C 390 -9.70 -21.60 54.30
N PHE C 391 -9.14 -22.77 54.62
CA PHE C 391 -8.26 -23.59 53.74
C PHE C 391 -8.87 -24.99 53.66
N TYR C 392 -9.15 -25.46 52.45
CA TYR C 392 -9.99 -26.68 52.24
C TYR C 392 -9.08 -27.88 51.97
N LYS C 393 -9.14 -28.89 52.84
CA LYS C 393 -8.37 -30.15 52.75
C LYS C 393 -8.62 -30.79 51.37
N GLY C 394 -7.55 -31.24 50.71
CA GLY C 394 -7.63 -32.11 49.51
C GLY C 394 -7.88 -31.36 48.22
N LEU C 395 -8.19 -30.06 48.27
CA LEU C 395 -8.60 -29.24 47.10
C LEU C 395 -7.41 -28.44 46.57
N PRO C 396 -7.29 -28.31 45.23
CA PRO C 396 -6.21 -27.53 44.62
C PRO C 396 -6.52 -26.03 44.50
N HIS C 397 -5.71 -25.32 43.72
CA HIS C 397 -5.75 -23.86 43.48
C HIS C 397 -7.19 -23.31 43.49
N MET C 398 -7.44 -22.31 44.34
CA MET C 398 -8.70 -21.53 44.49
C MET C 398 -9.70 -22.26 45.39
N GLY C 399 -9.55 -23.58 45.58
CA GLY C 399 -10.49 -24.42 46.36
C GLY C 399 -11.93 -24.23 45.92
N TYR C 400 -12.18 -24.18 44.61
CA TYR C 400 -13.53 -24.09 43.99
C TYR C 400 -14.17 -25.47 43.96
N PRO C 401 -15.52 -25.57 44.02
CA PRO C 401 -16.39 -24.42 44.25
C PRO C 401 -16.64 -24.09 45.74
N ASN C 402 -16.02 -24.86 46.65
CA ASN C 402 -16.19 -24.79 48.12
C ASN C 402 -15.92 -23.36 48.63
N SER C 403 -14.98 -22.64 48.02
CA SER C 403 -14.44 -21.34 48.51
C SER C 403 -15.37 -20.17 48.17
N LEU C 404 -16.41 -20.37 47.37
CA LEU C 404 -17.22 -19.25 46.80
C LEU C 404 -18.30 -18.79 47.78
N PRO C 405 -19.10 -19.69 48.41
CA PRO C 405 -20.17 -19.26 49.31
C PRO C 405 -19.69 -18.36 50.46
N VAL C 406 -18.62 -18.76 51.14
CA VAL C 406 -18.05 -18.08 52.34
C VAL C 406 -17.63 -16.64 51.99
N SER C 407 -17.07 -16.42 50.79
CA SER C 407 -16.72 -15.07 50.26
C SER C 407 -17.90 -14.12 50.49
N TYR C 408 -19.09 -14.54 50.05
CA TYR C 408 -20.33 -13.73 50.11
C TYR C 408 -20.84 -13.63 51.56
N GLU C 409 -20.62 -14.67 52.38
CA GLU C 409 -20.96 -14.66 53.83
C GLU C 409 -20.05 -13.65 54.54
N TRP C 410 -18.76 -13.68 54.22
CA TRP C 410 -17.74 -12.79 54.85
C TRP C 410 -18.01 -11.33 54.46
N LEU C 411 -18.36 -11.08 53.19
CA LEU C 411 -18.63 -9.73 52.64
C LEU C 411 -19.89 -9.15 53.31
N GLU C 412 -20.92 -9.98 53.56
CA GLU C 412 -22.14 -9.55 54.28
C GLU C 412 -21.76 -9.10 55.69
N GLN C 413 -20.96 -9.90 56.40
CA GLN C 413 -20.51 -9.63 57.79
C GLN C 413 -19.75 -8.30 57.85
N VAL C 414 -18.87 -8.03 56.88
CA VAL C 414 -17.96 -6.86 56.87
C VAL C 414 -18.71 -5.60 56.40
N LEU C 415 -19.61 -5.73 55.42
CA LEU C 415 -20.35 -4.58 54.83
C LEU C 415 -21.69 -4.37 55.55
N ALA C 416 -21.89 -4.99 56.73
CA ALA C 416 -23.15 -4.97 57.51
C ALA C 416 -23.50 -3.55 57.94
N SER C 417 -24.79 -3.20 57.93
CA SER C 417 -25.34 -1.88 58.32
C SER C 417 -25.78 -1.93 59.79
N ARG D 20 20.85 0.72 -58.21
CA ARG D 20 19.37 0.53 -58.35
C ARG D 20 18.64 1.78 -57.87
N TRP D 21 18.98 2.28 -56.67
CA TRP D 21 18.34 3.47 -56.05
C TRP D 21 18.99 4.75 -56.58
N ILE D 22 18.24 5.85 -56.60
CA ILE D 22 18.72 7.20 -57.03
C ILE D 22 19.72 7.72 -55.98
N LEU D 23 19.57 7.33 -54.71
CA LEU D 23 20.54 7.62 -53.62
C LEU D 23 21.95 7.16 -54.05
N GLY D 24 22.01 6.10 -54.86
CA GLY D 24 23.23 5.65 -55.55
C GLY D 24 24.25 5.04 -54.60
N ASP D 25 25.51 5.50 -54.68
CA ASP D 25 26.69 4.97 -53.93
C ASP D 25 26.42 5.05 -52.42
N LYS D 26 25.80 6.15 -51.96
CA LYS D 26 25.48 6.43 -50.54
C LYS D 26 24.62 5.31 -49.92
N PHE D 27 23.82 4.61 -50.73
CA PHE D 27 22.89 3.54 -50.27
C PHE D 27 23.68 2.44 -49.54
N ASP D 28 24.78 1.97 -50.16
CA ASP D 28 25.63 0.87 -49.64
C ASP D 28 26.80 1.43 -48.81
N THR D 29 26.57 2.53 -48.07
CA THR D 29 27.55 3.10 -47.11
C THR D 29 26.97 3.01 -45.70
N VAL D 30 27.85 2.88 -44.69
CA VAL D 30 27.49 2.92 -43.24
C VAL D 30 27.87 4.30 -42.72
N PHE D 31 26.87 5.14 -42.41
CA PHE D 31 27.04 6.54 -42.01
C PHE D 31 27.84 6.59 -40.70
N PRO D 32 28.77 7.57 -40.54
CA PRO D 32 29.71 7.56 -39.41
C PRO D 32 29.08 7.63 -38.01
N HIS D 33 27.85 8.14 -37.89
CA HIS D 33 27.15 8.38 -36.59
C HIS D 33 26.42 7.11 -36.11
N LYS D 34 26.28 6.08 -36.94
CA LYS D 34 25.48 4.86 -36.61
C LYS D 34 26.09 4.14 -35.41
N GLY D 35 25.33 4.06 -34.31
CA GLY D 35 25.75 3.40 -33.06
C GLY D 35 26.77 4.21 -32.28
N SER D 36 26.85 5.52 -32.55
CA SER D 36 27.83 6.46 -31.91
C SER D 36 27.14 7.80 -31.64
N LEU D 37 26.47 7.92 -30.48
CA LEU D 37 25.87 9.20 -30.00
C LEU D 37 26.94 10.29 -29.94
N LYS D 38 28.21 9.91 -29.72
CA LYS D 38 29.37 10.83 -29.63
C LYS D 38 29.55 11.57 -30.97
N VAL D 39 29.63 10.82 -32.08
CA VAL D 39 29.80 11.37 -33.46
C VAL D 39 28.55 12.18 -33.82
N LEU D 40 27.36 11.59 -33.66
CA LEU D 40 26.05 12.25 -33.94
C LEU D 40 26.08 13.68 -33.38
N TRP D 41 26.46 13.81 -32.10
CA TRP D 41 26.57 15.11 -31.39
C TRP D 41 27.70 15.93 -32.00
N GLU D 42 28.91 15.37 -32.08
CA GLU D 42 30.17 16.07 -32.43
C GLU D 42 30.17 16.51 -33.91
N SER D 43 29.48 15.77 -34.79
CA SER D 43 29.47 16.15 -36.22
C SER D 43 28.13 16.75 -36.66
N ARG D 44 27.05 16.51 -35.92
CA ARG D 44 25.74 16.98 -36.44
C ARG D 44 24.89 17.73 -35.41
N TRP D 45 24.46 17.04 -34.36
CA TRP D 45 23.48 17.61 -33.40
C TRP D 45 24.01 18.86 -32.69
N LYS D 46 25.26 18.84 -32.26
CA LYS D 46 25.93 20.02 -31.62
C LYS D 46 25.63 21.27 -32.45
N PHE D 47 25.83 21.21 -33.78
CA PHE D 47 25.65 22.34 -34.73
C PHE D 47 24.16 22.68 -34.86
N ALA D 48 23.31 21.67 -35.06
CA ALA D 48 21.84 21.80 -35.07
C ALA D 48 21.37 22.50 -33.79
N CYS D 49 21.88 22.07 -32.63
CA CYS D 49 21.51 22.60 -31.29
C CYS D 49 21.93 24.07 -31.17
N SER D 50 23.14 24.40 -31.63
CA SER D 50 23.73 25.77 -31.63
C SER D 50 22.86 26.73 -32.45
N LYS D 51 22.39 26.30 -33.63
CA LYS D 51 21.60 27.15 -34.55
C LYS D 51 20.13 27.17 -34.12
N SER D 52 19.77 26.31 -33.17
CA SER D 52 18.38 26.15 -32.66
CA SER D 52 18.38 26.14 -32.67
C SER D 52 17.47 25.74 -33.83
N VAL D 53 17.93 24.79 -34.65
CA VAL D 53 17.16 24.16 -35.75
C VAL D 53 16.83 22.72 -35.36
N TYR D 54 15.87 22.12 -36.07
CA TYR D 54 15.31 20.76 -35.85
C TYR D 54 16.44 19.75 -35.61
N PRO D 55 16.33 18.82 -34.64
CA PRO D 55 15.19 18.76 -33.71
C PRO D 55 15.28 19.63 -32.45
N PHE D 56 16.17 20.64 -32.44
CA PHE D 56 16.46 21.48 -31.27
C PHE D 56 15.80 22.86 -31.42
N HIS D 57 14.70 22.96 -32.16
CA HIS D 57 13.96 24.24 -32.36
C HIS D 57 13.30 24.67 -31.04
N ASP D 58 13.28 25.98 -30.79
CA ASP D 58 12.87 26.61 -29.50
C ASP D 58 13.94 26.37 -28.41
N GLY D 59 14.99 25.58 -28.70
CA GLY D 59 15.92 25.04 -27.69
C GLY D 59 17.18 25.90 -27.55
N SER D 60 18.00 25.61 -26.54
CA SER D 60 19.23 26.38 -26.19
CA SER D 60 19.24 26.37 -26.21
C SER D 60 20.39 25.42 -25.90
N ILE D 61 21.53 25.64 -26.56
CA ILE D 61 22.79 24.81 -26.49
C ILE D 61 23.32 24.72 -25.05
N GLU D 62 23.10 25.73 -24.21
CA GLU D 62 23.60 25.74 -22.80
C GLU D 62 22.78 24.75 -21.97
N ASP D 63 21.54 24.45 -22.39
CA ASP D 63 20.70 23.43 -21.72
C ASP D 63 21.29 22.03 -22.00
N PHE D 64 21.86 21.81 -23.19
CA PHE D 64 22.10 20.47 -23.78
C PHE D 64 23.56 20.02 -23.69
N GLU D 65 24.54 20.93 -23.62
CA GLU D 65 25.98 20.56 -23.63
C GLU D 65 26.31 19.68 -22.43
N PRO D 66 25.92 20.05 -21.19
CA PRO D 66 26.22 19.23 -20.01
C PRO D 66 25.64 17.81 -20.10
N ILE D 67 24.46 17.67 -20.71
CA ILE D 67 23.75 16.36 -20.91
C ILE D 67 24.58 15.50 -21.88
N PHE D 68 24.89 16.03 -23.07
CA PHE D 68 25.57 15.26 -24.15
C PHE D 68 27.01 14.97 -23.75
N ASN D 69 27.63 15.83 -22.94
CA ASN D 69 28.98 15.57 -22.36
C ASN D 69 28.86 14.39 -21.39
N HIS D 70 27.91 14.45 -20.45
CA HIS D 70 27.58 13.37 -19.47
C HIS D 70 27.35 12.05 -20.22
N LEU D 71 26.55 12.08 -21.30
CA LEU D 71 26.16 10.88 -22.09
C LEU D 71 27.37 10.31 -22.82
N ILE D 72 28.21 11.17 -23.42
CA ILE D 72 29.48 10.79 -24.10
C ILE D 72 30.43 10.18 -23.06
N SER D 73 30.49 10.77 -21.86
CA SER D 73 31.40 10.37 -20.75
C SER D 73 31.15 8.93 -20.32
N LYS D 74 29.89 8.48 -20.36
CA LYS D 74 29.45 7.14 -19.89
C LYS D 74 29.31 6.16 -21.07
N ASN D 75 29.63 6.60 -22.29
CA ASN D 75 29.53 5.80 -23.55
C ASN D 75 28.09 5.29 -23.71
N ILE D 76 27.12 6.18 -23.50
CA ILE D 76 25.69 5.80 -23.72
C ILE D 76 25.43 6.10 -25.19
N ASN D 77 25.06 5.07 -25.98
CA ASN D 77 24.79 5.29 -27.42
C ASN D 77 23.35 4.91 -27.79
N ASP D 78 22.73 4.01 -27.03
CA ASP D 78 21.37 3.53 -27.38
C ASP D 78 20.32 4.47 -26.80
N ALA D 79 19.78 5.35 -27.65
CA ALA D 79 18.76 6.37 -27.28
C ALA D 79 17.45 5.70 -26.85
N ALA D 80 17.20 4.46 -27.30
CA ALA D 80 15.99 3.67 -26.95
C ALA D 80 16.03 3.24 -25.48
N SER D 81 17.21 3.24 -24.85
CA SER D 81 17.44 2.81 -23.44
C SER D 81 17.03 3.92 -22.47
N ASP D 82 16.71 3.54 -21.23
CA ASP D 82 16.28 4.46 -20.13
C ASP D 82 17.49 5.25 -19.62
N GLU D 83 18.71 4.75 -19.81
CA GLU D 83 19.97 5.45 -19.45
C GLU D 83 20.02 6.81 -20.15
N TYR D 84 19.68 6.84 -21.44
CA TYR D 84 19.65 8.04 -22.31
C TYR D 84 18.64 9.06 -21.78
N THR D 85 17.36 8.65 -21.66
CA THR D 85 16.20 9.54 -21.36
C THR D 85 16.40 10.25 -20.01
N GLN D 86 16.85 9.51 -19.00
CA GLN D 86 16.93 9.99 -17.59
C GLN D 86 18.07 11.01 -17.41
N ALA D 87 19.00 11.12 -18.37
CA ALA D 87 20.14 12.07 -18.34
C ALA D 87 19.65 13.51 -18.54
N PHE D 88 18.43 13.68 -19.08
CA PHE D 88 17.81 14.98 -19.47
C PHE D 88 16.89 15.51 -18.37
N LEU D 89 16.39 14.62 -17.50
CA LEU D 89 15.31 14.92 -16.51
C LEU D 89 15.74 16.05 -15.57
N PRO D 90 16.88 15.94 -14.85
CA PRO D 90 17.31 17.00 -13.92
C PRO D 90 17.32 18.40 -14.54
N THR D 91 17.96 18.57 -15.71
CA THR D 91 18.00 19.84 -16.48
C THR D 91 16.57 20.35 -16.68
N ALA D 92 15.67 19.51 -17.20
CA ALA D 92 14.26 19.85 -17.46
C ALA D 92 13.62 20.39 -16.18
N SER D 93 13.83 19.70 -15.05
CA SER D 93 13.31 20.08 -13.70
C SER D 93 13.90 21.43 -13.28
N ALA D 94 15.22 21.59 -13.40
CA ALA D 94 15.94 22.85 -13.08
C ALA D 94 15.30 24.01 -13.85
N LEU D 95 14.99 23.81 -15.13
CA LEU D 95 14.45 24.86 -16.03
C LEU D 95 13.02 25.23 -15.62
N GLU D 96 12.23 24.29 -15.10
CA GLU D 96 10.83 24.53 -14.64
C GLU D 96 10.83 25.37 -13.35
N GLU D 97 11.85 25.18 -12.50
CA GLU D 97 12.01 25.97 -11.24
C GLU D 97 12.39 27.41 -11.59
N LYS D 98 13.23 27.60 -12.62
CA LYS D 98 13.65 28.92 -13.15
C LYS D 98 12.42 29.66 -13.70
N ALA D 99 11.57 28.96 -14.44
CA ALA D 99 10.32 29.47 -15.03
C ALA D 99 9.35 29.93 -13.93
N ALA D 100 9.23 29.15 -12.84
CA ALA D 100 8.38 29.45 -11.67
C ALA D 100 8.88 30.73 -10.99
N GLN D 101 10.21 30.85 -10.83
CA GLN D 101 10.89 32.04 -10.25
C GLN D 101 10.64 33.26 -11.14
N ALA D 102 10.76 33.08 -12.46
CA ALA D 102 10.52 34.12 -13.49
C ALA D 102 9.05 34.59 -13.43
N LEU D 103 8.11 33.65 -13.44
CA LEU D 103 6.64 33.94 -13.39
C LEU D 103 6.31 34.67 -12.08
N GLN D 104 6.88 34.23 -10.97
CA GLN D 104 6.71 34.82 -9.60
C GLN D 104 7.04 36.32 -9.65
N ALA D 105 8.11 36.71 -10.36
CA ALA D 105 8.63 38.09 -10.47
C ALA D 105 7.93 38.84 -11.62
N GLY D 106 6.85 38.28 -12.17
CA GLY D 106 6.04 38.91 -13.25
C GLY D 106 6.81 39.05 -14.55
N LYS D 107 7.81 38.19 -14.79
CA LYS D 107 8.60 38.14 -16.06
C LYS D 107 8.00 37.06 -16.96
N HIS D 108 6.78 37.31 -17.47
CA HIS D 108 5.95 36.36 -18.27
C HIS D 108 6.76 35.85 -19.47
N GLU D 109 7.48 36.74 -20.16
CA GLU D 109 8.23 36.41 -21.41
C GLU D 109 9.33 35.40 -21.10
N GLU D 110 10.14 35.65 -20.06
CA GLU D 110 11.31 34.79 -19.69
C GLU D 110 10.81 33.40 -19.25
N ALA D 111 9.76 33.34 -18.42
CA ALA D 111 9.15 32.10 -17.89
C ALA D 111 8.68 31.22 -19.07
N SER D 112 8.00 31.82 -20.04
CA SER D 112 7.52 31.15 -21.29
C SER D 112 8.73 30.57 -22.03
N ASN D 113 9.79 31.38 -22.20
CA ASN D 113 11.03 31.01 -22.92
C ASN D 113 11.70 29.81 -22.24
N LEU D 114 11.75 29.81 -20.90
CA LEU D 114 12.39 28.74 -20.08
C LEU D 114 11.56 27.46 -20.15
N LEU D 115 10.24 27.57 -20.30
CA LEU D 115 9.31 26.40 -20.37
C LEU D 115 9.38 25.81 -21.79
N CYS D 116 9.54 26.66 -22.81
CA CYS D 116 9.83 26.24 -24.19
C CYS D 116 11.16 25.48 -24.22
N ARG D 117 12.16 25.93 -23.45
CA ARG D 117 13.50 25.29 -23.41
C ARG D 117 13.41 23.89 -22.77
N ALA D 118 12.72 23.76 -21.64
CA ALA D 118 12.54 22.49 -20.90
C ALA D 118 11.76 21.49 -21.77
N ALA D 119 10.80 21.98 -22.56
CA ALA D 119 9.97 21.18 -23.50
C ALA D 119 10.86 20.55 -24.57
N VAL D 120 11.89 21.27 -25.04
CA VAL D 120 12.87 20.78 -26.05
C VAL D 120 13.77 19.74 -25.38
N VAL D 121 14.17 19.96 -24.12
CA VAL D 121 14.97 18.97 -23.32
C VAL D 121 14.15 17.67 -23.18
N TYR D 122 12.87 17.78 -22.84
CA TYR D 122 11.93 16.63 -22.78
C TYR D 122 11.86 15.98 -24.17
N ARG D 123 11.78 16.79 -25.24
CA ARG D 123 11.65 16.33 -26.66
C ARG D 123 12.87 15.47 -27.03
N ILE D 124 14.10 15.96 -26.80
CA ILE D 124 15.33 15.24 -27.23
C ILE D 124 15.51 13.96 -26.39
N SER D 125 15.00 13.95 -25.15
CA SER D 125 15.04 12.77 -24.24
C SER D 125 14.22 11.60 -24.80
N ARG D 126 13.10 11.89 -25.48
CA ARG D 126 12.13 10.87 -25.98
C ARG D 126 12.40 10.55 -27.46
N PHE D 127 13.51 11.04 -28.02
CA PHE D 127 13.97 10.71 -29.38
C PHE D 127 14.40 9.24 -29.40
N PRO D 128 14.12 8.46 -30.47
CA PRO D 128 13.34 8.92 -31.62
C PRO D 128 11.82 8.64 -31.59
N TYR D 129 11.32 7.92 -30.60
CA TYR D 129 9.95 7.35 -30.63
C TYR D 129 9.46 7.04 -29.21
N VAL D 130 8.25 7.51 -28.88
CA VAL D 130 7.42 7.09 -27.71
C VAL D 130 6.68 5.80 -28.09
N ASP D 131 7.08 4.68 -27.51
CA ASP D 131 6.49 3.35 -27.78
C ASP D 131 5.04 3.38 -27.30
N ILE D 132 4.09 3.51 -28.24
CA ILE D 132 2.62 3.61 -27.97
C ILE D 132 2.15 2.43 -27.11
N THR D 133 2.90 1.33 -27.09
CA THR D 133 2.54 0.07 -26.38
C THR D 133 3.16 0.07 -24.96
N LYS D 134 3.88 1.13 -24.57
CA LYS D 134 4.58 1.22 -23.25
C LYS D 134 4.20 2.52 -22.55
N PRO D 135 3.08 2.55 -21.79
CA PRO D 135 2.64 3.76 -21.09
C PRO D 135 3.46 4.16 -19.86
N ASN D 136 4.30 3.25 -19.34
CA ASN D 136 5.10 3.46 -18.10
C ASN D 136 6.59 3.62 -18.45
N SER D 137 6.93 3.60 -19.74
CA SER D 137 8.31 3.86 -20.24
C SER D 137 8.64 5.34 -19.98
N ILE D 138 9.91 5.65 -19.67
CA ILE D 138 10.34 7.01 -19.24
C ILE D 138 10.13 8.00 -20.40
N LYS D 139 10.21 7.55 -21.65
CA LYS D 139 9.99 8.40 -22.85
C LYS D 139 8.54 8.89 -22.89
N ARG D 140 7.58 8.08 -22.39
CA ARG D 140 6.16 8.50 -22.24
C ARG D 140 6.08 9.51 -21.09
N VAL D 141 6.66 9.19 -19.94
CA VAL D 141 6.79 10.13 -18.79
C VAL D 141 7.27 11.48 -19.36
N ALA D 142 8.38 11.46 -20.12
CA ALA D 142 9.03 12.66 -20.69
C ALA D 142 8.07 13.47 -21.56
N PHE D 143 7.36 12.80 -22.47
CA PHE D 143 6.37 13.40 -23.41
C PHE D 143 5.24 14.07 -22.62
N GLU D 144 4.72 13.41 -21.59
CA GLU D 144 3.63 13.94 -20.74
C GLU D 144 4.11 15.24 -20.06
N ARG D 145 5.33 15.24 -19.51
CA ARG D 145 5.90 16.44 -18.84
C ARG D 145 6.04 17.56 -19.90
N GLN D 146 6.49 17.22 -21.10
CA GLN D 146 6.72 18.16 -22.22
C GLN D 146 5.43 18.94 -22.55
N LYS D 147 4.32 18.22 -22.78
CA LYS D 147 3.01 18.82 -23.16
C LYS D 147 2.56 19.83 -22.11
N GLN D 148 2.70 19.49 -20.82
CA GLN D 148 2.31 20.33 -19.67
C GLN D 148 3.13 21.63 -19.71
N ALA D 149 4.46 21.50 -19.80
CA ALA D 149 5.42 22.63 -19.86
C ALA D 149 5.14 23.49 -21.10
N TYR D 150 4.90 22.88 -22.27
CA TYR D 150 4.57 23.59 -23.54
C TYR D 150 3.28 24.38 -23.36
N LEU D 151 2.24 23.76 -22.79
CA LEU D 151 0.90 24.39 -22.66
C LEU D 151 0.99 25.58 -21.69
N LYS D 152 1.81 25.48 -20.64
CA LYS D 152 2.09 26.61 -19.72
C LYS D 152 2.83 27.71 -20.50
N ALA D 153 3.85 27.35 -21.28
CA ALA D 153 4.67 28.28 -22.10
C ALA D 153 3.77 29.05 -23.08
N THR D 154 2.85 28.35 -23.75
CA THR D 154 2.05 28.89 -24.87
C THR D 154 0.72 29.49 -24.38
N SER D 155 0.41 29.33 -23.08
CA SER D 155 -0.79 29.95 -22.44
C SER D 155 -0.62 31.46 -22.38
N LEU D 156 0.64 31.94 -22.28
CA LEU D 156 1.00 33.36 -22.04
C LEU D 156 1.01 34.15 -23.34
N TRP D 157 0.97 33.48 -24.50
CA TRP D 157 0.98 34.12 -25.85
C TRP D 157 -0.32 34.89 -26.09
N THR D 158 -0.26 35.98 -26.85
CA THR D 158 -1.41 36.86 -27.22
C THR D 158 -2.47 36.01 -27.91
N GLN D 159 -2.06 35.17 -28.87
CA GLN D 159 -2.91 34.15 -29.53
C GLN D 159 -2.42 32.77 -29.07
N PRO D 160 -2.89 32.26 -27.91
CA PRO D 160 -2.31 31.06 -27.31
C PRO D 160 -2.59 29.77 -28.10
N ILE D 161 -1.70 28.78 -27.96
CA ILE D 161 -1.95 27.38 -28.41
C ILE D 161 -2.84 26.72 -27.35
N ARG D 162 -3.93 26.08 -27.80
CA ARG D 162 -4.95 25.45 -26.92
C ARG D 162 -5.15 24.00 -27.36
N GLU D 163 -5.23 23.08 -26.40
CA GLU D 163 -5.53 21.64 -26.64
C GLU D 163 -7.05 21.45 -26.65
N VAL D 164 -7.58 20.80 -27.70
CA VAL D 164 -8.98 20.29 -27.75
C VAL D 164 -8.93 18.77 -27.94
N THR D 165 -9.58 18.02 -27.05
CA THR D 165 -9.84 16.57 -27.18
C THR D 165 -11.07 16.38 -28.05
N VAL D 166 -10.86 16.03 -29.33
CA VAL D 166 -11.96 15.76 -30.32
C VAL D 166 -12.46 14.34 -30.08
N PRO D 167 -13.77 14.14 -29.79
CA PRO D 167 -14.33 12.80 -29.67
C PRO D 167 -14.24 12.10 -31.03
N HIS D 168 -13.63 10.90 -31.05
CA HIS D 168 -13.36 10.11 -32.29
C HIS D 168 -14.64 9.39 -32.73
N THR D 169 -15.69 10.14 -33.08
CA THR D 169 -17.05 9.61 -33.41
C THR D 169 -16.97 8.53 -34.49
N TYR D 170 -15.99 8.64 -35.40
CA TYR D 170 -15.80 7.77 -36.60
C TYR D 170 -14.97 6.54 -36.23
N ARG D 171 -14.57 6.39 -34.96
CA ARG D 171 -13.78 5.23 -34.45
C ARG D 171 -14.51 3.92 -34.79
N THR D 172 -13.76 2.89 -35.21
CA THR D 172 -14.20 1.48 -35.33
C THR D 172 -13.06 0.57 -34.87
N GLY D 173 -13.35 -0.72 -34.65
CA GLY D 173 -12.37 -1.73 -34.23
C GLY D 173 -11.59 -1.31 -32.99
N ASN D 174 -10.24 -1.32 -33.08
CA ASN D 174 -9.32 -1.11 -31.94
C ASN D 174 -9.17 0.39 -31.62
N ASP D 175 -9.67 1.28 -32.48
CA ASP D 175 -9.52 2.76 -32.37
C ASP D 175 -9.82 3.22 -30.93
N GLY D 176 -9.10 4.24 -30.47
CA GLY D 176 -9.37 4.94 -29.20
C GLY D 176 -10.52 5.94 -29.33
N ALA D 177 -10.84 6.66 -28.26
CA ALA D 177 -12.07 7.49 -28.12
C ALA D 177 -11.77 8.98 -28.34
N HIS D 178 -10.52 9.41 -28.16
CA HIS D 178 -10.11 10.82 -27.99
C HIS D 178 -8.98 11.17 -28.99
N ILE D 179 -9.11 12.28 -29.72
CA ILE D 179 -8.08 12.84 -30.64
C ILE D 179 -7.64 14.19 -30.09
N PRO D 180 -6.53 14.26 -29.32
CA PRO D 180 -6.02 15.54 -28.83
C PRO D 180 -5.25 16.27 -29.93
N ILE D 181 -5.75 17.44 -30.32
CA ILE D 181 -5.12 18.33 -31.33
C ILE D 181 -4.72 19.63 -30.64
N TYR D 182 -3.80 20.39 -31.23
CA TYR D 182 -3.51 21.79 -30.84
C TYR D 182 -4.17 22.70 -31.89
N ILE D 183 -4.88 23.72 -31.42
CA ILE D 183 -5.49 24.78 -32.28
C ILE D 183 -4.90 26.13 -31.85
N ARG D 184 -4.60 26.98 -32.84
CA ARG D 184 -4.10 28.36 -32.64
C ARG D 184 -4.76 29.26 -33.69
N THR D 185 -5.58 30.22 -33.25
CA THR D 185 -6.42 31.07 -34.13
C THR D 185 -5.87 32.51 -34.11
N PRO D 186 -5.74 33.17 -35.28
CA PRO D 186 -5.26 34.55 -35.34
C PRO D 186 -6.32 35.52 -34.79
N ALA D 187 -5.91 36.77 -34.55
CA ALA D 187 -6.67 37.82 -33.82
C ALA D 187 -7.96 38.18 -34.57
N GLY D 188 -9.10 38.10 -33.88
CA GLY D 188 -10.40 38.62 -34.34
C GLY D 188 -11.08 37.70 -35.33
N ALA D 189 -10.75 36.40 -35.33
CA ALA D 189 -11.40 35.35 -36.14
C ALA D 189 -12.72 34.96 -35.46
N ASP D 190 -13.86 35.23 -36.12
CA ASP D 190 -15.22 35.03 -35.56
C ASP D 190 -16.14 34.42 -36.63
N GLN D 191 -17.41 34.22 -36.30
CA GLN D 191 -18.46 33.66 -37.20
C GLN D 191 -18.64 34.57 -38.44
N SER D 192 -18.43 35.87 -38.28
CA SER D 192 -18.59 36.90 -39.35
C SER D 192 -17.38 36.89 -40.29
N ASN D 193 -16.19 36.55 -39.78
CA ASN D 193 -14.90 36.55 -40.54
C ASN D 193 -14.12 35.28 -40.22
N PRO D 194 -14.49 34.11 -40.81
CA PRO D 194 -13.75 32.88 -40.58
C PRO D 194 -12.43 32.86 -41.36
N VAL D 195 -11.42 32.12 -40.86
CA VAL D 195 -10.04 32.13 -41.42
C VAL D 195 -9.69 30.76 -41.98
N PRO D 196 -8.88 30.70 -43.06
CA PRO D 196 -8.39 29.42 -43.59
C PRO D 196 -7.63 28.59 -42.54
N ILE D 197 -7.52 27.27 -42.78
CA ILE D 197 -6.89 26.30 -41.84
C ILE D 197 -5.68 25.65 -42.54
N VAL D 198 -4.59 25.47 -41.80
CA VAL D 198 -3.45 24.59 -42.17
C VAL D 198 -3.31 23.52 -41.08
N LEU D 199 -3.74 22.29 -41.38
CA LEU D 199 -3.70 21.14 -40.45
C LEU D 199 -2.35 20.45 -40.61
N ILE D 200 -1.48 20.53 -39.58
CA ILE D 200 -0.15 19.86 -39.58
C ILE D 200 -0.35 18.42 -39.09
N MET D 201 0.07 17.42 -39.90
CA MET D 201 0.13 15.99 -39.50
C MET D 201 1.59 15.70 -39.15
N THR D 202 1.87 15.51 -37.86
CA THR D 202 3.22 15.40 -37.26
C THR D 202 3.80 14.05 -37.67
N GLY D 203 5.00 13.70 -37.18
CA GLY D 203 5.78 12.57 -37.68
C GLY D 203 6.08 11.52 -36.64
N LEU D 204 7.21 10.83 -36.83
CA LEU D 204 7.63 9.67 -35.99
C LEU D 204 8.24 10.19 -34.68
N ASP D 205 9.00 11.29 -34.73
CA ASP D 205 9.78 11.83 -33.57
C ASP D 205 9.34 13.26 -33.23
N GLY D 206 8.41 13.84 -34.00
CA GLY D 206 7.83 15.19 -33.79
C GLY D 206 6.34 15.09 -33.56
N TYR D 207 5.85 15.52 -32.38
CA TYR D 207 4.41 15.48 -31.98
C TYR D 207 3.90 16.92 -31.88
N ARG D 208 2.70 17.13 -31.33
CA ARG D 208 1.94 18.40 -31.51
C ARG D 208 2.63 19.58 -30.83
N PRO D 209 3.45 19.42 -29.75
CA PRO D 209 4.22 20.53 -29.19
C PRO D 209 5.53 20.88 -29.91
N ASP D 210 5.84 20.27 -31.06
CA ASP D 210 7.16 20.37 -31.74
C ASP D 210 7.08 21.23 -33.01
N ASN D 211 6.19 22.22 -33.07
CA ASN D 211 5.89 22.96 -34.34
C ASN D 211 5.61 24.44 -34.08
N SER D 212 6.26 25.06 -33.09
CA SER D 212 6.01 26.47 -32.68
C SER D 212 6.16 27.44 -33.87
N GLN D 213 7.28 27.36 -34.58
CA GLN D 213 7.64 28.35 -35.64
C GLN D 213 6.66 28.24 -36.81
N ARG D 214 6.18 27.04 -37.16
CA ARG D 214 5.17 26.86 -38.23
C ARG D 214 3.90 27.64 -37.88
N THR D 215 3.42 27.52 -36.63
CA THR D 215 2.18 28.19 -36.14
C THR D 215 2.39 29.71 -36.12
N HIS D 216 3.60 30.18 -35.81
CA HIS D 216 4.01 31.60 -35.98
C HIS D 216 3.74 32.00 -37.44
N GLU D 217 4.41 31.31 -38.37
CA GLU D 217 4.37 31.61 -39.83
C GLU D 217 2.92 31.55 -40.33
N ILE D 218 2.13 30.60 -39.83
CA ILE D 218 0.71 30.36 -40.25
C ILE D 218 -0.14 31.54 -39.78
N LEU D 219 -0.18 31.81 -38.46
CA LEU D 219 -0.99 32.91 -37.87
C LEU D 219 -0.54 34.27 -38.44
N ALA D 220 0.75 34.44 -38.71
CA ALA D 220 1.34 35.65 -39.32
C ALA D 220 0.68 35.94 -40.68
N ARG D 221 0.24 34.89 -41.38
CA ARG D 221 -0.39 34.97 -42.73
C ARG D 221 -1.93 34.93 -42.62
N GLY D 222 -2.46 35.11 -41.41
CA GLY D 222 -3.91 35.29 -41.17
C GLY D 222 -4.68 33.98 -41.11
N TRP D 223 -3.99 32.83 -40.99
CA TRP D 223 -4.63 31.48 -40.95
C TRP D 223 -4.51 30.89 -39.54
N ALA D 224 -5.35 29.90 -39.24
CA ALA D 224 -5.28 29.06 -38.02
C ALA D 224 -4.37 27.87 -38.32
N ALA D 225 -3.62 27.44 -37.30
CA ALA D 225 -2.78 26.23 -37.28
C ALA D 225 -3.46 25.16 -36.39
N VAL D 226 -3.81 24.03 -36.97
CA VAL D 226 -4.24 22.81 -36.23
C VAL D 226 -3.10 21.80 -36.36
N VAL D 227 -2.82 21.05 -35.29
CA VAL D 227 -1.75 20.01 -35.22
C VAL D 227 -2.37 18.74 -34.62
N ALA D 228 -2.33 17.63 -35.37
CA ALA D 228 -2.69 16.28 -34.90
C ALA D 228 -1.51 15.35 -35.18
N GLU D 229 -1.33 14.32 -34.36
CA GLU D 229 -0.32 13.24 -34.57
C GLU D 229 -0.91 12.20 -35.52
N ILE D 230 -0.09 11.24 -35.96
CA ILE D 230 -0.47 10.24 -36.99
C ILE D 230 -0.60 8.86 -36.33
N PRO D 231 -1.32 7.92 -36.99
CA PRO D 231 -1.46 6.55 -36.47
C PRO D 231 -0.11 5.97 -36.06
N GLY D 232 -0.10 5.26 -34.93
CA GLY D 232 1.07 4.57 -34.39
C GLY D 232 2.03 5.52 -33.69
N THR D 233 1.60 6.73 -33.33
CA THR D 233 2.43 7.74 -32.63
C THR D 233 1.63 8.45 -31.52
N ALA D 234 2.29 8.78 -30.41
CA ALA D 234 1.86 9.79 -29.42
C ALA D 234 0.47 9.43 -28.87
N ASP D 235 -0.50 10.35 -28.97
CA ASP D 235 -1.88 10.21 -28.41
C ASP D 235 -2.90 10.05 -29.55
N CYS D 236 -2.44 9.73 -30.76
CA CYS D 236 -3.34 9.42 -31.90
C CYS D 236 -4.05 8.10 -31.61
N PRO D 237 -5.40 8.12 -31.49
CA PRO D 237 -6.16 6.94 -31.09
C PRO D 237 -6.50 5.94 -32.22
N ALA D 238 -6.04 6.21 -33.45
CA ALA D 238 -6.31 5.41 -34.67
C ALA D 238 -5.60 4.05 -34.55
N ASP D 239 -6.22 2.96 -35.02
CA ASP D 239 -5.60 1.61 -35.00
C ASP D 239 -4.40 1.63 -35.95
N PRO D 240 -3.15 1.60 -35.42
CA PRO D 240 -1.96 1.67 -36.28
C PRO D 240 -1.96 0.56 -37.36
N ALA D 241 -2.54 -0.59 -37.03
CA ALA D 241 -2.56 -1.82 -37.86
C ALA D 241 -3.65 -1.75 -38.93
N ASP D 242 -4.66 -0.89 -38.77
CA ASP D 242 -5.76 -0.70 -39.77
C ASP D 242 -5.34 0.36 -40.77
N PRO D 243 -5.03 -0.01 -42.04
CA PRO D 243 -4.66 0.97 -43.05
C PRO D 243 -5.72 2.08 -43.26
N ALA D 244 -6.98 1.80 -42.90
CA ALA D 244 -8.14 2.72 -43.08
C ALA D 244 -8.29 3.66 -41.87
N SER D 245 -7.53 3.46 -40.80
CA SER D 245 -7.61 4.26 -39.54
C SER D 245 -7.44 5.76 -39.83
N PRO D 246 -6.45 6.21 -40.64
CA PRO D 246 -6.30 7.63 -40.94
C PRO D 246 -7.60 8.25 -41.47
N ASP D 247 -8.32 7.53 -42.34
CA ASP D 247 -9.56 8.02 -43.00
C ASP D 247 -10.60 8.32 -41.91
N ARG D 248 -10.79 7.40 -40.95
CA ARG D 248 -11.72 7.56 -39.80
C ARG D 248 -11.25 8.74 -38.94
N LEU D 249 -9.94 8.79 -38.68
CA LEU D 249 -9.27 9.86 -37.89
C LEU D 249 -9.65 11.24 -38.47
N TRP D 250 -9.34 11.50 -39.74
CA TRP D 250 -9.55 12.82 -40.39
C TRP D 250 -11.04 13.10 -40.59
N ASP D 251 -11.89 12.07 -40.75
CA ASP D 251 -13.36 12.25 -40.79
C ASP D 251 -13.79 12.98 -39.51
N SER D 252 -13.34 12.51 -38.35
CA SER D 252 -13.64 13.10 -37.01
C SER D 252 -13.12 14.55 -36.95
N VAL D 253 -11.84 14.75 -37.27
CA VAL D 253 -11.14 16.07 -37.18
C VAL D 253 -11.88 17.11 -38.02
N LEU D 254 -11.95 16.91 -39.35
CA LEU D 254 -12.57 17.87 -40.30
C LEU D 254 -14.02 18.12 -39.87
N SER D 255 -14.74 17.08 -39.42
CA SER D 255 -16.12 17.18 -38.87
C SER D 255 -16.14 18.19 -37.72
N TYR D 256 -15.20 18.09 -36.78
CA TYR D 256 -15.05 19.04 -35.64
C TYR D 256 -14.80 20.44 -36.21
N LEU D 257 -13.82 20.55 -37.13
CA LEU D 257 -13.38 21.84 -37.73
C LEU D 257 -14.53 22.49 -38.49
N ASP D 258 -15.42 21.70 -39.11
CA ASP D 258 -16.62 22.19 -39.84
C ASP D 258 -17.53 22.94 -38.87
N GLN D 259 -17.64 22.46 -37.62
CA GLN D 259 -18.54 23.01 -36.58
C GLN D 259 -18.00 24.34 -36.04
N ARG D 260 -16.68 24.54 -36.05
CA ARG D 260 -16.01 25.72 -35.43
C ARG D 260 -16.34 26.97 -36.25
N PRO D 261 -17.14 27.91 -35.69
CA PRO D 261 -17.60 29.08 -36.45
C PRO D 261 -16.52 29.95 -37.10
N GLU D 262 -15.34 30.04 -36.47
CA GLU D 262 -14.26 30.98 -36.87
C GLU D 262 -13.30 30.31 -37.88
N LEU D 263 -13.48 29.03 -38.19
CA LEU D 263 -12.60 28.26 -39.12
C LEU D 263 -13.36 27.99 -40.43
N ASN D 264 -12.75 28.39 -41.55
CA ASN D 264 -13.27 28.18 -42.93
C ASN D 264 -12.61 26.93 -43.53
N THR D 265 -13.29 25.78 -43.46
CA THR D 265 -12.81 24.46 -43.95
C THR D 265 -12.81 24.43 -45.48
N ALA D 266 -13.54 25.35 -46.13
CA ALA D 266 -13.59 25.48 -47.61
C ALA D 266 -12.24 26.02 -48.13
N LYS D 267 -11.42 26.61 -47.26
CA LYS D 267 -10.02 27.02 -47.57
C LYS D 267 -9.07 26.30 -46.59
N MET D 268 -8.82 25.02 -46.84
CA MET D 268 -8.03 24.15 -45.92
C MET D 268 -6.89 23.47 -46.69
N VAL D 269 -5.66 23.61 -46.20
CA VAL D 269 -4.46 22.84 -46.64
C VAL D 269 -4.06 21.90 -45.49
N VAL D 270 -3.48 20.75 -45.82
CA VAL D 270 -2.87 19.80 -44.82
C VAL D 270 -1.36 19.78 -45.07
N TRP D 271 -0.56 19.69 -44.01
CA TRP D 271 0.92 19.72 -44.07
C TRP D 271 1.49 18.54 -43.29
N GLY D 272 1.88 17.48 -43.97
CA GLY D 272 2.44 16.25 -43.36
C GLY D 272 3.96 16.28 -43.36
N LEU D 273 4.57 16.14 -42.20
CA LEU D 273 6.04 16.24 -42.06
C LEU D 273 6.64 14.87 -41.75
N SER D 274 7.63 14.48 -42.53
CA SER D 274 8.35 13.23 -42.32
C SER D 274 7.37 12.06 -42.43
N ALA D 275 7.19 11.31 -41.35
CA ALA D 275 6.23 10.18 -41.35
C ALA D 275 4.82 10.70 -41.68
N GLY D 276 4.54 11.94 -41.27
CA GLY D 276 3.25 12.61 -41.57
C GLY D 276 2.98 12.76 -43.06
N GLY D 277 4.02 13.03 -43.85
CA GLY D 277 3.95 13.13 -45.33
C GLY D 277 3.05 12.08 -45.95
N TYR D 278 3.23 10.80 -45.59
CA TYR D 278 2.39 9.66 -46.03
C TYR D 278 0.91 10.01 -45.91
N TYR D 279 0.52 10.57 -44.76
CA TYR D 279 -0.88 10.77 -44.32
C TYR D 279 -1.44 12.03 -45.00
N ALA D 280 -0.56 13.00 -45.31
CA ALA D 280 -0.86 14.17 -46.17
C ALA D 280 -1.20 13.70 -47.58
N ILE D 281 -0.35 12.85 -48.18
CA ILE D 281 -0.54 12.28 -49.54
C ILE D 281 -1.87 11.50 -49.56
N ARG D 282 -2.10 10.66 -48.56
CA ARG D 282 -3.31 9.80 -48.50
C ARG D 282 -4.54 10.70 -48.50
N ALA D 283 -4.57 11.68 -47.60
CA ALA D 283 -5.67 12.64 -47.39
C ALA D 283 -5.91 13.47 -48.66
N ALA D 284 -4.85 13.82 -49.39
CA ALA D 284 -4.91 14.52 -50.69
C ALA D 284 -5.88 13.78 -51.62
N HIS D 285 -5.84 12.44 -51.61
CA HIS D 285 -6.74 11.54 -52.39
C HIS D 285 -8.05 11.31 -51.62
N THR D 286 -7.98 10.72 -50.43
CA THR D 286 -9.14 10.18 -49.66
C THR D 286 -10.08 11.33 -49.26
N HIS D 287 -9.57 12.55 -49.08
CA HIS D 287 -10.33 13.73 -48.62
C HIS D 287 -10.17 14.91 -49.59
N ARG D 288 -9.97 14.63 -50.88
CA ARG D 288 -9.73 15.66 -51.93
C ARG D 288 -10.88 16.67 -52.00
N ASP D 289 -12.09 16.28 -51.58
CA ASP D 289 -13.31 17.12 -51.63
C ASP D 289 -13.33 18.14 -50.48
N ARG D 290 -12.53 17.92 -49.44
CA ARG D 290 -12.54 18.73 -48.19
C ARG D 290 -11.28 19.60 -48.09
N LEU D 291 -10.38 19.54 -49.07
CA LEU D 291 -9.02 20.17 -49.01
C LEU D 291 -8.70 20.88 -50.33
N LEU D 292 -8.14 22.09 -50.24
CA LEU D 292 -7.61 22.87 -51.39
C LEU D 292 -6.15 22.46 -51.68
N GLY D 293 -5.49 21.80 -50.74
CA GLY D 293 -4.05 21.50 -50.88
C GLY D 293 -3.53 20.51 -49.85
N ALA D 294 -2.43 19.84 -50.20
CA ALA D 294 -1.63 18.97 -49.33
C ALA D 294 -0.15 19.23 -49.62
N ILE D 295 0.62 19.56 -48.59
CA ILE D 295 2.12 19.53 -48.64
C ILE D 295 2.58 18.22 -47.99
N ALA D 296 3.42 17.47 -48.69
CA ALA D 296 4.10 16.25 -48.21
C ALA D 296 5.60 16.55 -48.14
N HIS D 297 6.13 16.65 -46.92
CA HIS D 297 7.53 17.03 -46.58
C HIS D 297 8.33 15.76 -46.26
N GLY D 298 9.27 15.39 -47.12
CA GLY D 298 10.07 14.15 -47.03
C GLY D 298 9.18 12.93 -46.81
N PRO D 299 8.20 12.68 -47.71
CA PRO D 299 7.24 11.60 -47.51
C PRO D 299 7.73 10.24 -48.02
N GLY D 300 7.23 9.17 -47.41
CA GLY D 300 7.20 7.82 -47.99
C GLY D 300 5.78 7.45 -48.37
N CYS D 301 5.61 6.54 -49.33
CA CYS D 301 4.27 6.01 -49.73
C CYS D 301 4.33 4.58 -50.26
N HIS D 302 5.51 4.03 -50.60
CA HIS D 302 5.60 2.71 -51.29
C HIS D 302 6.98 2.07 -51.10
N TYR D 303 8.02 2.60 -51.74
CA TYR D 303 9.38 2.04 -51.81
C TYR D 303 10.08 2.13 -50.45
N TYR D 304 9.58 2.97 -49.54
CA TYR D 304 10.13 3.13 -48.17
C TYR D 304 9.85 1.87 -47.34
N LEU D 305 8.96 0.99 -47.82
CA LEU D 305 8.63 -0.31 -47.18
C LEU D 305 9.19 -1.47 -48.01
N ASP D 306 9.96 -1.17 -49.05
CA ASP D 306 10.69 -2.17 -49.88
C ASP D 306 11.67 -2.91 -48.98
N PRO D 307 11.69 -4.26 -48.97
CA PRO D 307 12.64 -5.02 -48.14
C PRO D 307 14.10 -4.62 -48.36
N GLU D 308 14.52 -4.43 -49.61
CA GLU D 308 15.89 -4.00 -49.99
C GLU D 308 16.22 -2.66 -49.33
N TRP D 309 15.28 -1.71 -49.37
CA TRP D 309 15.41 -0.37 -48.72
C TRP D 309 15.51 -0.52 -47.20
N LEU D 310 14.60 -1.29 -46.61
CA LEU D 310 14.50 -1.50 -45.14
C LEU D 310 15.76 -2.18 -44.59
N ALA D 311 16.51 -2.90 -45.43
CA ALA D 311 17.76 -3.60 -45.05
C ALA D 311 18.84 -2.59 -44.64
N LYS D 312 18.91 -1.44 -45.33
CA LYS D 312 20.02 -0.46 -45.20
C LYS D 312 19.51 0.87 -44.63
N VAL D 313 18.25 0.98 -44.21
CA VAL D 313 17.64 2.27 -43.75
C VAL D 313 18.32 2.71 -42.43
N ASN D 314 18.72 1.75 -41.60
CA ASN D 314 19.37 1.99 -40.28
C ASN D 314 20.82 2.48 -40.47
N ASP D 315 21.40 2.30 -41.67
CA ASP D 315 22.82 2.63 -41.99
C ASP D 315 22.91 4.04 -42.60
N HIS D 316 21.86 4.86 -42.53
CA HIS D 316 21.78 6.18 -43.22
C HIS D 316 21.68 7.31 -42.18
N GLU D 317 20.98 8.41 -42.51
CA GLU D 317 21.12 9.70 -41.80
C GLU D 317 20.22 9.78 -40.55
N TYR D 318 19.23 8.88 -40.35
CA TYR D 318 18.40 8.96 -39.12
C TYR D 318 19.32 8.82 -37.91
N PRO D 319 19.24 9.72 -36.91
CA PRO D 319 20.21 9.74 -35.80
C PRO D 319 20.43 8.42 -35.06
N PHE D 320 19.38 7.60 -34.94
CA PHE D 320 19.44 6.25 -34.33
C PHE D 320 18.67 5.25 -35.20
N GLU D 321 18.73 3.96 -34.84
CA GLU D 321 17.96 2.86 -35.48
C GLU D 321 16.50 3.30 -35.62
N ILE D 322 15.86 3.03 -36.77
CA ILE D 322 14.50 3.51 -37.11
C ILE D 322 13.52 2.33 -37.22
N THR D 323 13.99 1.13 -37.58
CA THR D 323 13.11 0.00 -38.01
C THR D 323 12.20 -0.45 -36.85
N ALA D 324 12.73 -0.53 -35.63
CA ALA D 324 11.99 -0.99 -34.41
C ALA D 324 10.79 -0.08 -34.17
N ALA D 325 10.98 1.25 -34.24
CA ALA D 325 9.93 2.27 -34.05
C ALA D 325 8.94 2.20 -35.23
N TRP D 326 9.47 2.07 -36.46
CA TRP D 326 8.67 1.92 -37.71
C TRP D 326 7.73 0.72 -37.59
N ALA D 327 8.27 -0.46 -37.21
CA ALA D 327 7.49 -1.69 -36.96
C ALA D 327 6.31 -1.37 -36.05
N THR D 328 6.59 -0.77 -34.88
CA THR D 328 5.60 -0.44 -33.82
C THR D 328 4.55 0.54 -34.37
N LYS D 329 4.96 1.54 -35.14
CA LYS D 329 4.08 2.63 -35.66
C LYS D 329 3.14 2.09 -36.76
N HIS D 330 3.53 1.03 -37.47
CA HIS D 330 2.74 0.35 -38.53
C HIS D 330 1.90 -0.78 -37.92
N GLY D 331 1.99 -0.97 -36.60
CA GLY D 331 1.11 -1.86 -35.83
C GLY D 331 1.59 -3.31 -35.82
N TYR D 332 2.91 -3.52 -35.99
CA TYR D 332 3.55 -4.87 -35.93
C TYR D 332 4.18 -5.12 -34.56
N LYS D 333 4.07 -6.36 -34.07
CA LYS D 333 4.64 -6.83 -32.77
C LYS D 333 6.15 -7.07 -32.93
N THR D 334 6.62 -7.38 -34.16
CA THR D 334 8.05 -7.66 -34.47
C THR D 334 8.49 -6.90 -35.71
N VAL D 335 9.81 -6.63 -35.81
CA VAL D 335 10.47 -6.03 -37.00
C VAL D 335 10.35 -7.00 -38.18
N GLU D 336 10.46 -8.31 -37.91
CA GLU D 336 10.43 -9.39 -38.94
C GLU D 336 9.09 -9.35 -39.69
N GLU D 337 7.97 -9.35 -38.96
CA GLU D 337 6.59 -9.29 -39.52
C GLU D 337 6.42 -8.01 -40.34
N PHE D 338 6.95 -6.88 -39.85
CA PHE D 338 6.87 -5.53 -40.48
C PHE D 338 7.53 -5.58 -41.86
N VAL D 339 8.79 -6.00 -41.92
CA VAL D 339 9.62 -6.05 -43.16
C VAL D 339 8.94 -6.97 -44.19
N ALA D 340 8.36 -8.09 -43.73
CA ALA D 340 7.70 -9.12 -44.57
C ALA D 340 6.38 -8.60 -45.16
N GLY D 341 5.61 -7.80 -44.41
CA GLY D 341 4.17 -7.60 -44.64
C GLY D 341 3.78 -6.17 -45.01
N ALA D 342 4.56 -5.17 -44.58
CA ALA D 342 4.17 -3.74 -44.55
C ALA D 342 3.82 -3.20 -45.95
N GLN D 343 4.73 -3.35 -46.92
CA GLN D 343 4.59 -2.72 -48.27
C GLN D 343 3.23 -3.11 -48.88
N LYS D 344 2.92 -4.40 -48.91
CA LYS D 344 1.64 -4.94 -49.46
C LYS D 344 0.46 -4.21 -48.81
N LYS D 345 0.52 -4.00 -47.49
CA LYS D 345 -0.62 -3.54 -46.63
C LYS D 345 -0.83 -2.02 -46.73
N PHE D 346 0.24 -1.20 -46.59
CA PHE D 346 0.11 0.26 -46.36
C PHE D 346 0.49 1.11 -47.58
N SER D 347 1.35 0.60 -48.49
CA SER D 347 1.73 1.29 -49.75
C SER D 347 0.50 1.94 -50.39
N LEU D 348 0.60 3.23 -50.72
CA LEU D 348 -0.50 3.99 -51.39
C LEU D 348 -0.58 3.57 -52.85
N VAL D 349 0.49 2.99 -53.40
CA VAL D 349 0.56 2.43 -54.78
C VAL D 349 -0.16 1.07 -54.79
N GLU D 350 0.32 0.12 -53.97
CA GLU D 350 -0.20 -1.28 -53.93
C GLU D 350 -1.72 -1.29 -53.71
N THR D 351 -2.18 -0.58 -52.68
CA THR D 351 -3.61 -0.46 -52.27
C THR D 351 -4.36 0.41 -53.27
N GLY D 352 -3.63 1.12 -54.16
CA GLY D 352 -4.20 1.79 -55.34
C GLY D 352 -4.88 3.09 -54.96
N ILE D 353 -4.55 3.64 -53.79
CA ILE D 353 -5.00 4.99 -53.31
C ILE D 353 -4.58 6.04 -54.35
N VAL D 354 -3.38 5.90 -54.89
CA VAL D 354 -2.74 6.86 -55.86
C VAL D 354 -3.54 6.90 -57.17
N ASP D 355 -4.35 5.87 -57.44
CA ASP D 355 -5.03 5.66 -58.74
C ASP D 355 -6.40 6.34 -58.72
N GLN D 356 -6.70 7.10 -57.68
CA GLN D 356 -7.85 8.04 -57.64
C GLN D 356 -7.31 9.45 -57.70
N PRO D 357 -8.10 10.43 -58.19
CA PRO D 357 -7.69 11.84 -58.17
C PRO D 357 -7.31 12.34 -56.77
N SER D 358 -6.66 13.49 -56.70
CA SER D 358 -6.20 14.15 -55.45
C SER D 358 -6.23 15.66 -55.61
N CYS D 359 -6.55 16.39 -54.52
CA CYS D 359 -6.40 17.86 -54.43
C CYS D 359 -4.96 18.22 -54.81
N ARG D 360 -4.66 19.51 -55.00
CA ARG D 360 -3.27 20.00 -55.25
C ARG D 360 -2.33 19.39 -54.20
N LEU D 361 -1.24 18.76 -54.66
CA LEU D 361 -0.26 18.05 -53.80
C LEU D 361 1.16 18.50 -54.15
N LEU D 362 1.83 19.19 -53.21
CA LEU D 362 3.25 19.62 -53.29
C LEU D 362 4.13 18.61 -52.52
N LEU D 363 5.16 18.10 -53.19
CA LEU D 363 6.12 17.09 -52.68
C LEU D 363 7.48 17.76 -52.48
N LEU D 364 7.98 17.85 -51.25
CA LEU D 364 9.29 18.48 -50.92
C LEU D 364 10.21 17.44 -50.26
N ASN D 365 11.45 17.32 -50.76
CA ASN D 365 12.43 16.35 -50.23
C ASN D 365 13.85 16.63 -50.77
N GLY D 366 14.85 16.24 -49.99
CA GLY D 366 16.24 16.07 -50.48
C GLY D 366 16.33 14.85 -51.38
N VAL D 367 17.06 14.97 -52.49
CA VAL D 367 17.18 13.94 -53.57
C VAL D 367 17.96 12.74 -53.02
N ASP D 368 18.89 12.98 -52.08
CA ASP D 368 19.77 11.93 -51.50
C ASP D 368 19.22 11.51 -50.14
N ASP D 369 17.89 11.49 -50.01
CA ASP D 369 17.18 11.00 -48.80
C ASP D 369 17.49 9.51 -48.62
N GLY D 370 18.02 9.13 -47.46
CA GLY D 370 18.38 7.74 -47.11
C GLY D 370 17.42 7.14 -46.11
N VAL D 371 16.37 7.88 -45.72
CA VAL D 371 15.32 7.43 -44.75
C VAL D 371 14.10 6.97 -45.55
N VAL D 372 13.61 7.79 -46.49
CA VAL D 372 12.59 7.40 -47.52
C VAL D 372 13.18 7.72 -48.88
N PRO D 373 12.99 6.83 -49.90
CA PRO D 373 13.62 7.03 -51.20
C PRO D 373 12.92 8.17 -51.93
N ILE D 374 13.68 9.00 -52.65
CA ILE D 374 13.11 10.12 -53.48
C ILE D 374 12.18 9.51 -54.54
N GLU D 375 12.40 8.26 -54.92
CA GLU D 375 11.49 7.49 -55.82
C GLU D 375 10.05 7.59 -55.30
N ASP D 376 9.83 7.65 -53.99
CA ASP D 376 8.48 7.71 -53.36
C ASP D 376 7.80 9.06 -53.67
N CYS D 377 8.57 10.09 -54.04
CA CYS D 377 8.01 11.35 -54.62
C CYS D 377 7.79 11.19 -56.13
N LEU D 378 8.75 10.59 -56.85
CA LEU D 378 8.76 10.50 -58.33
C LEU D 378 7.64 9.55 -58.81
N VAL D 379 7.31 8.52 -58.03
CA VAL D 379 6.28 7.48 -58.39
C VAL D 379 4.93 8.19 -58.56
N LEU D 380 4.64 9.19 -57.72
CA LEU D 380 3.32 9.88 -57.63
C LEU D 380 2.96 10.63 -58.93
N PHE D 381 3.95 11.02 -59.75
CA PHE D 381 3.73 11.67 -61.06
C PHE D 381 3.18 10.66 -62.08
N GLU D 382 3.21 9.36 -61.79
CA GLU D 382 2.81 8.28 -62.74
C GLU D 382 1.44 7.71 -62.38
N HIS D 383 0.69 8.37 -61.48
CA HIS D 383 -0.68 7.99 -61.05
C HIS D 383 -1.55 9.24 -60.90
N GLY D 384 -2.87 9.05 -60.96
CA GLY D 384 -3.90 10.02 -60.57
C GLY D 384 -3.72 11.39 -61.20
N SER D 385 -3.97 12.45 -60.43
CA SER D 385 -3.87 13.87 -60.87
C SER D 385 -2.40 14.27 -60.97
N PRO D 386 -2.08 15.32 -61.77
CA PRO D 386 -0.73 15.89 -61.74
C PRO D 386 -0.37 16.31 -60.32
N LYS D 387 0.90 16.13 -59.95
CA LYS D 387 1.48 16.54 -58.65
C LYS D 387 2.48 17.66 -58.91
N GLU D 388 2.89 18.38 -57.86
CA GLU D 388 3.88 19.48 -57.92
C GLU D 388 4.98 19.14 -56.92
N GLY D 389 6.22 19.55 -57.19
CA GLY D 389 7.38 19.06 -56.44
C GLY D 389 8.58 19.98 -56.50
N ARG D 390 9.45 19.88 -55.51
CA ARG D 390 10.81 20.49 -55.51
C ARG D 390 11.72 19.54 -54.74
N PHE D 391 12.69 18.93 -55.44
CA PHE D 391 13.64 17.93 -54.93
C PHE D 391 15.04 18.54 -54.97
N TYR D 392 15.72 18.55 -53.83
CA TYR D 392 16.96 19.33 -53.59
C TYR D 392 18.18 18.42 -53.78
N LYS D 393 19.00 18.75 -54.79
CA LYS D 393 20.23 18.00 -55.16
C LYS D 393 21.11 17.79 -53.92
N GLY D 394 21.58 16.55 -53.70
CA GLY D 394 22.61 16.20 -52.71
C GLY D 394 22.18 16.46 -51.27
N LEU D 395 20.88 16.62 -51.01
CA LEU D 395 20.35 16.86 -49.64
C LEU D 395 19.71 15.57 -49.13
N PRO D 396 19.86 15.27 -47.83
CA PRO D 396 19.23 14.11 -47.20
C PRO D 396 17.81 14.41 -46.72
N HIS D 397 17.24 13.51 -45.91
CA HIS D 397 15.81 13.49 -45.47
C HIS D 397 15.32 14.91 -45.14
N MET D 398 14.20 15.31 -45.77
CA MET D 398 13.43 16.58 -45.57
C MET D 398 14.02 17.72 -46.42
N GLY D 399 15.32 17.66 -46.74
CA GLY D 399 16.01 18.70 -47.53
C GLY D 399 16.06 20.04 -46.82
N TYR D 400 16.08 20.05 -45.47
CA TYR D 400 16.18 21.27 -44.64
C TYR D 400 17.57 21.90 -44.81
N PRO D 401 17.73 23.23 -44.66
CA PRO D 401 16.60 24.15 -44.44
C PRO D 401 15.93 24.69 -45.72
N ASN D 402 16.44 24.30 -46.90
CA ASN D 402 16.08 24.87 -48.23
C ASN D 402 14.57 24.72 -48.48
N SER D 403 13.96 23.62 -48.04
CA SER D 403 12.59 23.19 -48.41
C SER D 403 11.52 23.94 -47.59
N LEU D 404 11.92 24.81 -46.65
CA LEU D 404 10.97 25.49 -45.72
C LEU D 404 10.37 26.74 -46.37
N PRO D 405 11.15 27.68 -46.95
CA PRO D 405 10.57 28.90 -47.52
C PRO D 405 9.50 28.64 -48.61
N VAL D 406 9.78 27.70 -49.51
CA VAL D 406 8.88 27.31 -50.64
C VAL D 406 7.50 26.93 -50.11
N SER D 407 7.43 26.21 -48.98
CA SER D 407 6.16 25.74 -48.34
C SER D 407 5.23 26.94 -48.16
N TYR D 408 5.74 28.07 -47.65
CA TYR D 408 4.94 29.26 -47.28
C TYR D 408 4.52 30.01 -48.55
N GLU D 409 5.37 30.03 -49.59
CA GLU D 409 5.08 30.62 -50.92
C GLU D 409 3.91 29.87 -51.57
N TRP D 410 3.92 28.55 -51.46
CA TRP D 410 2.86 27.63 -51.99
C TRP D 410 1.55 27.89 -51.25
N LEU D 411 1.60 27.94 -49.90
CA LEU D 411 0.40 28.12 -49.05
C LEU D 411 -0.29 29.44 -49.39
N GLU D 412 0.48 30.50 -49.66
CA GLU D 412 -0.05 31.83 -50.08
C GLU D 412 -0.81 31.68 -51.40
N GLN D 413 -0.22 30.98 -52.37
CA GLN D 413 -0.81 30.80 -53.73
CA GLN D 413 -0.81 30.80 -53.73
C GLN D 413 -2.11 30.00 -53.61
N VAL D 414 -2.12 28.93 -52.82
CA VAL D 414 -3.28 28.00 -52.67
C VAL D 414 -4.40 28.68 -51.84
N LEU D 415 -4.06 29.42 -50.79
CA LEU D 415 -5.06 30.02 -49.86
C LEU D 415 -5.40 31.46 -50.28
N ALA D 416 -4.93 31.91 -51.45
CA ALA D 416 -5.07 33.30 -51.96
C ALA D 416 -6.55 33.73 -51.92
N SER D 417 -6.81 34.97 -51.49
CA SER D 417 -8.15 35.62 -51.46
C SER D 417 -8.26 36.60 -52.62
C PMS E . -16.68 -8.62 -12.46
S PMS E . -17.06 -8.09 -10.79
C1 PMS E . -15.87 -7.61 -13.23
C2 PMS E . -16.37 -6.35 -13.48
C3 PMS E . -15.63 -5.43 -14.20
C4 PMS E . -14.39 -5.77 -14.68
C5 PMS E . -13.88 -7.02 -14.43
C6 PMS E . -14.61 -7.94 -13.70
O2S PMS E . -17.91 -6.95 -10.83
O1S PMS E . -17.46 -9.24 -10.10
C PMS F . 11.92 13.92 13.41
S PMS F . 11.50 14.34 11.71
C1 PMS F . 12.05 12.49 13.87
C2 PMS F . 13.18 11.74 13.55
C3 PMS F . 13.30 10.43 13.99
C4 PMS F . 12.32 9.88 14.78
C5 PMS F . 11.21 10.61 15.12
C6 PMS F . 11.08 11.92 14.66
O2S PMS F . 12.67 14.67 11.00
O1S PMS F . 10.50 15.34 11.81
C PMS G . -6.18 -18.33 37.82
S PMS G . -4.66 -17.61 38.52
C1 PMS G . -7.29 -17.31 37.82
C2 PMS G . -8.38 -17.46 38.66
C3 PMS G . -9.40 -16.52 38.66
C4 PMS G . -9.34 -15.44 37.83
C5 PMS G . -8.26 -15.27 36.98
C6 PMS G . -7.25 -16.22 36.98
O2S PMS G . -3.63 -18.57 38.38
O1S PMS G . -4.55 -16.30 38.02
C PMS H . 11.71 12.97 -38.87
S PMS H . 10.78 11.73 -39.80
C1 PMS H . 11.13 14.36 -38.98
C2 PMS H . 11.72 15.32 -39.78
C3 PMS H . 11.19 16.59 -39.87
C4 PMS H . 10.05 16.93 -39.17
C5 PMS H . 9.45 15.98 -38.38
C6 PMS H . 9.99 14.71 -38.27
O2S PMS H . 11.70 10.76 -40.26
O1S PMS H . 9.65 11.39 -39.02
#